data_4E61
# 
_entry.id   4E61 
# 
_audit_conform.dict_name       mmcif_pdbx.dic 
_audit_conform.dict_version    5.389 
_audit_conform.dict_location   http://mmcif.pdb.org/dictionaries/ascii/mmcif_pdbx.dic 
# 
loop_
_database_2.database_id 
_database_2.database_code 
_database_2.pdbx_database_accession 
_database_2.pdbx_DOI 
PDB   4E61         pdb_00004e61 10.2210/pdb4e61/pdb 
RCSB  RCSB071213   ?            ?                   
WWPDB D_1000071213 ?            ?                   
# 
loop_
_pdbx_audit_revision_history.ordinal 
_pdbx_audit_revision_history.data_content_type 
_pdbx_audit_revision_history.major_revision 
_pdbx_audit_revision_history.minor_revision 
_pdbx_audit_revision_history.revision_date 
1 'Structure model' 1 0 2012-04-11 
2 'Structure model' 1 1 2012-06-13 
3 'Structure model' 1 2 2017-11-15 
4 'Structure model' 1 3 2024-02-28 
5 'Structure model' 1 4 2024-04-03 
# 
_pdbx_audit_revision_details.ordinal             1 
_pdbx_audit_revision_details.revision_ordinal    1 
_pdbx_audit_revision_details.data_content_type   'Structure model' 
_pdbx_audit_revision_details.provider            repository 
_pdbx_audit_revision_details.type                'Initial release' 
_pdbx_audit_revision_details.description         ? 
_pdbx_audit_revision_details.details             ? 
# 
loop_
_pdbx_audit_revision_group.ordinal 
_pdbx_audit_revision_group.revision_ordinal 
_pdbx_audit_revision_group.data_content_type 
_pdbx_audit_revision_group.group 
1 2 'Structure model' 'Database references'    
2 3 'Structure model' 'Refinement description' 
3 4 'Structure model' 'Data collection'        
4 4 'Structure model' 'Database references'    
5 5 'Structure model' 'Refinement description' 
# 
loop_
_pdbx_audit_revision_category.ordinal 
_pdbx_audit_revision_category.revision_ordinal 
_pdbx_audit_revision_category.data_content_type 
_pdbx_audit_revision_category.category 
1 3 'Structure model' software                      
2 4 'Structure model' chem_comp_atom                
3 4 'Structure model' chem_comp_bond                
4 4 'Structure model' database_2                    
5 4 'Structure model' struct_ref_seq_dif            
6 5 'Structure model' pdbx_initial_refinement_model 
# 
loop_
_pdbx_audit_revision_item.ordinal 
_pdbx_audit_revision_item.revision_ordinal 
_pdbx_audit_revision_item.data_content_type 
_pdbx_audit_revision_item.item 
1 4 'Structure model' '_database_2.pdbx_DOI'                
2 4 'Structure model' '_database_2.pdbx_database_accession' 
3 4 'Structure model' '_struct_ref_seq_dif.details'         
# 
_pdbx_database_status.status_code                     REL 
_pdbx_database_status.entry_id                        4E61 
_pdbx_database_status.recvd_initial_deposition_date   2012-03-15 
_pdbx_database_status.deposit_site                    RCSB 
_pdbx_database_status.process_site                    RCSB 
_pdbx_database_status.status_code_sf                  REL 
_pdbx_database_status.status_code_mr                  ? 
_pdbx_database_status.SG_entry                        ? 
_pdbx_database_status.status_code_cs                  ? 
_pdbx_database_status.methods_development_category    ? 
_pdbx_database_status.pdb_format_compatible           Y 
_pdbx_database_status.status_code_nmr_data            ? 
# 
loop_
_audit_author.name 
_audit_author.pdbx_ordinal 
'Huels, D.'     1 
'Storchova, Z.' 2 
'Niessing, D.'  3 
# 
_citation.id                        primary 
_citation.title                     
'Post-translational Modifications Regulate Assembly of Early Spindle Orientation Complex in Yeast.' 
_citation.journal_abbrev            J.Biol.Chem. 
_citation.journal_volume            287 
_citation.page_first                16238 
_citation.page_last                 16245 
_citation.year                      2012 
_citation.journal_id_ASTM           JBCHA3 
_citation.country                   US 
_citation.journal_id_ISSN           0021-9258 
_citation.journal_id_CSD            0071 
_citation.book_publisher            ? 
_citation.pdbx_database_id_PubMed   22461628 
_citation.pdbx_database_id_DOI      10.1074/jbc.M112.347872 
# 
loop_
_citation_author.citation_id 
_citation_author.name 
_citation_author.ordinal 
_citation_author.identifier_ORCID 
primary 'Huls, D.'      1 ? 
primary 'Storchova, Z.' 2 ? 
primary 'Niessing, D.'  3 ? 
# 
_entity.id                         1 
_entity.type                       polymer 
_entity.src_method                 man 
_entity.pdbx_description           'Protein BIM1' 
_entity.formula_weight             11808.162 
_entity.pdbx_number_of_molecules   2 
_entity.pdbx_ec                    ? 
_entity.pdbx_mutation              ? 
_entity.pdbx_fragment              'C-terminal domain, EB1-like motif (UNP residues 182-282)' 
_entity.details                    ? 
# 
_entity_poly.entity_id                      1 
_entity_poly.type                           'polypeptide(L)' 
_entity_poly.nstd_linkage                   no 
_entity_poly.nstd_monomer                   no 
_entity_poly.pdbx_seq_one_letter_code       
;GPLGSLVAIQAELTKSQETIGSLNEEIEQYKGTVSTLEIEREFYFNKLRDIEILVHTTQDLINEGVYKFNDETITGHGNG
NGGALLRFVKKVESILYATAEGFEMN
;
_entity_poly.pdbx_seq_one_letter_code_can   
;GPLGSLVAIQAELTKSQETIGSLNEEIEQYKGTVSTLEIEREFYFNKLRDIEILVHTTQDLINEGVYKFNDETITGHGNG
NGGALLRFVKKVESILYATAEGFEMN
;
_entity_poly.pdbx_strand_id                 A,B 
_entity_poly.pdbx_target_identifier         ? 
# 
loop_
_entity_poly_seq.entity_id 
_entity_poly_seq.num 
_entity_poly_seq.mon_id 
_entity_poly_seq.hetero 
1 1   GLY n 
1 2   PRO n 
1 3   LEU n 
1 4   GLY n 
1 5   SER n 
1 6   LEU n 
1 7   VAL n 
1 8   ALA n 
1 9   ILE n 
1 10  GLN n 
1 11  ALA n 
1 12  GLU n 
1 13  LEU n 
1 14  THR n 
1 15  LYS n 
1 16  SER n 
1 17  GLN n 
1 18  GLU n 
1 19  THR n 
1 20  ILE n 
1 21  GLY n 
1 22  SER n 
1 23  LEU n 
1 24  ASN n 
1 25  GLU n 
1 26  GLU n 
1 27  ILE n 
1 28  GLU n 
1 29  GLN n 
1 30  TYR n 
1 31  LYS n 
1 32  GLY n 
1 33  THR n 
1 34  VAL n 
1 35  SER n 
1 36  THR n 
1 37  LEU n 
1 38  GLU n 
1 39  ILE n 
1 40  GLU n 
1 41  ARG n 
1 42  GLU n 
1 43  PHE n 
1 44  TYR n 
1 45  PHE n 
1 46  ASN n 
1 47  LYS n 
1 48  LEU n 
1 49  ARG n 
1 50  ASP n 
1 51  ILE n 
1 52  GLU n 
1 53  ILE n 
1 54  LEU n 
1 55  VAL n 
1 56  HIS n 
1 57  THR n 
1 58  THR n 
1 59  GLN n 
1 60  ASP n 
1 61  LEU n 
1 62  ILE n 
1 63  ASN n 
1 64  GLU n 
1 65  GLY n 
1 66  VAL n 
1 67  TYR n 
1 68  LYS n 
1 69  PHE n 
1 70  ASN n 
1 71  ASP n 
1 72  GLU n 
1 73  THR n 
1 74  ILE n 
1 75  THR n 
1 76  GLY n 
1 77  HIS n 
1 78  GLY n 
1 79  ASN n 
1 80  GLY n 
1 81  ASN n 
1 82  GLY n 
1 83  GLY n 
1 84  ALA n 
1 85  LEU n 
1 86  LEU n 
1 87  ARG n 
1 88  PHE n 
1 89  VAL n 
1 90  LYS n 
1 91  LYS n 
1 92  VAL n 
1 93  GLU n 
1 94  SER n 
1 95  ILE n 
1 96  LEU n 
1 97  TYR n 
1 98  ALA n 
1 99  THR n 
1 100 ALA n 
1 101 GLU n 
1 102 GLY n 
1 103 PHE n 
1 104 GLU n 
1 105 MET n 
1 106 ASN n 
# 
_entity_src_gen.entity_id                          1 
_entity_src_gen.pdbx_src_id                        1 
_entity_src_gen.pdbx_alt_source_flag               sample 
_entity_src_gen.pdbx_seq_type                      ? 
_entity_src_gen.pdbx_beg_seq_num                   ? 
_entity_src_gen.pdbx_end_seq_num                   ? 
_entity_src_gen.gene_src_common_name               
;Baker's yeast
;
_entity_src_gen.gene_src_genus                     ? 
_entity_src_gen.pdbx_gene_src_gene                 'BIM1, YER016W' 
_entity_src_gen.gene_src_species                   ? 
_entity_src_gen.gene_src_strain                    'BY4741 Mata' 
_entity_src_gen.gene_src_tissue                    ? 
_entity_src_gen.gene_src_tissue_fraction           ? 
_entity_src_gen.gene_src_details                   'Sequence GPLGS at the N-terminus is derived from expression vector' 
_entity_src_gen.pdbx_gene_src_fragment             ? 
_entity_src_gen.pdbx_gene_src_scientific_name      'Saccharomyces cerevisiae' 
_entity_src_gen.pdbx_gene_src_ncbi_taxonomy_id     4932 
_entity_src_gen.pdbx_gene_src_variant              ? 
_entity_src_gen.pdbx_gene_src_cell_line            ? 
_entity_src_gen.pdbx_gene_src_atcc                 ? 
_entity_src_gen.pdbx_gene_src_organ                ? 
_entity_src_gen.pdbx_gene_src_organelle            ? 
_entity_src_gen.pdbx_gene_src_cell                 ? 
_entity_src_gen.pdbx_gene_src_cellular_location    ? 
_entity_src_gen.host_org_common_name               ? 
_entity_src_gen.pdbx_host_org_scientific_name      'Escherichia coli' 
_entity_src_gen.pdbx_host_org_ncbi_taxonomy_id     562 
_entity_src_gen.host_org_genus                     ? 
_entity_src_gen.pdbx_host_org_gene                 ? 
_entity_src_gen.pdbx_host_org_organ                ? 
_entity_src_gen.host_org_species                   ? 
_entity_src_gen.pdbx_host_org_tissue               ? 
_entity_src_gen.pdbx_host_org_tissue_fraction      ? 
_entity_src_gen.pdbx_host_org_strain               'BL21 (DE3)' 
_entity_src_gen.pdbx_host_org_variant              ? 
_entity_src_gen.pdbx_host_org_cell_line            ? 
_entity_src_gen.pdbx_host_org_atcc                 ? 
_entity_src_gen.pdbx_host_org_culture_collection   ? 
_entity_src_gen.pdbx_host_org_cell                 ? 
_entity_src_gen.pdbx_host_org_organelle            ? 
_entity_src_gen.pdbx_host_org_cellular_location    ? 
_entity_src_gen.pdbx_host_org_vector_type          pGEX-6P-1 
_entity_src_gen.pdbx_host_org_vector               ? 
_entity_src_gen.host_org_details                   ? 
_entity_src_gen.expression_system_id               ? 
_entity_src_gen.plasmid_name                       ? 
_entity_src_gen.plasmid_details                    ? 
_entity_src_gen.pdbx_description                   ? 
# 
loop_
_chem_comp.id 
_chem_comp.type 
_chem_comp.mon_nstd_flag 
_chem_comp.name 
_chem_comp.pdbx_synonyms 
_chem_comp.formula 
_chem_comp.formula_weight 
ALA 'L-peptide linking' y ALANINE         ? 'C3 H7 N O2'     89.093  
ARG 'L-peptide linking' y ARGININE        ? 'C6 H15 N4 O2 1' 175.209 
ASN 'L-peptide linking' y ASPARAGINE      ? 'C4 H8 N2 O3'    132.118 
ASP 'L-peptide linking' y 'ASPARTIC ACID' ? 'C4 H7 N O4'     133.103 
GLN 'L-peptide linking' y GLUTAMINE       ? 'C5 H10 N2 O3'   146.144 
GLU 'L-peptide linking' y 'GLUTAMIC ACID' ? 'C5 H9 N O4'     147.129 
GLY 'peptide linking'   y GLYCINE         ? 'C2 H5 N O2'     75.067  
HIS 'L-peptide linking' y HISTIDINE       ? 'C6 H10 N3 O2 1' 156.162 
ILE 'L-peptide linking' y ISOLEUCINE      ? 'C6 H13 N O2'    131.173 
LEU 'L-peptide linking' y LEUCINE         ? 'C6 H13 N O2'    131.173 
LYS 'L-peptide linking' y LYSINE          ? 'C6 H15 N2 O2 1' 147.195 
MET 'L-peptide linking' y METHIONINE      ? 'C5 H11 N O2 S'  149.211 
PHE 'L-peptide linking' y PHENYLALANINE   ? 'C9 H11 N O2'    165.189 
PRO 'L-peptide linking' y PROLINE         ? 'C5 H9 N O2'     115.130 
SER 'L-peptide linking' y SERINE          ? 'C3 H7 N O3'     105.093 
THR 'L-peptide linking' y THREONINE       ? 'C4 H9 N O3'     119.119 
TYR 'L-peptide linking' y TYROSINE        ? 'C9 H11 N O3'    181.189 
VAL 'L-peptide linking' y VALINE          ? 'C5 H11 N O2'    117.146 
# 
loop_
_pdbx_poly_seq_scheme.asym_id 
_pdbx_poly_seq_scheme.entity_id 
_pdbx_poly_seq_scheme.seq_id 
_pdbx_poly_seq_scheme.mon_id 
_pdbx_poly_seq_scheme.ndb_seq_num 
_pdbx_poly_seq_scheme.pdb_seq_num 
_pdbx_poly_seq_scheme.auth_seq_num 
_pdbx_poly_seq_scheme.pdb_mon_id 
_pdbx_poly_seq_scheme.auth_mon_id 
_pdbx_poly_seq_scheme.pdb_strand_id 
_pdbx_poly_seq_scheme.pdb_ins_code 
_pdbx_poly_seq_scheme.hetero 
A 1 1   GLY 1   1   1   GLY GLY A . n 
A 1 2   PRO 2   2   2   PRO PRO A . n 
A 1 3   LEU 3   3   3   LEU LEU A . n 
A 1 4   GLY 4   4   4   GLY GLY A . n 
A 1 5   SER 5   5   5   SER SER A . n 
A 1 6   LEU 6   6   6   LEU LEU A . n 
A 1 7   VAL 7   7   7   VAL VAL A . n 
A 1 8   ALA 8   8   8   ALA ALA A . n 
A 1 9   ILE 9   9   9   ILE ILE A . n 
A 1 10  GLN 10  10  10  GLN GLN A . n 
A 1 11  ALA 11  11  11  ALA ALA A . n 
A 1 12  GLU 12  12  12  GLU GLU A . n 
A 1 13  LEU 13  13  13  LEU LEU A . n 
A 1 14  THR 14  14  14  THR THR A . n 
A 1 15  LYS 15  15  15  LYS LYS A . n 
A 1 16  SER 16  16  16  SER SER A . n 
A 1 17  GLN 17  17  17  GLN GLN A . n 
A 1 18  GLU 18  18  18  GLU GLU A . n 
A 1 19  THR 19  19  19  THR THR A . n 
A 1 20  ILE 20  20  20  ILE ILE A . n 
A 1 21  GLY 21  21  21  GLY GLY A . n 
A 1 22  SER 22  22  22  SER SER A . n 
A 1 23  LEU 23  23  23  LEU LEU A . n 
A 1 24  ASN 24  24  24  ASN ASN A . n 
A 1 25  GLU 25  25  25  GLU GLU A . n 
A 1 26  GLU 26  26  26  GLU GLU A . n 
A 1 27  ILE 27  27  27  ILE ILE A . n 
A 1 28  GLU 28  28  28  GLU GLU A . n 
A 1 29  GLN 29  29  29  GLN GLN A . n 
A 1 30  TYR 30  30  30  TYR TYR A . n 
A 1 31  LYS 31  31  31  LYS LYS A . n 
A 1 32  GLY 32  32  32  GLY GLY A . n 
A 1 33  THR 33  33  33  THR THR A . n 
A 1 34  VAL 34  34  34  VAL VAL A . n 
A 1 35  SER 35  35  35  SER SER A . n 
A 1 36  THR 36  36  36  THR THR A . n 
A 1 37  LEU 37  37  37  LEU LEU A . n 
A 1 38  GLU 38  38  38  GLU GLU A . n 
A 1 39  ILE 39  39  39  ILE ILE A . n 
A 1 40  GLU 40  40  40  GLU GLU A . n 
A 1 41  ARG 41  41  41  ARG ARG A . n 
A 1 42  GLU 42  42  42  GLU GLU A . n 
A 1 43  PHE 43  43  43  PHE PHE A . n 
A 1 44  TYR 44  44  44  TYR TYR A . n 
A 1 45  PHE 45  45  45  PHE PHE A . n 
A 1 46  ASN 46  46  46  ASN ASN A . n 
A 1 47  LYS 47  47  47  LYS LYS A . n 
A 1 48  LEU 48  48  48  LEU LEU A . n 
A 1 49  ARG 49  49  49  ARG ARG A . n 
A 1 50  ASP 50  50  50  ASP ASP A . n 
A 1 51  ILE 51  51  51  ILE ILE A . n 
A 1 52  GLU 52  52  52  GLU GLU A . n 
A 1 53  ILE 53  53  53  ILE ILE A . n 
A 1 54  LEU 54  54  54  LEU LEU A . n 
A 1 55  VAL 55  55  55  VAL VAL A . n 
A 1 56  HIS 56  56  56  HIS HIS A . n 
A 1 57  THR 57  57  57  THR THR A . n 
A 1 58  THR 58  58  58  THR THR A . n 
A 1 59  GLN 59  59  59  GLN GLN A . n 
A 1 60  ASP 60  60  60  ASP ASP A . n 
A 1 61  LEU 61  61  61  LEU LEU A . n 
A 1 62  ILE 62  62  62  ILE ILE A . n 
A 1 63  ASN 63  63  63  ASN ASN A . n 
A 1 64  GLU 64  64  64  GLU GLU A . n 
A 1 65  GLY 65  65  65  GLY GLY A . n 
A 1 66  VAL 66  66  66  VAL VAL A . n 
A 1 67  TYR 67  67  67  TYR TYR A . n 
A 1 68  LYS 68  68  68  LYS ALA A . n 
A 1 69  PHE 69  69  ?   ?   ?   A . n 
A 1 70  ASN 70  70  ?   ?   ?   A . n 
A 1 71  ASP 71  71  ?   ?   ?   A . n 
A 1 72  GLU 72  72  ?   ?   ?   A . n 
A 1 73  THR 73  73  ?   ?   ?   A . n 
A 1 74  ILE 74  74  ?   ?   ?   A . n 
A 1 75  THR 75  75  ?   ?   ?   A . n 
A 1 76  GLY 76  76  ?   ?   ?   A . n 
A 1 77  HIS 77  77  ?   ?   ?   A . n 
A 1 78  GLY 78  78  ?   ?   ?   A . n 
A 1 79  ASN 79  79  ?   ?   ?   A . n 
A 1 80  GLY 80  80  ?   ?   ?   A . n 
A 1 81  ASN 81  81  ?   ?   ?   A . n 
A 1 82  GLY 82  82  ?   ?   ?   A . n 
A 1 83  GLY 83  83  83  GLY GLY A . n 
A 1 84  ALA 84  84  84  ALA ALA A . n 
A 1 85  LEU 85  85  85  LEU LEU A . n 
A 1 86  LEU 86  86  86  LEU LEU A . n 
A 1 87  ARG 87  87  87  ARG ARG A . n 
A 1 88  PHE 88  88  88  PHE PHE A . n 
A 1 89  VAL 89  89  89  VAL VAL A . n 
A 1 90  LYS 90  90  90  LYS LYS A . n 
A 1 91  LYS 91  91  91  LYS LYS A . n 
A 1 92  VAL 92  92  92  VAL VAL A . n 
A 1 93  GLU 93  93  93  GLU GLU A . n 
A 1 94  SER 94  94  94  SER SER A . n 
A 1 95  ILE 95  95  95  ILE ILE A . n 
A 1 96  LEU 96  96  96  LEU LEU A . n 
A 1 97  TYR 97  97  97  TYR TYR A . n 
A 1 98  ALA 98  98  98  ALA ALA A . n 
A 1 99  THR 99  99  99  THR THR A . n 
A 1 100 ALA 100 100 100 ALA ALA A . n 
A 1 101 GLU 101 101 101 GLU GLU A . n 
A 1 102 GLY 102 102 102 GLY GLY A . n 
A 1 103 PHE 103 103 103 PHE PHE A . n 
A 1 104 GLU 104 104 104 GLU ALA A . n 
A 1 105 MET 105 105 105 MET ALA A . n 
A 1 106 ASN 106 106 ?   ?   ?   A . n 
B 1 1   GLY 1   1   1   GLY GLY B . n 
B 1 2   PRO 2   2   2   PRO PRO B . n 
B 1 3   LEU 3   3   3   LEU LEU B . n 
B 1 4   GLY 4   4   4   GLY GLY B . n 
B 1 5   SER 5   5   5   SER SER B . n 
B 1 6   LEU 6   6   6   LEU LEU B . n 
B 1 7   VAL 7   7   7   VAL VAL B . n 
B 1 8   ALA 8   8   8   ALA ALA B . n 
B 1 9   ILE 9   9   9   ILE ILE B . n 
B 1 10  GLN 10  10  10  GLN GLN B . n 
B 1 11  ALA 11  11  11  ALA ALA B . n 
B 1 12  GLU 12  12  12  GLU GLU B . n 
B 1 13  LEU 13  13  13  LEU LEU B . n 
B 1 14  THR 14  14  14  THR THR B . n 
B 1 15  LYS 15  15  15  LYS LYS B . n 
B 1 16  SER 16  16  16  SER SER B . n 
B 1 17  GLN 17  17  17  GLN GLN B . n 
B 1 18  GLU 18  18  18  GLU GLU B . n 
B 1 19  THR 19  19  19  THR THR B . n 
B 1 20  ILE 20  20  20  ILE ILE B . n 
B 1 21  GLY 21  21  21  GLY GLY B . n 
B 1 22  SER 22  22  22  SER SER B . n 
B 1 23  LEU 23  23  23  LEU LEU B . n 
B 1 24  ASN 24  24  24  ASN ASN B . n 
B 1 25  GLU 25  25  25  GLU GLU B . n 
B 1 26  GLU 26  26  26  GLU GLU B . n 
B 1 27  ILE 27  27  27  ILE ILE B . n 
B 1 28  GLU 28  28  28  GLU GLU B . n 
B 1 29  GLN 29  29  29  GLN GLN B . n 
B 1 30  TYR 30  30  30  TYR TYR B . n 
B 1 31  LYS 31  31  31  LYS LYS B . n 
B 1 32  GLY 32  32  32  GLY GLY B . n 
B 1 33  THR 33  33  33  THR THR B . n 
B 1 34  VAL 34  34  34  VAL VAL B . n 
B 1 35  SER 35  35  35  SER SER B . n 
B 1 36  THR 36  36  36  THR THR B . n 
B 1 37  LEU 37  37  37  LEU LEU B . n 
B 1 38  GLU 38  38  38  GLU GLU B . n 
B 1 39  ILE 39  39  39  ILE ILE B . n 
B 1 40  GLU 40  40  40  GLU GLU B . n 
B 1 41  ARG 41  41  41  ARG ARG B . n 
B 1 42  GLU 42  42  42  GLU GLU B . n 
B 1 43  PHE 43  43  43  PHE PHE B . n 
B 1 44  TYR 44  44  44  TYR TYR B . n 
B 1 45  PHE 45  45  45  PHE PHE B . n 
B 1 46  ASN 46  46  46  ASN ASN B . n 
B 1 47  LYS 47  47  47  LYS LYS B . n 
B 1 48  LEU 48  48  48  LEU LEU B . n 
B 1 49  ARG 49  49  49  ARG ARG B . n 
B 1 50  ASP 50  50  50  ASP ASP B . n 
B 1 51  ILE 51  51  51  ILE ILE B . n 
B 1 52  GLU 52  52  52  GLU GLU B . n 
B 1 53  ILE 53  53  53  ILE ILE B . n 
B 1 54  LEU 54  54  54  LEU LEU B . n 
B 1 55  VAL 55  55  55  VAL VAL B . n 
B 1 56  HIS 56  56  56  HIS HIS B . n 
B 1 57  THR 57  57  57  THR THR B . n 
B 1 58  THR 58  58  58  THR THR B . n 
B 1 59  GLN 59  59  59  GLN GLN B . n 
B 1 60  ASP 60  60  60  ASP ASP B . n 
B 1 61  LEU 61  61  61  LEU LEU B . n 
B 1 62  ILE 62  62  62  ILE ILE B . n 
B 1 63  ASN 63  63  63  ASN ASN B . n 
B 1 64  GLU 64  64  64  GLU GLU B . n 
B 1 65  GLY 65  65  65  GLY GLY B . n 
B 1 66  VAL 66  66  ?   ?   ?   B . n 
B 1 67  TYR 67  67  ?   ?   ?   B . n 
B 1 68  LYS 68  68  ?   ?   ?   B . n 
B 1 69  PHE 69  69  ?   ?   ?   B . n 
B 1 70  ASN 70  70  ?   ?   ?   B . n 
B 1 71  ASP 71  71  ?   ?   ?   B . n 
B 1 72  GLU 72  72  ?   ?   ?   B . n 
B 1 73  THR 73  73  ?   ?   ?   B . n 
B 1 74  ILE 74  74  ?   ?   ?   B . n 
B 1 75  THR 75  75  ?   ?   ?   B . n 
B 1 76  GLY 76  76  ?   ?   ?   B . n 
B 1 77  HIS 77  77  ?   ?   ?   B . n 
B 1 78  GLY 78  78  ?   ?   ?   B . n 
B 1 79  ASN 79  79  ?   ?   ?   B . n 
B 1 80  GLY 80  80  ?   ?   ?   B . n 
B 1 81  ASN 81  81  ?   ?   ?   B . n 
B 1 82  GLY 82  82  82  GLY GLY B . n 
B 1 83  GLY 83  83  83  GLY GLY B . n 
B 1 84  ALA 84  84  84  ALA ALA B . n 
B 1 85  LEU 85  85  85  LEU LEU B . n 
B 1 86  LEU 86  86  86  LEU LEU B . n 
B 1 87  ARG 87  87  87  ARG ARG B . n 
B 1 88  PHE 88  88  88  PHE PHE B . n 
B 1 89  VAL 89  89  89  VAL VAL B . n 
B 1 90  LYS 90  90  90  LYS LYS B . n 
B 1 91  LYS 91  91  91  LYS LYS B . n 
B 1 92  VAL 92  92  92  VAL VAL B . n 
B 1 93  GLU 93  93  93  GLU GLU B . n 
B 1 94  SER 94  94  94  SER SER B . n 
B 1 95  ILE 95  95  95  ILE ILE B . n 
B 1 96  LEU 96  96  96  LEU LEU B . n 
B 1 97  TYR 97  97  97  TYR TYR B . n 
B 1 98  ALA 98  98  98  ALA ALA B . n 
B 1 99  THR 99  99  99  THR THR B . n 
B 1 100 ALA 100 100 100 ALA ALA B . n 
B 1 101 GLU 101 101 ?   ?   ?   B . n 
B 1 102 GLY 102 102 ?   ?   ?   B . n 
B 1 103 PHE 103 103 ?   ?   ?   B . n 
B 1 104 GLU 104 104 ?   ?   ?   B . n 
B 1 105 MET 105 105 ?   ?   ?   B . n 
B 1 106 ASN 106 106 ?   ?   ?   B . n 
# 
loop_
_pdbx_unobs_or_zero_occ_atoms.id 
_pdbx_unobs_or_zero_occ_atoms.PDB_model_num 
_pdbx_unobs_or_zero_occ_atoms.polymer_flag 
_pdbx_unobs_or_zero_occ_atoms.occupancy_flag 
_pdbx_unobs_or_zero_occ_atoms.auth_asym_id 
_pdbx_unobs_or_zero_occ_atoms.auth_comp_id 
_pdbx_unobs_or_zero_occ_atoms.auth_seq_id 
_pdbx_unobs_or_zero_occ_atoms.PDB_ins_code 
_pdbx_unobs_or_zero_occ_atoms.auth_atom_id 
_pdbx_unobs_or_zero_occ_atoms.label_alt_id 
_pdbx_unobs_or_zero_occ_atoms.label_asym_id 
_pdbx_unobs_or_zero_occ_atoms.label_comp_id 
_pdbx_unobs_or_zero_occ_atoms.label_seq_id 
_pdbx_unobs_or_zero_occ_atoms.label_atom_id 
1  1 Y 1 A GLU 42  ? CG  ? A GLU 42  CG  
2  1 Y 1 A GLU 42  ? CD  ? A GLU 42  CD  
3  1 Y 1 A GLU 42  ? OE1 ? A GLU 42  OE1 
4  1 Y 1 A GLU 42  ? OE2 ? A GLU 42  OE2 
5  1 Y 1 A LYS 68  ? CG  ? A LYS 68  CG  
6  1 Y 1 A LYS 68  ? CD  ? A LYS 68  CD  
7  1 Y 1 A LYS 68  ? CE  ? A LYS 68  CE  
8  1 Y 1 A LYS 68  ? NZ  ? A LYS 68  NZ  
9  1 Y 1 A GLU 104 ? CG  ? A GLU 104 CG  
10 1 Y 1 A GLU 104 ? CD  ? A GLU 104 CD  
11 1 Y 1 A GLU 104 ? OE1 ? A GLU 104 OE1 
12 1 Y 1 A GLU 104 ? OE2 ? A GLU 104 OE2 
13 1 Y 1 A MET 105 ? CG  ? A MET 105 CG  
14 1 Y 1 A MET 105 ? SD  ? A MET 105 SD  
15 1 Y 1 A MET 105 ? CE  ? A MET 105 CE  
16 1 Y 1 B LYS 15  ? CD  ? B LYS 15  CD  
17 1 Y 1 B LYS 15  ? CE  ? B LYS 15  CE  
18 1 Y 1 B LYS 15  ? NZ  ? B LYS 15  NZ  
# 
loop_
_software.name 
_software.classification 
_software.version 
_software.citation_id 
_software.pdbx_ordinal 
XCUBE      'data collection' .   ? 1 
SHELX      'model building'  C   ? 2 
SHELXD     phasing           .   ? 3 
SHELXE     'model building'  .   ? 4 
BUSTER-TNT refinement        2.X ? 5 
XDS        'data reduction'  .   ? 6 
XSCALE     'data scaling'    .   ? 7 
SHELX      phasing           C   ? 8 
# 
_cell.entry_id           4E61 
_cell.length_a           28.000 
_cell.length_b           42.500 
_cell.length_c           100.500 
_cell.angle_alpha        90.00 
_cell.angle_beta         90.30 
_cell.angle_gamma        90.00 
_cell.Z_PDB              4 
_cell.pdbx_unique_axis   ? 
_cell.length_a_esd       ? 
_cell.length_b_esd       ? 
_cell.length_c_esd       ? 
_cell.angle_alpha_esd    ? 
_cell.angle_beta_esd     ? 
_cell.angle_gamma_esd    ? 
# 
_symmetry.entry_id                         4E61 
_symmetry.space_group_name_H-M             'P 1 21 1' 
_symmetry.pdbx_full_space_group_name_H-M   ? 
_symmetry.cell_setting                     ? 
_symmetry.Int_Tables_number                4 
_symmetry.space_group_name_Hall            ? 
# 
_exptl.entry_id          4E61 
_exptl.method            'X-RAY DIFFRACTION' 
_exptl.crystals_number   1 
# 
_exptl_crystal.id                    1 
_exptl_crystal.density_meas          ? 
_exptl_crystal.density_Matthews      2.53 
_exptl_crystal.density_percent_sol   51.42 
_exptl_crystal.description           ? 
_exptl_crystal.F_000                 ? 
_exptl_crystal.preparation           ? 
# 
_exptl_crystal_grow.crystal_id      1 
_exptl_crystal_grow.method          'VAPOR DIFFUSION, HANGING DROP' 
_exptl_crystal_grow.temp            294.15 
_exptl_crystal_grow.temp_details    ? 
_exptl_crystal_grow.pH              8.0 
_exptl_crystal_grow.pdbx_details    
'0.1M Bis-Tris pH 8.0, 20% PEG 5000MME, 40% gamma-butyrlactone, VAPOR DIFFUSION, HANGING DROP, temperature 294.15K' 
_exptl_crystal_grow.pdbx_pH_range   ? 
# 
_diffrn.id                     1 
_diffrn.ambient_temp           100 
_diffrn.ambient_temp_details   ? 
_diffrn.crystal_id             1 
# 
_diffrn_detector.diffrn_id              1 
_diffrn_detector.detector               CCD 
_diffrn_detector.type                   'ADSC QUANTUM 315r' 
_diffrn_detector.pdbx_collection_date   2009-09-26 
_diffrn_detector.details                ? 
# 
_diffrn_radiation.diffrn_id                        1 
_diffrn_radiation.wavelength_id                    1 
_diffrn_radiation.pdbx_monochromatic_or_laue_m_l   M 
_diffrn_radiation.monochromator                    Si111 
_diffrn_radiation.pdbx_diffrn_protocol             'SINGLE WAVELENGTH' 
_diffrn_radiation.pdbx_scattering_type             x-ray 
# 
_diffrn_radiation_wavelength.id           1 
_diffrn_radiation_wavelength.wavelength   1.254330 
_diffrn_radiation_wavelength.wt           1.0 
# 
_diffrn_source.diffrn_id                   1 
_diffrn_source.source                      SYNCHROTRON 
_diffrn_source.type                        'ESRF BEAMLINE ID29' 
_diffrn_source.pdbx_synchrotron_site       ESRF 
_diffrn_source.pdbx_synchrotron_beamline   ID29 
_diffrn_source.pdbx_wavelength             ? 
_diffrn_source.pdbx_wavelength_list        1.254330 
# 
_reflns.entry_id                     4E61 
_reflns.observed_criterion_sigma_I   13.12 
_reflns.observed_criterion_sigma_F   0 
_reflns.d_resolution_low             20 
_reflns.d_resolution_high            2.45 
_reflns.number_obs                   8832 
_reflns.number_all                   8938 
_reflns.percent_possible_obs         98.81 
_reflns.pdbx_Rmerge_I_obs            ? 
_reflns.pdbx_Rsym_value              ? 
_reflns.pdbx_netI_over_sigmaI        ? 
_reflns.B_iso_Wilson_estimate        ? 
_reflns.pdbx_redundancy              ? 
_reflns.R_free_details               ? 
_reflns.limit_h_max                  ? 
_reflns.limit_h_min                  ? 
_reflns.limit_k_max                  ? 
_reflns.limit_k_min                  ? 
_reflns.limit_l_max                  ? 
_reflns.limit_l_min                  ? 
_reflns.observed_criterion_F_max     ? 
_reflns.observed_criterion_F_min     ? 
_reflns.pdbx_chi_squared             ? 
_reflns.pdbx_scaling_rejects         ? 
_reflns.pdbx_ordinal                 1 
_reflns.pdbx_diffrn_id               1 
# 
_reflns_shell.d_res_high             2.45 
_reflns_shell.d_res_low              2.59 
_reflns_shell.percent_possible_all   98.29 
_reflns_shell.Rmerge_I_obs           ? 
_reflns_shell.pdbx_Rsym_value        ? 
_reflns_shell.meanI_over_sigI_obs    ? 
_reflns_shell.pdbx_redundancy        ? 
_reflns_shell.percent_possible_obs   ? 
_reflns_shell.number_unique_all      ? 
_reflns_shell.number_measured_all    ? 
_reflns_shell.number_measured_obs    ? 
_reflns_shell.number_unique_obs      ? 
_reflns_shell.pdbx_chi_squared       ? 
_reflns_shell.pdbx_ordinal           1 
_reflns_shell.pdbx_diffrn_id         1 
# 
_refine.entry_id                                 4E61 
_refine.ls_number_reflns_obs                     8832 
_refine.ls_number_reflns_all                     8937 
_refine.pdbx_ls_sigma_I                          ? 
_refine.pdbx_ls_sigma_F                          0 
_refine.pdbx_data_cutoff_high_absF               ? 
_refine.pdbx_data_cutoff_low_absF                ? 
_refine.pdbx_data_cutoff_high_rms_absF           ? 
_refine.ls_d_res_low                             20 
_refine.ls_d_res_high                            2.45 
_refine.ls_percent_reflns_obs                    ? 
_refine.ls_R_factor_obs                          ? 
_refine.ls_R_factor_all                          0.2123 
_refine.ls_R_factor_R_work                       0.2109 
_refine.ls_R_factor_R_free                       0.2411 
_refine.ls_R_factor_R_free_error                 ? 
_refine.ls_R_factor_R_free_error_details         ? 
_refine.ls_percent_reflns_R_free                 ? 
_refine.ls_number_reflns_R_free                  418 
_refine.ls_number_parameters                     ? 
_refine.ls_number_restraints                     ? 
_refine.occupancy_min                            ? 
_refine.occupancy_max                            ? 
_refine.correlation_coeff_Fo_to_Fc               ? 
_refine.correlation_coeff_Fo_to_Fc_free          ? 
_refine.B_iso_mean                               ? 
_refine.aniso_B[1][1]                            ? 
_refine.aniso_B[2][2]                            ? 
_refine.aniso_B[3][3]                            ? 
_refine.aniso_B[1][2]                            ? 
_refine.aniso_B[1][3]                            ? 
_refine.aniso_B[2][3]                            ? 
_refine.solvent_model_details                    ? 
_refine.solvent_model_param_ksol                 ? 
_refine.solvent_model_param_bsol                 ? 
_refine.pdbx_solvent_vdw_probe_radii             ? 
_refine.pdbx_solvent_ion_probe_radii             ? 
_refine.pdbx_solvent_shrinkage_radii             ? 
_refine.pdbx_ls_cross_valid_method               ? 
_refine.details                                  ? 
_refine.pdbx_starting_model                      
'Not fully refined model after structure determination by SAD with potassium tetranitroplatinate(II)-soaked crystals.' 
_refine.pdbx_method_to_determine_struct          'MOLECULAR REPLACEMENT' 
_refine.pdbx_isotropic_thermal_model             ? 
_refine.pdbx_stereochemistry_target_values       'Engh & Huber' 
_refine.pdbx_stereochem_target_val_spec_case     ? 
_refine.pdbx_R_Free_selection_details            Random 
_refine.pdbx_overall_ESU_R                       ? 
_refine.pdbx_overall_ESU_R_Free                  ? 
_refine.overall_SU_ML                            ? 
_refine.pdbx_overall_phase_error                 ? 
_refine.overall_SU_B                             ? 
_refine.overall_SU_R_Cruickshank_DPI             ? 
_refine.ls_redundancy_reflns_obs                 ? 
_refine.B_iso_min                                ? 
_refine.B_iso_max                                ? 
_refine.overall_SU_R_free                        ? 
_refine.ls_wR_factor_R_free                      ? 
_refine.ls_wR_factor_R_work                      ? 
_refine.overall_FOM_free_R_set                   ? 
_refine.overall_FOM_work_R_set                   ? 
_refine.pdbx_diffrn_id                           1 
_refine.pdbx_refine_id                           'X-RAY DIFFRACTION' 
_refine.pdbx_TLS_residual_ADP_flag               ? 
_refine.pdbx_overall_SU_R_free_Cruickshank_DPI   ? 
_refine.pdbx_overall_SU_R_Blow_DPI               ? 
_refine.pdbx_overall_SU_R_free_Blow_DPI          ? 
# 
_refine_hist.pdbx_refine_id                   'X-RAY DIFFRACTION' 
_refine_hist.cycle_id                         LAST 
_refine_hist.pdbx_number_atoms_protein        1363 
_refine_hist.pdbx_number_atoms_nucleic_acid   0 
_refine_hist.pdbx_number_atoms_ligand         0 
_refine_hist.number_atoms_solvent             0 
_refine_hist.number_atoms_total               1363 
_refine_hist.d_res_high                       2.45 
_refine_hist.d_res_low                        20 
# 
loop_
_refine_ls_restr.type 
_refine_ls_restr.dev_ideal 
_refine_ls_restr.dev_ideal_target 
_refine_ls_restr.weight 
_refine_ls_restr.number 
_refine_ls_restr.pdbx_restraint_function 
_refine_ls_restr.pdbx_refine_id 
t_angle_deg 1.18  ? ? ? ? 'X-RAY DIFFRACTION' 
t_bond_d    0.098 ? ? ? ? 'X-RAY DIFFRACTION' 
# 
_struct.entry_id                  4E61 
_struct.title                     'Crystal structure of the EB1-like motif of Bim1p' 
_struct.pdbx_model_details        ? 
_struct.pdbx_CASP_flag            ? 
_struct.pdbx_model_type_details   ? 
# 
_struct_keywords.entry_id        4E61 
_struct_keywords.pdbx_keywords   'CELL CYCLE' 
_struct_keywords.text            
'EB1-like motif, coiled-coil, spindle orientation, mitosis, Kar9p, phosphorylation, mitotic spindle, microtubules, CELL CYCLE' 
# 
loop_
_struct_asym.id 
_struct_asym.pdbx_blank_PDB_chainid_flag 
_struct_asym.pdbx_modified 
_struct_asym.entity_id 
_struct_asym.details 
A N N 1 ? 
B N N 1 ? 
# 
_struct_ref.id                         1 
_struct_ref.db_name                    UNP 
_struct_ref.db_code                    BIM1_YEAST 
_struct_ref.pdbx_db_accession          P40013 
_struct_ref.entity_id                  1 
_struct_ref.pdbx_seq_one_letter_code   
;LVAIQAELTKSQETIGSLNEEIEQYKGTVSTLEIEREFYFNKLRDIEILVHTTQDLINEGVYKFNDETITGHGNGNGGAL
LRFVKKVESILYATAEGFEMN
;
_struct_ref.pdbx_align_begin           182 
_struct_ref.pdbx_db_isoform            ? 
# 
loop_
_struct_ref_seq.align_id 
_struct_ref_seq.ref_id 
_struct_ref_seq.pdbx_PDB_id_code 
_struct_ref_seq.pdbx_strand_id 
_struct_ref_seq.seq_align_beg 
_struct_ref_seq.pdbx_seq_align_beg_ins_code 
_struct_ref_seq.seq_align_end 
_struct_ref_seq.pdbx_seq_align_end_ins_code 
_struct_ref_seq.pdbx_db_accession 
_struct_ref_seq.db_align_beg 
_struct_ref_seq.pdbx_db_align_beg_ins_code 
_struct_ref_seq.db_align_end 
_struct_ref_seq.pdbx_db_align_end_ins_code 
_struct_ref_seq.pdbx_auth_seq_align_beg 
_struct_ref_seq.pdbx_auth_seq_align_end 
1 1 4E61 A 6 ? 106 ? P40013 182 ? 282 ? 6 106 
2 1 4E61 B 6 ? 106 ? P40013 182 ? 282 ? 6 106 
# 
loop_
_struct_ref_seq_dif.align_id 
_struct_ref_seq_dif.pdbx_pdb_id_code 
_struct_ref_seq_dif.mon_id 
_struct_ref_seq_dif.pdbx_pdb_strand_id 
_struct_ref_seq_dif.seq_num 
_struct_ref_seq_dif.pdbx_pdb_ins_code 
_struct_ref_seq_dif.pdbx_seq_db_name 
_struct_ref_seq_dif.pdbx_seq_db_accession_code 
_struct_ref_seq_dif.db_mon_id 
_struct_ref_seq_dif.pdbx_seq_db_seq_num 
_struct_ref_seq_dif.details 
_struct_ref_seq_dif.pdbx_auth_seq_num 
_struct_ref_seq_dif.pdbx_ordinal 
1 4E61 GLY A 1 ? UNP P40013 ? ? 'expression tag' 1 1  
1 4E61 PRO A 2 ? UNP P40013 ? ? 'expression tag' 2 2  
1 4E61 LEU A 3 ? UNP P40013 ? ? 'expression tag' 3 3  
1 4E61 GLY A 4 ? UNP P40013 ? ? 'expression tag' 4 4  
1 4E61 SER A 5 ? UNP P40013 ? ? 'expression tag' 5 5  
2 4E61 GLY B 1 ? UNP P40013 ? ? 'expression tag' 1 6  
2 4E61 PRO B 2 ? UNP P40013 ? ? 'expression tag' 2 7  
2 4E61 LEU B 3 ? UNP P40013 ? ? 'expression tag' 3 8  
2 4E61 GLY B 4 ? UNP P40013 ? ? 'expression tag' 4 9  
2 4E61 SER B 5 ? UNP P40013 ? ? 'expression tag' 5 10 
# 
_pdbx_struct_assembly.id                   1 
_pdbx_struct_assembly.details              author_and_software_defined_assembly 
_pdbx_struct_assembly.method_details       PISA 
_pdbx_struct_assembly.oligomeric_details   dimeric 
_pdbx_struct_assembly.oligomeric_count     2 
# 
loop_
_pdbx_struct_assembly_prop.biol_id 
_pdbx_struct_assembly_prop.type 
_pdbx_struct_assembly_prop.value 
_pdbx_struct_assembly_prop.details 
1 'ABSA (A^2)' 3970  ? 
1 MORE         -46   ? 
1 'SSA (A^2)'  11260 ? 
# 
_pdbx_struct_assembly_gen.assembly_id       1 
_pdbx_struct_assembly_gen.oper_expression   1 
_pdbx_struct_assembly_gen.asym_id_list      A,B 
# 
_pdbx_struct_oper_list.id                   1 
_pdbx_struct_oper_list.type                 'identity operation' 
_pdbx_struct_oper_list.name                 1_555 
_pdbx_struct_oper_list.symmetry_operation   x,y,z 
_pdbx_struct_oper_list.matrix[1][1]         1.0000000000 
_pdbx_struct_oper_list.matrix[1][2]         0.0000000000 
_pdbx_struct_oper_list.matrix[1][3]         0.0000000000 
_pdbx_struct_oper_list.vector[1]            0.0000000000 
_pdbx_struct_oper_list.matrix[2][1]         0.0000000000 
_pdbx_struct_oper_list.matrix[2][2]         1.0000000000 
_pdbx_struct_oper_list.matrix[2][3]         0.0000000000 
_pdbx_struct_oper_list.vector[2]            0.0000000000 
_pdbx_struct_oper_list.matrix[3][1]         0.0000000000 
_pdbx_struct_oper_list.matrix[3][2]         0.0000000000 
_pdbx_struct_oper_list.matrix[3][3]         1.0000000000 
_pdbx_struct_oper_list.vector[3]            0.0000000000 
# 
_struct_biol.id        1 
_struct_biol.details   ? 
# 
loop_
_struct_conf.conf_type_id 
_struct_conf.id 
_struct_conf.pdbx_PDB_helix_id 
_struct_conf.beg_label_comp_id 
_struct_conf.beg_label_asym_id 
_struct_conf.beg_label_seq_id 
_struct_conf.pdbx_beg_PDB_ins_code 
_struct_conf.end_label_comp_id 
_struct_conf.end_label_asym_id 
_struct_conf.end_label_seq_id 
_struct_conf.pdbx_end_PDB_ins_code 
_struct_conf.beg_auth_comp_id 
_struct_conf.beg_auth_asym_id 
_struct_conf.beg_auth_seq_id 
_struct_conf.end_auth_comp_id 
_struct_conf.end_auth_asym_id 
_struct_conf.end_auth_seq_id 
_struct_conf.pdbx_PDB_helix_class 
_struct_conf.details 
_struct_conf.pdbx_PDB_helix_length 
HELX_P HELX_P1 1 GLY A 1  ? GLU A 64  ? GLY A 1  GLU A 64  1 ? 64 
HELX_P HELX_P2 2 ALA A 84 ? GLY A 102 ? ALA A 84 GLY A 102 1 ? 19 
HELX_P HELX_P3 3 PRO B 2  ? GLU B 64  ? PRO B 2  GLU B 64  1 ? 63 
HELX_P HELX_P4 4 GLY B 83 ? ALA B 98  ? GLY B 83 ALA B 98  1 ? 16 
# 
_struct_conf_type.id          HELX_P 
_struct_conf_type.criteria    ? 
_struct_conf_type.reference   ? 
# 
loop_
_pdbx_validate_torsion.id 
_pdbx_validate_torsion.PDB_model_num 
_pdbx_validate_torsion.auth_comp_id 
_pdbx_validate_torsion.auth_asym_id 
_pdbx_validate_torsion.auth_seq_id 
_pdbx_validate_torsion.PDB_ins_code 
_pdbx_validate_torsion.label_alt_id 
_pdbx_validate_torsion.phi 
_pdbx_validate_torsion.psi 
1 1 TYR A 67 ? ? -141.83 30.33  
2 1 ASN B 63 ? ? -51.11  -85.28 
3 1 GLU B 64 ? ? -99.58  -61.20 
# 
loop_
_pdbx_unobs_or_zero_occ_residues.id 
_pdbx_unobs_or_zero_occ_residues.PDB_model_num 
_pdbx_unobs_or_zero_occ_residues.polymer_flag 
_pdbx_unobs_or_zero_occ_residues.occupancy_flag 
_pdbx_unobs_or_zero_occ_residues.auth_asym_id 
_pdbx_unobs_or_zero_occ_residues.auth_comp_id 
_pdbx_unobs_or_zero_occ_residues.auth_seq_id 
_pdbx_unobs_or_zero_occ_residues.PDB_ins_code 
_pdbx_unobs_or_zero_occ_residues.label_asym_id 
_pdbx_unobs_or_zero_occ_residues.label_comp_id 
_pdbx_unobs_or_zero_occ_residues.label_seq_id 
1  1 Y 1 A PHE 69  ? A PHE 69  
2  1 Y 1 A ASN 70  ? A ASN 70  
3  1 Y 1 A ASP 71  ? A ASP 71  
4  1 Y 1 A GLU 72  ? A GLU 72  
5  1 Y 1 A THR 73  ? A THR 73  
6  1 Y 1 A ILE 74  ? A ILE 74  
7  1 Y 1 A THR 75  ? A THR 75  
8  1 Y 1 A GLY 76  ? A GLY 76  
9  1 Y 1 A HIS 77  ? A HIS 77  
10 1 Y 1 A GLY 78  ? A GLY 78  
11 1 Y 1 A ASN 79  ? A ASN 79  
12 1 Y 1 A GLY 80  ? A GLY 80  
13 1 Y 1 A ASN 81  ? A ASN 81  
14 1 Y 1 A GLY 82  ? A GLY 82  
15 1 Y 1 A ASN 106 ? A ASN 106 
16 1 Y 1 B VAL 66  ? B VAL 66  
17 1 Y 1 B TYR 67  ? B TYR 67  
18 1 Y 1 B LYS 68  ? B LYS 68  
19 1 Y 1 B PHE 69  ? B PHE 69  
20 1 Y 1 B ASN 70  ? B ASN 70  
21 1 Y 1 B ASP 71  ? B ASP 71  
22 1 Y 1 B GLU 72  ? B GLU 72  
23 1 Y 1 B THR 73  ? B THR 73  
24 1 Y 1 B ILE 74  ? B ILE 74  
25 1 Y 1 B THR 75  ? B THR 75  
26 1 Y 1 B GLY 76  ? B GLY 76  
27 1 Y 1 B HIS 77  ? B HIS 77  
28 1 Y 1 B GLY 78  ? B GLY 78  
29 1 Y 1 B ASN 79  ? B ASN 79  
30 1 Y 1 B GLY 80  ? B GLY 80  
31 1 Y 1 B ASN 81  ? B ASN 81  
32 1 Y 1 B GLU 101 ? B GLU 101 
33 1 Y 1 B GLY 102 ? B GLY 102 
34 1 Y 1 B PHE 103 ? B PHE 103 
35 1 Y 1 B GLU 104 ? B GLU 104 
36 1 Y 1 B MET 105 ? B MET 105 
37 1 Y 1 B ASN 106 ? B ASN 106 
# 
loop_
_chem_comp_atom.comp_id 
_chem_comp_atom.atom_id 
_chem_comp_atom.type_symbol 
_chem_comp_atom.pdbx_aromatic_flag 
_chem_comp_atom.pdbx_stereo_config 
_chem_comp_atom.pdbx_ordinal 
ALA N    N N N 1   
ALA CA   C N S 2   
ALA C    C N N 3   
ALA O    O N N 4   
ALA CB   C N N 5   
ALA OXT  O N N 6   
ALA H    H N N 7   
ALA H2   H N N 8   
ALA HA   H N N 9   
ALA HB1  H N N 10  
ALA HB2  H N N 11  
ALA HB3  H N N 12  
ALA HXT  H N N 13  
ARG N    N N N 14  
ARG CA   C N S 15  
ARG C    C N N 16  
ARG O    O N N 17  
ARG CB   C N N 18  
ARG CG   C N N 19  
ARG CD   C N N 20  
ARG NE   N N N 21  
ARG CZ   C N N 22  
ARG NH1  N N N 23  
ARG NH2  N N N 24  
ARG OXT  O N N 25  
ARG H    H N N 26  
ARG H2   H N N 27  
ARG HA   H N N 28  
ARG HB2  H N N 29  
ARG HB3  H N N 30  
ARG HG2  H N N 31  
ARG HG3  H N N 32  
ARG HD2  H N N 33  
ARG HD3  H N N 34  
ARG HE   H N N 35  
ARG HH11 H N N 36  
ARG HH12 H N N 37  
ARG HH21 H N N 38  
ARG HH22 H N N 39  
ARG HXT  H N N 40  
ASN N    N N N 41  
ASN CA   C N S 42  
ASN C    C N N 43  
ASN O    O N N 44  
ASN CB   C N N 45  
ASN CG   C N N 46  
ASN OD1  O N N 47  
ASN ND2  N N N 48  
ASN OXT  O N N 49  
ASN H    H N N 50  
ASN H2   H N N 51  
ASN HA   H N N 52  
ASN HB2  H N N 53  
ASN HB3  H N N 54  
ASN HD21 H N N 55  
ASN HD22 H N N 56  
ASN HXT  H N N 57  
ASP N    N N N 58  
ASP CA   C N S 59  
ASP C    C N N 60  
ASP O    O N N 61  
ASP CB   C N N 62  
ASP CG   C N N 63  
ASP OD1  O N N 64  
ASP OD2  O N N 65  
ASP OXT  O N N 66  
ASP H    H N N 67  
ASP H2   H N N 68  
ASP HA   H N N 69  
ASP HB2  H N N 70  
ASP HB3  H N N 71  
ASP HD2  H N N 72  
ASP HXT  H N N 73  
GLN N    N N N 74  
GLN CA   C N S 75  
GLN C    C N N 76  
GLN O    O N N 77  
GLN CB   C N N 78  
GLN CG   C N N 79  
GLN CD   C N N 80  
GLN OE1  O N N 81  
GLN NE2  N N N 82  
GLN OXT  O N N 83  
GLN H    H N N 84  
GLN H2   H N N 85  
GLN HA   H N N 86  
GLN HB2  H N N 87  
GLN HB3  H N N 88  
GLN HG2  H N N 89  
GLN HG3  H N N 90  
GLN HE21 H N N 91  
GLN HE22 H N N 92  
GLN HXT  H N N 93  
GLU N    N N N 94  
GLU CA   C N S 95  
GLU C    C N N 96  
GLU O    O N N 97  
GLU CB   C N N 98  
GLU CG   C N N 99  
GLU CD   C N N 100 
GLU OE1  O N N 101 
GLU OE2  O N N 102 
GLU OXT  O N N 103 
GLU H    H N N 104 
GLU H2   H N N 105 
GLU HA   H N N 106 
GLU HB2  H N N 107 
GLU HB3  H N N 108 
GLU HG2  H N N 109 
GLU HG3  H N N 110 
GLU HE2  H N N 111 
GLU HXT  H N N 112 
GLY N    N N N 113 
GLY CA   C N N 114 
GLY C    C N N 115 
GLY O    O N N 116 
GLY OXT  O N N 117 
GLY H    H N N 118 
GLY H2   H N N 119 
GLY HA2  H N N 120 
GLY HA3  H N N 121 
GLY HXT  H N N 122 
HIS N    N N N 123 
HIS CA   C N S 124 
HIS C    C N N 125 
HIS O    O N N 126 
HIS CB   C N N 127 
HIS CG   C Y N 128 
HIS ND1  N Y N 129 
HIS CD2  C Y N 130 
HIS CE1  C Y N 131 
HIS NE2  N Y N 132 
HIS OXT  O N N 133 
HIS H    H N N 134 
HIS H2   H N N 135 
HIS HA   H N N 136 
HIS HB2  H N N 137 
HIS HB3  H N N 138 
HIS HD1  H N N 139 
HIS HD2  H N N 140 
HIS HE1  H N N 141 
HIS HE2  H N N 142 
HIS HXT  H N N 143 
ILE N    N N N 144 
ILE CA   C N S 145 
ILE C    C N N 146 
ILE O    O N N 147 
ILE CB   C N S 148 
ILE CG1  C N N 149 
ILE CG2  C N N 150 
ILE CD1  C N N 151 
ILE OXT  O N N 152 
ILE H    H N N 153 
ILE H2   H N N 154 
ILE HA   H N N 155 
ILE HB   H N N 156 
ILE HG12 H N N 157 
ILE HG13 H N N 158 
ILE HG21 H N N 159 
ILE HG22 H N N 160 
ILE HG23 H N N 161 
ILE HD11 H N N 162 
ILE HD12 H N N 163 
ILE HD13 H N N 164 
ILE HXT  H N N 165 
LEU N    N N N 166 
LEU CA   C N S 167 
LEU C    C N N 168 
LEU O    O N N 169 
LEU CB   C N N 170 
LEU CG   C N N 171 
LEU CD1  C N N 172 
LEU CD2  C N N 173 
LEU OXT  O N N 174 
LEU H    H N N 175 
LEU H2   H N N 176 
LEU HA   H N N 177 
LEU HB2  H N N 178 
LEU HB3  H N N 179 
LEU HG   H N N 180 
LEU HD11 H N N 181 
LEU HD12 H N N 182 
LEU HD13 H N N 183 
LEU HD21 H N N 184 
LEU HD22 H N N 185 
LEU HD23 H N N 186 
LEU HXT  H N N 187 
LYS N    N N N 188 
LYS CA   C N S 189 
LYS C    C N N 190 
LYS O    O N N 191 
LYS CB   C N N 192 
LYS CG   C N N 193 
LYS CD   C N N 194 
LYS CE   C N N 195 
LYS NZ   N N N 196 
LYS OXT  O N N 197 
LYS H    H N N 198 
LYS H2   H N N 199 
LYS HA   H N N 200 
LYS HB2  H N N 201 
LYS HB3  H N N 202 
LYS HG2  H N N 203 
LYS HG3  H N N 204 
LYS HD2  H N N 205 
LYS HD3  H N N 206 
LYS HE2  H N N 207 
LYS HE3  H N N 208 
LYS HZ1  H N N 209 
LYS HZ2  H N N 210 
LYS HZ3  H N N 211 
LYS HXT  H N N 212 
MET N    N N N 213 
MET CA   C N S 214 
MET C    C N N 215 
MET O    O N N 216 
MET CB   C N N 217 
MET CG   C N N 218 
MET SD   S N N 219 
MET CE   C N N 220 
MET OXT  O N N 221 
MET H    H N N 222 
MET H2   H N N 223 
MET HA   H N N 224 
MET HB2  H N N 225 
MET HB3  H N N 226 
MET HG2  H N N 227 
MET HG3  H N N 228 
MET HE1  H N N 229 
MET HE2  H N N 230 
MET HE3  H N N 231 
MET HXT  H N N 232 
PHE N    N N N 233 
PHE CA   C N S 234 
PHE C    C N N 235 
PHE O    O N N 236 
PHE CB   C N N 237 
PHE CG   C Y N 238 
PHE CD1  C Y N 239 
PHE CD2  C Y N 240 
PHE CE1  C Y N 241 
PHE CE2  C Y N 242 
PHE CZ   C Y N 243 
PHE OXT  O N N 244 
PHE H    H N N 245 
PHE H2   H N N 246 
PHE HA   H N N 247 
PHE HB2  H N N 248 
PHE HB3  H N N 249 
PHE HD1  H N N 250 
PHE HD2  H N N 251 
PHE HE1  H N N 252 
PHE HE2  H N N 253 
PHE HZ   H N N 254 
PHE HXT  H N N 255 
PRO N    N N N 256 
PRO CA   C N S 257 
PRO C    C N N 258 
PRO O    O N N 259 
PRO CB   C N N 260 
PRO CG   C N N 261 
PRO CD   C N N 262 
PRO OXT  O N N 263 
PRO H    H N N 264 
PRO HA   H N N 265 
PRO HB2  H N N 266 
PRO HB3  H N N 267 
PRO HG2  H N N 268 
PRO HG3  H N N 269 
PRO HD2  H N N 270 
PRO HD3  H N N 271 
PRO HXT  H N N 272 
SER N    N N N 273 
SER CA   C N S 274 
SER C    C N N 275 
SER O    O N N 276 
SER CB   C N N 277 
SER OG   O N N 278 
SER OXT  O N N 279 
SER H    H N N 280 
SER H2   H N N 281 
SER HA   H N N 282 
SER HB2  H N N 283 
SER HB3  H N N 284 
SER HG   H N N 285 
SER HXT  H N N 286 
THR N    N N N 287 
THR CA   C N S 288 
THR C    C N N 289 
THR O    O N N 290 
THR CB   C N R 291 
THR OG1  O N N 292 
THR CG2  C N N 293 
THR OXT  O N N 294 
THR H    H N N 295 
THR H2   H N N 296 
THR HA   H N N 297 
THR HB   H N N 298 
THR HG1  H N N 299 
THR HG21 H N N 300 
THR HG22 H N N 301 
THR HG23 H N N 302 
THR HXT  H N N 303 
TYR N    N N N 304 
TYR CA   C N S 305 
TYR C    C N N 306 
TYR O    O N N 307 
TYR CB   C N N 308 
TYR CG   C Y N 309 
TYR CD1  C Y N 310 
TYR CD2  C Y N 311 
TYR CE1  C Y N 312 
TYR CE2  C Y N 313 
TYR CZ   C Y N 314 
TYR OH   O N N 315 
TYR OXT  O N N 316 
TYR H    H N N 317 
TYR H2   H N N 318 
TYR HA   H N N 319 
TYR HB2  H N N 320 
TYR HB3  H N N 321 
TYR HD1  H N N 322 
TYR HD2  H N N 323 
TYR HE1  H N N 324 
TYR HE2  H N N 325 
TYR HH   H N N 326 
TYR HXT  H N N 327 
VAL N    N N N 328 
VAL CA   C N S 329 
VAL C    C N N 330 
VAL O    O N N 331 
VAL CB   C N N 332 
VAL CG1  C N N 333 
VAL CG2  C N N 334 
VAL OXT  O N N 335 
VAL H    H N N 336 
VAL H2   H N N 337 
VAL HA   H N N 338 
VAL HB   H N N 339 
VAL HG11 H N N 340 
VAL HG12 H N N 341 
VAL HG13 H N N 342 
VAL HG21 H N N 343 
VAL HG22 H N N 344 
VAL HG23 H N N 345 
VAL HXT  H N N 346 
# 
loop_
_chem_comp_bond.comp_id 
_chem_comp_bond.atom_id_1 
_chem_comp_bond.atom_id_2 
_chem_comp_bond.value_order 
_chem_comp_bond.pdbx_aromatic_flag 
_chem_comp_bond.pdbx_stereo_config 
_chem_comp_bond.pdbx_ordinal 
ALA N   CA   sing N N 1   
ALA N   H    sing N N 2   
ALA N   H2   sing N N 3   
ALA CA  C    sing N N 4   
ALA CA  CB   sing N N 5   
ALA CA  HA   sing N N 6   
ALA C   O    doub N N 7   
ALA C   OXT  sing N N 8   
ALA CB  HB1  sing N N 9   
ALA CB  HB2  sing N N 10  
ALA CB  HB3  sing N N 11  
ALA OXT HXT  sing N N 12  
ARG N   CA   sing N N 13  
ARG N   H    sing N N 14  
ARG N   H2   sing N N 15  
ARG CA  C    sing N N 16  
ARG CA  CB   sing N N 17  
ARG CA  HA   sing N N 18  
ARG C   O    doub N N 19  
ARG C   OXT  sing N N 20  
ARG CB  CG   sing N N 21  
ARG CB  HB2  sing N N 22  
ARG CB  HB3  sing N N 23  
ARG CG  CD   sing N N 24  
ARG CG  HG2  sing N N 25  
ARG CG  HG3  sing N N 26  
ARG CD  NE   sing N N 27  
ARG CD  HD2  sing N N 28  
ARG CD  HD3  sing N N 29  
ARG NE  CZ   sing N N 30  
ARG NE  HE   sing N N 31  
ARG CZ  NH1  sing N N 32  
ARG CZ  NH2  doub N N 33  
ARG NH1 HH11 sing N N 34  
ARG NH1 HH12 sing N N 35  
ARG NH2 HH21 sing N N 36  
ARG NH2 HH22 sing N N 37  
ARG OXT HXT  sing N N 38  
ASN N   CA   sing N N 39  
ASN N   H    sing N N 40  
ASN N   H2   sing N N 41  
ASN CA  C    sing N N 42  
ASN CA  CB   sing N N 43  
ASN CA  HA   sing N N 44  
ASN C   O    doub N N 45  
ASN C   OXT  sing N N 46  
ASN CB  CG   sing N N 47  
ASN CB  HB2  sing N N 48  
ASN CB  HB3  sing N N 49  
ASN CG  OD1  doub N N 50  
ASN CG  ND2  sing N N 51  
ASN ND2 HD21 sing N N 52  
ASN ND2 HD22 sing N N 53  
ASN OXT HXT  sing N N 54  
ASP N   CA   sing N N 55  
ASP N   H    sing N N 56  
ASP N   H2   sing N N 57  
ASP CA  C    sing N N 58  
ASP CA  CB   sing N N 59  
ASP CA  HA   sing N N 60  
ASP C   O    doub N N 61  
ASP C   OXT  sing N N 62  
ASP CB  CG   sing N N 63  
ASP CB  HB2  sing N N 64  
ASP CB  HB3  sing N N 65  
ASP CG  OD1  doub N N 66  
ASP CG  OD2  sing N N 67  
ASP OD2 HD2  sing N N 68  
ASP OXT HXT  sing N N 69  
GLN N   CA   sing N N 70  
GLN N   H    sing N N 71  
GLN N   H2   sing N N 72  
GLN CA  C    sing N N 73  
GLN CA  CB   sing N N 74  
GLN CA  HA   sing N N 75  
GLN C   O    doub N N 76  
GLN C   OXT  sing N N 77  
GLN CB  CG   sing N N 78  
GLN CB  HB2  sing N N 79  
GLN CB  HB3  sing N N 80  
GLN CG  CD   sing N N 81  
GLN CG  HG2  sing N N 82  
GLN CG  HG3  sing N N 83  
GLN CD  OE1  doub N N 84  
GLN CD  NE2  sing N N 85  
GLN NE2 HE21 sing N N 86  
GLN NE2 HE22 sing N N 87  
GLN OXT HXT  sing N N 88  
GLU N   CA   sing N N 89  
GLU N   H    sing N N 90  
GLU N   H2   sing N N 91  
GLU CA  C    sing N N 92  
GLU CA  CB   sing N N 93  
GLU CA  HA   sing N N 94  
GLU C   O    doub N N 95  
GLU C   OXT  sing N N 96  
GLU CB  CG   sing N N 97  
GLU CB  HB2  sing N N 98  
GLU CB  HB3  sing N N 99  
GLU CG  CD   sing N N 100 
GLU CG  HG2  sing N N 101 
GLU CG  HG3  sing N N 102 
GLU CD  OE1  doub N N 103 
GLU CD  OE2  sing N N 104 
GLU OE2 HE2  sing N N 105 
GLU OXT HXT  sing N N 106 
GLY N   CA   sing N N 107 
GLY N   H    sing N N 108 
GLY N   H2   sing N N 109 
GLY CA  C    sing N N 110 
GLY CA  HA2  sing N N 111 
GLY CA  HA3  sing N N 112 
GLY C   O    doub N N 113 
GLY C   OXT  sing N N 114 
GLY OXT HXT  sing N N 115 
HIS N   CA   sing N N 116 
HIS N   H    sing N N 117 
HIS N   H2   sing N N 118 
HIS CA  C    sing N N 119 
HIS CA  CB   sing N N 120 
HIS CA  HA   sing N N 121 
HIS C   O    doub N N 122 
HIS C   OXT  sing N N 123 
HIS CB  CG   sing N N 124 
HIS CB  HB2  sing N N 125 
HIS CB  HB3  sing N N 126 
HIS CG  ND1  sing Y N 127 
HIS CG  CD2  doub Y N 128 
HIS ND1 CE1  doub Y N 129 
HIS ND1 HD1  sing N N 130 
HIS CD2 NE2  sing Y N 131 
HIS CD2 HD2  sing N N 132 
HIS CE1 NE2  sing Y N 133 
HIS CE1 HE1  sing N N 134 
HIS NE2 HE2  sing N N 135 
HIS OXT HXT  sing N N 136 
ILE N   CA   sing N N 137 
ILE N   H    sing N N 138 
ILE N   H2   sing N N 139 
ILE CA  C    sing N N 140 
ILE CA  CB   sing N N 141 
ILE CA  HA   sing N N 142 
ILE C   O    doub N N 143 
ILE C   OXT  sing N N 144 
ILE CB  CG1  sing N N 145 
ILE CB  CG2  sing N N 146 
ILE CB  HB   sing N N 147 
ILE CG1 CD1  sing N N 148 
ILE CG1 HG12 sing N N 149 
ILE CG1 HG13 sing N N 150 
ILE CG2 HG21 sing N N 151 
ILE CG2 HG22 sing N N 152 
ILE CG2 HG23 sing N N 153 
ILE CD1 HD11 sing N N 154 
ILE CD1 HD12 sing N N 155 
ILE CD1 HD13 sing N N 156 
ILE OXT HXT  sing N N 157 
LEU N   CA   sing N N 158 
LEU N   H    sing N N 159 
LEU N   H2   sing N N 160 
LEU CA  C    sing N N 161 
LEU CA  CB   sing N N 162 
LEU CA  HA   sing N N 163 
LEU C   O    doub N N 164 
LEU C   OXT  sing N N 165 
LEU CB  CG   sing N N 166 
LEU CB  HB2  sing N N 167 
LEU CB  HB3  sing N N 168 
LEU CG  CD1  sing N N 169 
LEU CG  CD2  sing N N 170 
LEU CG  HG   sing N N 171 
LEU CD1 HD11 sing N N 172 
LEU CD1 HD12 sing N N 173 
LEU CD1 HD13 sing N N 174 
LEU CD2 HD21 sing N N 175 
LEU CD2 HD22 sing N N 176 
LEU CD2 HD23 sing N N 177 
LEU OXT HXT  sing N N 178 
LYS N   CA   sing N N 179 
LYS N   H    sing N N 180 
LYS N   H2   sing N N 181 
LYS CA  C    sing N N 182 
LYS CA  CB   sing N N 183 
LYS CA  HA   sing N N 184 
LYS C   O    doub N N 185 
LYS C   OXT  sing N N 186 
LYS CB  CG   sing N N 187 
LYS CB  HB2  sing N N 188 
LYS CB  HB3  sing N N 189 
LYS CG  CD   sing N N 190 
LYS CG  HG2  sing N N 191 
LYS CG  HG3  sing N N 192 
LYS CD  CE   sing N N 193 
LYS CD  HD2  sing N N 194 
LYS CD  HD3  sing N N 195 
LYS CE  NZ   sing N N 196 
LYS CE  HE2  sing N N 197 
LYS CE  HE3  sing N N 198 
LYS NZ  HZ1  sing N N 199 
LYS NZ  HZ2  sing N N 200 
LYS NZ  HZ3  sing N N 201 
LYS OXT HXT  sing N N 202 
MET N   CA   sing N N 203 
MET N   H    sing N N 204 
MET N   H2   sing N N 205 
MET CA  C    sing N N 206 
MET CA  CB   sing N N 207 
MET CA  HA   sing N N 208 
MET C   O    doub N N 209 
MET C   OXT  sing N N 210 
MET CB  CG   sing N N 211 
MET CB  HB2  sing N N 212 
MET CB  HB3  sing N N 213 
MET CG  SD   sing N N 214 
MET CG  HG2  sing N N 215 
MET CG  HG3  sing N N 216 
MET SD  CE   sing N N 217 
MET CE  HE1  sing N N 218 
MET CE  HE2  sing N N 219 
MET CE  HE3  sing N N 220 
MET OXT HXT  sing N N 221 
PHE N   CA   sing N N 222 
PHE N   H    sing N N 223 
PHE N   H2   sing N N 224 
PHE CA  C    sing N N 225 
PHE CA  CB   sing N N 226 
PHE CA  HA   sing N N 227 
PHE C   O    doub N N 228 
PHE C   OXT  sing N N 229 
PHE CB  CG   sing N N 230 
PHE CB  HB2  sing N N 231 
PHE CB  HB3  sing N N 232 
PHE CG  CD1  doub Y N 233 
PHE CG  CD2  sing Y N 234 
PHE CD1 CE1  sing Y N 235 
PHE CD1 HD1  sing N N 236 
PHE CD2 CE2  doub Y N 237 
PHE CD2 HD2  sing N N 238 
PHE CE1 CZ   doub Y N 239 
PHE CE1 HE1  sing N N 240 
PHE CE2 CZ   sing Y N 241 
PHE CE2 HE2  sing N N 242 
PHE CZ  HZ   sing N N 243 
PHE OXT HXT  sing N N 244 
PRO N   CA   sing N N 245 
PRO N   CD   sing N N 246 
PRO N   H    sing N N 247 
PRO CA  C    sing N N 248 
PRO CA  CB   sing N N 249 
PRO CA  HA   sing N N 250 
PRO C   O    doub N N 251 
PRO C   OXT  sing N N 252 
PRO CB  CG   sing N N 253 
PRO CB  HB2  sing N N 254 
PRO CB  HB3  sing N N 255 
PRO CG  CD   sing N N 256 
PRO CG  HG2  sing N N 257 
PRO CG  HG3  sing N N 258 
PRO CD  HD2  sing N N 259 
PRO CD  HD3  sing N N 260 
PRO OXT HXT  sing N N 261 
SER N   CA   sing N N 262 
SER N   H    sing N N 263 
SER N   H2   sing N N 264 
SER CA  C    sing N N 265 
SER CA  CB   sing N N 266 
SER CA  HA   sing N N 267 
SER C   O    doub N N 268 
SER C   OXT  sing N N 269 
SER CB  OG   sing N N 270 
SER CB  HB2  sing N N 271 
SER CB  HB3  sing N N 272 
SER OG  HG   sing N N 273 
SER OXT HXT  sing N N 274 
THR N   CA   sing N N 275 
THR N   H    sing N N 276 
THR N   H2   sing N N 277 
THR CA  C    sing N N 278 
THR CA  CB   sing N N 279 
THR CA  HA   sing N N 280 
THR C   O    doub N N 281 
THR C   OXT  sing N N 282 
THR CB  OG1  sing N N 283 
THR CB  CG2  sing N N 284 
THR CB  HB   sing N N 285 
THR OG1 HG1  sing N N 286 
THR CG2 HG21 sing N N 287 
THR CG2 HG22 sing N N 288 
THR CG2 HG23 sing N N 289 
THR OXT HXT  sing N N 290 
TYR N   CA   sing N N 291 
TYR N   H    sing N N 292 
TYR N   H2   sing N N 293 
TYR CA  C    sing N N 294 
TYR CA  CB   sing N N 295 
TYR CA  HA   sing N N 296 
TYR C   O    doub N N 297 
TYR C   OXT  sing N N 298 
TYR CB  CG   sing N N 299 
TYR CB  HB2  sing N N 300 
TYR CB  HB3  sing N N 301 
TYR CG  CD1  doub Y N 302 
TYR CG  CD2  sing Y N 303 
TYR CD1 CE1  sing Y N 304 
TYR CD1 HD1  sing N N 305 
TYR CD2 CE2  doub Y N 306 
TYR CD2 HD2  sing N N 307 
TYR CE1 CZ   doub Y N 308 
TYR CE1 HE1  sing N N 309 
TYR CE2 CZ   sing Y N 310 
TYR CE2 HE2  sing N N 311 
TYR CZ  OH   sing N N 312 
TYR OH  HH   sing N N 313 
TYR OXT HXT  sing N N 314 
VAL N   CA   sing N N 315 
VAL N   H    sing N N 316 
VAL N   H2   sing N N 317 
VAL CA  C    sing N N 318 
VAL CA  CB   sing N N 319 
VAL CA  HA   sing N N 320 
VAL C   O    doub N N 321 
VAL C   OXT  sing N N 322 
VAL CB  CG1  sing N N 323 
VAL CB  CG2  sing N N 324 
VAL CB  HB   sing N N 325 
VAL CG1 HG11 sing N N 326 
VAL CG1 HG12 sing N N 327 
VAL CG1 HG13 sing N N 328 
VAL CG2 HG21 sing N N 329 
VAL CG2 HG22 sing N N 330 
VAL CG2 HG23 sing N N 331 
VAL OXT HXT  sing N N 332 
# 
_pdbx_initial_refinement_model.accession_code   ? 
_pdbx_initial_refinement_model.id               1 
_pdbx_initial_refinement_model.entity_id_list   ? 
_pdbx_initial_refinement_model.type             'experimental model' 
_pdbx_initial_refinement_model.source_name      Other 
_pdbx_initial_refinement_model.details          
'Not fully refined model after structure determination by SAD with potassium tetranitroplatinate(II)-soaked crystals.' 
# 
_atom_sites.entry_id                    4E61 
_atom_sites.fract_transf_matrix[1][1]   -0.01882531 
_atom_sites.fract_transf_matrix[1][2]   0.02731877 
_atom_sites.fract_transf_matrix[1][3]   -0.01322185 
_atom_sites.fract_transf_matrix[2][1]   -0.01209504 
_atom_sites.fract_transf_matrix[2][2]   -0.01491512 
_atom_sites.fract_transf_matrix[2][3]   -0.01359643 
_atom_sites.fract_transf_matrix[3][1]   -0.00676047 
_atom_sites.fract_transf_matrix[3][2]   -0.00109729 
_atom_sites.fract_transf_matrix[3][3]   0.00721765 
_atom_sites.fract_transf_vector[1]      -0.250338 
_atom_sites.fract_transf_vector[2]      -0.219697 
_atom_sites.fract_transf_vector[3]      -0.312033 
# 
loop_
_atom_type.symbol 
C 
N 
O 
# 
loop_
_atom_site.group_PDB 
_atom_site.id 
_atom_site.type_symbol 
_atom_site.label_atom_id 
_atom_site.label_alt_id 
_atom_site.label_comp_id 
_atom_site.label_asym_id 
_atom_site.label_entity_id 
_atom_site.label_seq_id 
_atom_site.pdbx_PDB_ins_code 
_atom_site.Cartn_x 
_atom_site.Cartn_y 
_atom_site.Cartn_z 
_atom_site.occupancy 
_atom_site.B_iso_or_equiv 
_atom_site.pdbx_formal_charge 
_atom_site.auth_seq_id 
_atom_site.auth_comp_id 
_atom_site.auth_asym_id 
_atom_site.auth_atom_id 
_atom_site.pdbx_PDB_model_num 
ATOM 1    N N   . GLY A 1 1   ? 48.028  17.652  -20.646 1.00 49.26  ? 1   GLY A N   1 
ATOM 2    C CA  . GLY A 1 1   ? 47.569  18.192  -21.920 1.00 49.25  ? 1   GLY A CA  1 
ATOM 3    C C   . GLY A 1 1   ? 46.274  17.572  -22.408 1.00 52.65  ? 1   GLY A C   1 
ATOM 4    O O   . GLY A 1 1   ? 45.460  17.152  -21.580 1.00 52.43  ? 1   GLY A O   1 
ATOM 5    N N   . PRO A 1 2   ? 46.041  17.502  -23.750 1.00 47.67  ? 2   PRO A N   1 
ATOM 6    C CA  . PRO A 1 2   ? 44.766  16.937  -24.254 1.00 46.29  ? 2   PRO A CA  1 
ATOM 7    C C   . PRO A 1 2   ? 44.445  15.517  -23.800 1.00 51.34  ? 2   PRO A C   1 
ATOM 8    O O   . PRO A 1 2   ? 43.283  15.248  -23.514 1.00 51.27  ? 2   PRO A O   1 
ATOM 9    C CB  . PRO A 1 2   ? 44.902  17.019  -25.775 1.00 47.39  ? 2   PRO A CB  1 
ATOM 10   C CG  . PRO A 1 2   ? 45.913  18.059  -25.994 1.00 51.72  ? 2   PRO A CG  1 
ATOM 11   C CD  . PRO A 1 2   ? 46.877  18.003  -24.859 1.00 47.68  ? 2   PRO A CD  1 
ATOM 12   N N   . LEU A 1 3   ? 45.451  14.615  -23.723 1.00 47.93  ? 3   LEU A N   1 
ATOM 13   C CA  . LEU A 1 3   ? 45.271  13.225  -23.295 1.00 48.16  ? 3   LEU A CA  1 
ATOM 14   C C   . LEU A 1 3   ? 44.787  13.111  -21.841 1.00 50.01  ? 3   LEU A C   1 
ATOM 15   O O   . LEU A 1 3   ? 43.884  12.338  -21.556 1.00 48.07  ? 3   LEU A O   1 
ATOM 16   C CB  . LEU A 1 3   ? 46.565  12.418  -23.517 1.00 48.75  ? 3   LEU A CB  1 
ATOM 17   C CG  . LEU A 1 3   ? 46.515  10.880  -23.547 1.00 54.25  ? 3   LEU A CG  1 
ATOM 18   C CD1 . LEU A 1 3   ? 46.538  10.244  -22.172 1.00 55.98  ? 3   LEU A CD1 1 
ATOM 19   C CD2 . LEU A 1 3   ? 45.407  10.363  -24.362 1.00 57.55  ? 3   LEU A CD2 1 
ATOM 20   N N   . GLY A 1 4   ? 45.373  13.904  -20.962 1.00 47.38  ? 4   GLY A N   1 
ATOM 21   C CA  . GLY A 1 4   ? 44.996  13.958  -19.556 1.00 47.15  ? 4   GLY A CA  1 
ATOM 22   C C   . GLY A 1 4   ? 43.557  14.382  -19.364 1.00 49.87  ? 4   GLY A C   1 
ATOM 23   O O   . GLY A 1 4   ? 42.807  13.732  -18.625 1.00 49.38  ? 4   GLY A O   1 
ATOM 24   N N   . SER A 1 5   ? 43.154  15.450  -20.073 1.00 45.20  ? 5   SER A N   1 
ATOM 25   C CA  . SER A 1 5   ? 41.783  15.949  -20.010 1.00 44.22  ? 5   SER A CA  1 
ATOM 26   C C   . SER A 1 5   ? 40.778  14.952  -20.646 1.00 46.06  ? 5   SER A C   1 
ATOM 27   O O   . SER A 1 5   ? 39.692  14.775  -20.114 1.00 44.94  ? 5   SER A O   1 
ATOM 28   C CB  . SER A 1 5   ? 41.690  17.351  -20.591 1.00 46.34  ? 5   SER A CB  1 
ATOM 29   O OG  . SER A 1 5   ? 41.868  17.323  -21.987 1.00 63.59  ? 5   SER A OG  1 
ATOM 30   N N   . LEU A 1 6   ? 41.188  14.237  -21.707 1.00 42.50  ? 6   LEU A N   1 
ATOM 31   C CA  . LEU A 1 6   ? 40.380  13.190  -22.327 1.00 43.02  ? 6   LEU A CA  1 
ATOM 32   C C   . LEU A 1 6   ? 40.145  12.027  -21.354 1.00 48.25  ? 6   LEU A C   1 
ATOM 33   O O   . LEU A 1 6   ? 39.025  11.524  -21.268 1.00 46.79  ? 6   LEU A O   1 
ATOM 34   C CB  . LEU A 1 6   ? 41.042  12.649  -23.606 1.00 43.41  ? 6   LEU A CB  1 
ATOM 35   C CG  . LEU A 1 6   ? 40.304  11.503  -24.272 1.00 46.90  ? 6   LEU A CG  1 
ATOM 36   C CD1 . LEU A 1 6   ? 39.037  12.000  -24.925 1.00 47.89  ? 6   LEU A CD1 1 
ATOM 37   C CD2 . LEU A 1 6   ? 41.191  10.793  -25.273 1.00 46.57  ? 6   LEU A CD2 1 
ATOM 38   N N   . VAL A 1 7   ? 41.205  11.614  -20.619 1.00 45.72  ? 7   VAL A N   1 
ATOM 39   C CA  . VAL A 1 7   ? 41.156  10.549  -19.618 1.00 45.41  ? 7   VAL A CA  1 
ATOM 40   C C   . VAL A 1 7   ? 40.221  10.954  -18.453 1.00 49.30  ? 7   VAL A C   1 
ATOM 41   O O   . VAL A 1 7   ? 39.351  10.165  -18.090 1.00 50.15  ? 7   VAL A O   1 
ATOM 42   C CB  . VAL A 1 7   ? 42.597  10.124  -19.171 1.00 49.37  ? 7   VAL A CB  1 
ATOM 43   C CG1 . VAL A 1 7   ? 42.576  9.266   -17.904 1.00 49.40  ? 7   VAL A CG1 1 
ATOM 44   C CG2 . VAL A 1 7   ? 43.340  9.402   -20.304 1.00 48.84  ? 7   VAL A CG2 1 
ATOM 45   N N   . ALA A 1 8   ? 40.373  12.185  -17.913 1.00 44.93  ? 8   ALA A N   1 
ATOM 46   C CA  . ALA A 1 8   ? 39.525  12.683  -16.824 1.00 45.33  ? 8   ALA A CA  1 
ATOM 47   C C   . ALA A 1 8   ? 38.038  12.769  -17.215 1.00 51.40  ? 8   ALA A C   1 
ATOM 48   O O   . ALA A 1 8   ? 37.191  12.394  -16.397 1.00 51.66  ? 8   ALA A O   1 
ATOM 49   C CB  . ALA A 1 8   ? 40.010  14.029  -16.339 1.00 45.70  ? 8   ALA A CB  1 
ATOM 50   N N   . ILE A 1 9   ? 37.717  13.215  -18.461 1.00 47.72  ? 9   ILE A N   1 
ATOM 51   C CA  . ILE A 1 9   ? 36.311  13.321  -18.862 1.00 47.50  ? 9   ILE A CA  1 
ATOM 52   C C   . ILE A 1 9   ? 35.676  11.975  -19.227 1.00 47.76  ? 9   ILE A C   1 
ATOM 53   O O   . ILE A 1 9   ? 34.491  11.773  -18.956 1.00 47.10  ? 9   ILE A O   1 
ATOM 54   C CB  . ILE A 1 9   ? 35.875  14.561  -19.715 1.00 51.42  ? 9   ILE A CB  1 
ATOM 55   C CG1 . ILE A 1 9   ? 35.673  14.308  -21.200 1.00 52.47  ? 9   ILE A CG1 1 
ATOM 56   C CG2 . ILE A 1 9   ? 36.699  15.801  -19.430 1.00 54.19  ? 9   ILE A CG2 1 
ATOM 57   C CD1 . ILE A 1 9   ? 36.878  14.071  -22.037 1.00 57.36  ? 9   ILE A CD1 1 
ATOM 58   N N   . GLN A 1 10  ? 36.484  11.037  -19.748 1.00 41.81  ? 10  GLN A N   1 
ATOM 59   C CA  . GLN A 1 10  ? 36.066  9.671   -20.038 1.00 40.91  ? 10  GLN A CA  1 
ATOM 60   C C   . GLN A 1 10  ? 35.722  8.930   -18.729 1.00 43.48  ? 10  GLN A C   1 
ATOM 61   O O   . GLN A 1 10  ? 34.772  8.137   -18.704 1.00 43.78  ? 10  GLN A O   1 
ATOM 62   C CB  . GLN A 1 10  ? 37.178  8.931   -20.796 1.00 42.86  ? 10  GLN A CB  1 
ATOM 63   C CG  . GLN A 1 10  ? 36.914  7.454   -21.116 1.00 55.96  ? 10  GLN A CG  1 
ATOM 64   C CD  . GLN A 1 10  ? 35.749  7.251   -22.043 1.00 67.20  ? 10  GLN A CD  1 
ATOM 65   O OE1 . GLN A 1 10  ? 34.647  6.885   -21.610 1.00 61.15  ? 10  GLN A OE1 1 
ATOM 66   N NE2 . GLN A 1 10  ? 35.960  7.513   -23.328 1.00 50.16  ? 10  GLN A NE2 1 
ATOM 67   N N   . ALA A 1 11  ? 36.497  9.192   -17.654 1.00 38.20  ? 11  ALA A N   1 
ATOM 68   C CA  . ALA A 1 11  ? 36.300  8.616   -16.333 1.00 38.46  ? 11  ALA A CA  1 
ATOM 69   C C   . ALA A 1 11  ? 34.989  9.130   -15.725 1.00 47.32  ? 11  ALA A C   1 
ATOM 70   O O   . ALA A 1 11  ? 34.228  8.333   -15.195 1.00 47.80  ? 11  ALA A O   1 
ATOM 71   C CB  . ALA A 1 11  ? 37.477  8.937   -15.432 1.00 38.73  ? 11  ALA A CB  1 
ATOM 72   N N   . GLU A 1 12  ? 34.707  10.446  -15.850 1.00 47.03  ? 12  GLU A N   1 
ATOM 73   C CA  . GLU A 1 12  ? 33.468  11.084  -15.392 1.00 48.57  ? 12  GLU A CA  1 
ATOM 74   C C   . GLU A 1 12  ? 32.271  10.478  -16.128 1.00 50.51  ? 12  GLU A C   1 
ATOM 75   O O   . GLU A 1 12  ? 31.224  10.240  -15.514 1.00 50.91  ? 12  GLU A O   1 
ATOM 76   C CB  . GLU A 1 12  ? 33.485  12.601  -15.679 1.00 51.08  ? 12  GLU A CB  1 
ATOM 77   C CG  . GLU A 1 12  ? 34.413  13.431  -14.800 1.00 74.06  ? 12  GLU A CG  1 
ATOM 78   C CD  . GLU A 1 12  ? 34.845  14.777  -15.375 1.00 115.90 ? 12  GLU A CD  1 
ATOM 79   O OE1 . GLU A 1 12  ? 33.962  15.583  -15.754 1.00 114.11 ? 12  GLU A OE1 1 
ATOM 80   O OE2 . GLU A 1 12  ? 36.071  15.038  -15.416 1.00 119.20 ? 12  GLU A OE2 1 
ATOM 81   N N   . LEU A 1 13  ? 32.435  10.218  -17.439 1.00 45.20  ? 13  LEU A N   1 
ATOM 82   C CA  . LEU A 1 13  ? 31.373  9.661   -18.270 1.00 45.14  ? 13  LEU A CA  1 
ATOM 83   C C   . LEU A 1 13  ? 31.019  8.226   -17.878 1.00 52.24  ? 13  LEU A C   1 
ATOM 84   O O   . LEU A 1 13  ? 29.834  7.935   -17.691 1.00 50.03  ? 13  LEU A O   1 
ATOM 85   C CB  . LEU A 1 13  ? 31.673  9.795   -19.776 1.00 44.67  ? 13  LEU A CB  1 
ATOM 86   C CG  . LEU A 1 13  ? 30.668  9.122   -20.749 1.00 48.47  ? 13  LEU A CG  1 
ATOM 87   C CD1 . LEU A 1 13  ? 29.241  9.712   -20.640 1.00 48.32  ? 13  LEU A CD1 1 
ATOM 88   C CD2 . LEU A 1 13  ? 31.183  9.129   -22.157 1.00 49.37  ? 13  LEU A CD2 1 
ATOM 89   N N   . THR A 1 14  ? 32.043  7.339   -17.723 1.00 51.76  ? 14  THR A N   1 
ATOM 90   C CA  . THR A 1 14  ? 31.787  5.951   -17.333 1.00 51.38  ? 14  THR A CA  1 
ATOM 91   C C   . THR A 1 14  ? 31.261  5.855   -15.903 1.00 53.41  ? 14  THR A C   1 
ATOM 92   O O   . THR A 1 14  ? 30.432  4.994   -15.620 1.00 52.93  ? 14  THR A O   1 
ATOM 93   C CB  . THR A 1 14  ? 32.930  4.982   -17.695 1.00 61.90  ? 14  THR A CB  1 
ATOM 94   O OG1 . THR A 1 14  ? 33.957  5.078   -16.737 1.00 67.28  ? 14  THR A OG1 1 
ATOM 95   C CG2 . THR A 1 14  ? 33.468  5.167   -19.115 1.00 56.43  ? 14  THR A CG2 1 
ATOM 96   N N   . LYS A 1 15  ? 31.680  6.785   -15.033 1.00 49.93  ? 15  LYS A N   1 
ATOM 97   C CA  . LYS A 1 15  ? 31.185  6.863   -13.661 1.00 50.21  ? 15  LYS A CA  1 
ATOM 98   C C   . LYS A 1 15  ? 29.728  7.301   -13.681 1.00 56.57  ? 15  LYS A C   1 
ATOM 99   O O   . LYS A 1 15  ? 28.954  6.767   -12.895 1.00 57.29  ? 15  LYS A O   1 
ATOM 100  C CB  . LYS A 1 15  ? 32.007  7.820   -12.797 1.00 52.17  ? 15  LYS A CB  1 
ATOM 101  C CG  . LYS A 1 15  ? 31.963  7.438   -11.320 1.00 71.72  ? 15  LYS A CG  1 
ATOM 102  C CD  . LYS A 1 15  ? 32.365  8.594   -10.445 1.00 91.03  ? 15  LYS A CD  1 
ATOM 103  C CE  . LYS A 1 15  ? 32.291  8.275   -8.971  1.00 109.15 ? 15  LYS A CE  1 
ATOM 104  N NZ  . LYS A 1 15  ? 32.482  9.501   -8.144  1.00 122.35 ? 15  LYS A NZ  1 
ATOM 105  N N   . SER A 1 16  ? 29.338  8.227   -14.605 1.00 52.64  ? 16  SER A N   1 
ATOM 106  C CA  . SER A 1 16  ? 27.945  8.668   -14.694 1.00 52.00  ? 16  SER A CA  1 
ATOM 107  C C   . SER A 1 16  ? 27.015  7.609   -15.322 1.00 54.23  ? 16  SER A C   1 
ATOM 108  O O   . SER A 1 16  ? 25.865  7.512   -14.907 1.00 53.01  ? 16  SER A O   1 
ATOM 109  C CB  . SER A 1 16  ? 27.815  10.050  -15.329 1.00 56.24  ? 16  SER A CB  1 
ATOM 110  O OG  . SER A 1 16  ? 27.936  10.018  -16.738 1.00 70.18  ? 16  SER A OG  1 
ATOM 111  N N   . GLN A 1 17  ? 27.541  6.758   -16.237 1.00 50.72  ? 17  GLN A N   1 
ATOM 112  C CA  . GLN A 1 17  ? 26.806  5.648   -16.845 1.00 50.76  ? 17  GLN A CA  1 
ATOM 113  C C   . GLN A 1 17  ? 26.528  4.548   -15.798 1.00 57.28  ? 17  GLN A C   1 
ATOM 114  O O   . GLN A 1 17  ? 25.554  3.793   -15.935 1.00 58.83  ? 17  GLN A O   1 
ATOM 115  C CB  . GLN A 1 17  ? 27.577  5.070   -18.043 1.00 51.87  ? 17  GLN A CB  1 
ATOM 116  C CG  . GLN A 1 17  ? 27.561  5.933   -19.323 1.00 58.69  ? 17  GLN A CG  1 
ATOM 117  C CD  . GLN A 1 17  ? 28.657  5.520   -20.318 1.00 74.63  ? 17  GLN A CD  1 
ATOM 118  O OE1 . GLN A 1 17  ? 29.725  4.989   -19.954 1.00 68.76  ? 17  GLN A OE1 1 
ATOM 119  N NE2 . GLN A 1 17  ? 28.438  5.774   -21.601 1.00 56.60  ? 17  GLN A NE2 1 
ATOM 120  N N   . GLU A 1 18  ? 27.382  4.467   -14.757 1.00 53.41  ? 18  GLU A N   1 
ATOM 121  C CA  . GLU A 1 18  ? 27.273  3.522   -13.644 1.00 52.84  ? 18  GLU A CA  1 
ATOM 122  C C   . GLU A 1 18  ? 26.208  4.001   -12.669 1.00 58.22  ? 18  GLU A C   1 
ATOM 123  O O   . GLU A 1 18  ? 25.506  3.172   -12.096 1.00 58.07  ? 18  GLU A O   1 
ATOM 124  C CB  . GLU A 1 18  ? 28.611  3.371   -12.915 1.00 54.12  ? 18  GLU A CB  1 
ATOM 125  C CG  . GLU A 1 18  ? 29.622  2.493   -13.632 1.00 68.17  ? 18  GLU A CG  1 
ATOM 126  C CD  . GLU A 1 18  ? 30.932  2.268   -12.894 1.00 96.56  ? 18  GLU A CD  1 
ATOM 127  O OE1 . GLU A 1 18  ? 31.143  2.890   -11.827 1.00 87.37  ? 18  GLU A OE1 1 
ATOM 128  O OE2 . GLU A 1 18  ? 31.747  1.457   -13.390 1.00 94.74  ? 18  GLU A OE2 1 
ATOM 129  N N   . THR A 1 19  ? 26.101  5.336   -12.453 1.00 56.07  ? 19  THR A N   1 
ATOM 130  C CA  . THR A 1 19  ? 25.060  5.897   -11.603 1.00 56.10  ? 19  THR A CA  1 
ATOM 131  C C   . THR A 1 19  ? 23.691  5.719   -12.296 1.00 60.05  ? 19  THR A C   1 
ATOM 132  O O   . THR A 1 19  ? 22.770  5.246   -11.636 1.00 60.57  ? 19  THR A O   1 
ATOM 133  C CB  . THR A 1 19  ? 25.382  7.261   -10.971 1.00 61.27  ? 19  THR A CB  1 
ATOM 134  O OG1 . THR A 1 19  ? 24.719  8.309   -11.647 1.00 66.09  ? 19  THR A OG1 1 
ATOM 135  C CG2 . THR A 1 19  ? 26.861  7.518   -10.723 1.00 55.94  ? 19  THR A CG2 1 
ATOM 136  N N   . ILE A 1 20  ? 23.583  5.951   -13.634 1.00 55.77  ? 20  ILE A N   1 
ATOM 137  C CA  . ILE A 1 20  ? 22.301  5.681   -14.300 1.00 55.83  ? 20  ILE A CA  1 
ATOM 138  C C   . ILE A 1 20  ? 21.890  4.209   -14.079 1.00 60.32  ? 20  ILE A C   1 
ATOM 139  O O   . ILE A 1 20  ? 20.760  3.963   -13.678 1.00 59.07  ? 20  ILE A O   1 
ATOM 140  C CB  . ILE A 1 20  ? 22.028  6.241   -15.743 1.00 58.39  ? 20  ILE A CB  1 
ATOM 141  C CG1 . ILE A 1 20  ? 21.876  5.158   -16.807 1.00 59.21  ? 20  ILE A CG1 1 
ATOM 142  C CG2 . ILE A 1 20  ? 22.904  7.402   -16.188 1.00 58.27  ? 20  ILE A CG2 1 
ATOM 143  C CD1 . ILE A 1 20  ? 20.521  5.090   -17.381 1.00 72.73  ? 20  ILE A CD1 1 
ATOM 144  N N   . GLY A 1 21  ? 22.856  3.288   -14.210 1.00 57.67  ? 21  GLY A N   1 
ATOM 145  C CA  . GLY A 1 21  ? 22.674  1.860   -13.974 1.00 57.09  ? 21  GLY A CA  1 
ATOM 146  C C   . GLY A 1 21  ? 22.103  1.555   -12.601 1.00 61.28  ? 21  GLY A C   1 
ATOM 147  O O   . GLY A 1 21  ? 21.119  0.821   -12.489 1.00 60.93  ? 21  GLY A O   1 
ATOM 148  N N   . SER A 1 22  ? 22.686  2.166   -11.554 1.00 58.04  ? 22  SER A N   1 
ATOM 149  C CA  . SER A 1 22  ? 22.227  2.003   -10.174 1.00 58.36  ? 22  SER A CA  1 
ATOM 150  C C   . SER A 1 22  ? 20.896  2.732   -9.876  1.00 63.61  ? 22  SER A C   1 
ATOM 151  O O   . SER A 1 22  ? 20.156  2.288   -8.996  1.00 64.29  ? 22  SER A O   1 
ATOM 152  C CB  . SER A 1 22  ? 23.320  2.376   -9.176  1.00 62.01  ? 22  SER A CB  1 
ATOM 153  O OG  . SER A 1 22  ? 23.337  3.766   -8.886  1.00 77.01  ? 22  SER A OG  1 
ATOM 154  N N   . LEU A 1 23  ? 20.596  3.840   -10.604 1.00 59.78  ? 23  LEU A N   1 
ATOM 155  C CA  . LEU A 1 23  ? 19.341  4.593   -10.450 1.00 58.82  ? 23  LEU A CA  1 
ATOM 156  C C   . LEU A 1 23  ? 18.195  3.823   -11.080 1.00 63.63  ? 23  LEU A C   1 
ATOM 157  O O   . LEU A 1 23  ? 17.074  3.897   -10.583 1.00 63.99  ? 23  LEU A O   1 
ATOM 158  C CB  . LEU A 1 23  ? 19.407  6.012   -11.048 1.00 58.40  ? 23  LEU A CB  1 
ATOM 159  C CG  . LEU A 1 23  ? 20.301  7.050   -10.368 1.00 62.21  ? 23  LEU A CG  1 
ATOM 160  C CD1 . LEU A 1 23  ? 20.317  8.351   -11.174 1.00 62.15  ? 23  LEU A CD1 1 
ATOM 161  C CD2 . LEU A 1 23  ? 19.884  7.314   -8.926  1.00 63.15  ? 23  LEU A CD2 1 
ATOM 162  N N   . ASN A 1 24  ? 18.470  3.076   -12.170 1.00 61.00  ? 24  ASN A N   1 
ATOM 163  C CA  . ASN A 1 24  ? 17.484  2.218   -12.834 1.00 61.49  ? 24  ASN A CA  1 
ATOM 164  C C   . ASN A 1 24  ? 17.107  1.037   -11.929 1.00 68.41  ? 24  ASN A C   1 
ATOM 165  O O   . ASN A 1 24  ? 15.942  0.647   -11.920 1.00 68.68  ? 24  ASN A O   1 
ATOM 166  C CB  . ASN A 1 24  ? 17.999  1.722   -14.188 1.00 59.76  ? 24  ASN A CB  1 
ATOM 167  C CG  . ASN A 1 24  ? 17.856  2.718   -15.317 1.00 76.89  ? 24  ASN A CG  1 
ATOM 168  O OD1 . ASN A 1 24  ? 17.125  3.711   -15.230 1.00 70.16  ? 24  ASN A OD1 1 
ATOM 169  N ND2 . ASN A 1 24  ? 18.530  2.452   -16.424 1.00 68.01  ? 24  ASN A ND2 1 
ATOM 170  N N   . GLU A 1 25  ? 18.081  0.504   -11.141 1.00 66.41  ? 25  GLU A N   1 
ATOM 171  C CA  . GLU A 1 25  ? 17.887  -0.585  -10.178 1.00 66.78  ? 25  GLU A CA  1 
ATOM 172  C C   . GLU A 1 25  ? 16.957  -0.112  -9.072  1.00 70.94  ? 25  GLU A C   1 
ATOM 173  O O   . GLU A 1 25  ? 16.022  -0.837  -8.723  1.00 70.79  ? 25  GLU A O   1 
ATOM 174  C CB  . GLU A 1 25  ? 19.222  -1.084  -9.585  1.00 68.51  ? 25  GLU A CB  1 
ATOM 175  C CG  . GLU A 1 25  ? 20.242  -1.594  -10.597 1.00 85.95  ? 25  GLU A CG  1 
ATOM 176  C CD  . GLU A 1 25  ? 19.911  -2.843  -11.394 1.00 122.41 ? 25  GLU A CD  1 
ATOM 177  O OE1 . GLU A 1 25  ? 20.635  -3.852  -11.229 1.00 126.24 ? 25  GLU A OE1 1 
ATOM 178  O OE2 . GLU A 1 25  ? 18.975  -2.800  -12.227 1.00 121.89 ? 25  GLU A OE2 1 
ATOM 179  N N   . GLU A 1 26  ? 17.183  1.127   -8.561  1.00 67.23  ? 26  GLU A N   1 
ATOM 180  C CA  . GLU A 1 26  ? 16.339  1.770   -7.542  1.00 66.69  ? 26  GLU A CA  1 
ATOM 181  C C   . GLU A 1 26  ? 14.901  1.907   -8.037  1.00 69.26  ? 26  GLU A C   1 
ATOM 182  O O   . GLU A 1 26  ? 13.992  1.547   -7.306  1.00 68.63  ? 26  GLU A O   1 
ATOM 183  C CB  . GLU A 1 26  ? 16.879  3.146   -7.164  1.00 68.03  ? 26  GLU A CB  1 
ATOM 184  C CG  . GLU A 1 26  ? 17.957  3.096   -6.103  1.00 79.30  ? 26  GLU A CG  1 
ATOM 185  C CD  . GLU A 1 26  ? 18.204  4.411   -5.392  1.00 102.62 ? 26  GLU A CD  1 
ATOM 186  O OE1 . GLU A 1 26  ? 17.216  5.107   -5.061  1.00 97.98  ? 26  GLU A OE1 1 
ATOM 187  O OE2 . GLU A 1 26  ? 19.389  4.728   -5.136  1.00 97.09  ? 26  GLU A OE2 1 
ATOM 188  N N   . ILE A 1 27  ? 14.703  2.379   -9.295  1.00 65.55  ? 27  ILE A N   1 
ATOM 189  C CA  . ILE A 1 27  ? 13.381  2.525   -9.917  1.00 65.01  ? 27  ILE A CA  1 
ATOM 190  C C   . ILE A 1 27  ? 12.632  1.188   -9.980  1.00 68.45  ? 27  ILE A C   1 
ATOM 191  O O   . ILE A 1 27  ? 11.458  1.137   -9.595  1.00 67.32  ? 27  ILE A O   1 
ATOM 192  C CB  . ILE A 1 27  ? 13.430  3.322   -11.246 1.00 67.54  ? 27  ILE A CB  1 
ATOM 193  C CG1 . ILE A 1 27  ? 13.511  4.832   -10.932 1.00 67.85  ? 27  ILE A CG1 1 
ATOM 194  C CG2 . ILE A 1 27  ? 12.235  3.005   -12.174 1.00 66.77  ? 27  ILE A CG2 1 
ATOM 195  C CD1 . ILE A 1 27  ? 14.401  5.619   -11.851 1.00 74.28  ? 27  ILE A CD1 1 
ATOM 196  N N   . GLU A 1 28  ? 13.333  0.105   -10.388 1.00 64.98  ? 28  GLU A N   1 
ATOM 197  C CA  . GLU A 1 28  ? 12.774  -1.252  -10.431 1.00 64.95  ? 28  GLU A CA  1 
ATOM 198  C C   . GLU A 1 28  ? 12.416  -1.724  -9.009  1.00 67.88  ? 28  GLU A C   1 
ATOM 199  O O   . GLU A 1 28  ? 11.384  -2.360  -8.834  1.00 67.36  ? 28  GLU A O   1 
ATOM 200  C CB  . GLU A 1 28  ? 13.708  -2.246  -11.151 1.00 66.52  ? 28  GLU A CB  1 
ATOM 201  C CG  . GLU A 1 28  ? 13.755  -2.077  -12.667 1.00 78.65  ? 28  GLU A CG  1 
ATOM 202  C CD  . GLU A 1 28  ? 12.453  -2.281  -13.420 1.00 103.03 ? 28  GLU A CD  1 
ATOM 203  O OE1 . GLU A 1 28  ? 11.904  -1.280  -13.936 1.00 97.99  ? 28  GLU A OE1 1 
ATOM 204  O OE2 . GLU A 1 28  ? 11.989  -3.441  -13.508 1.00 100.71 ? 28  GLU A OE2 1 
ATOM 205  N N   . GLN A 1 29  ? 13.219  -1.330  -7.994  1.00 63.31  ? 29  GLN A N   1 
ATOM 206  C CA  . GLN A 1 29  ? 12.950  -1.624  -6.590  1.00 62.70  ? 29  GLN A CA  1 
ATOM 207  C C   . GLN A 1 29  ? 11.655  -0.910  -6.149  1.00 65.32  ? 29  GLN A C   1 
ATOM 208  O O   . GLN A 1 29  ? 10.763  -1.568  -5.601  1.00 64.62  ? 29  GLN A O   1 
ATOM 209  C CB  . GLN A 1 29  ? 14.130  -1.191  -5.700  1.00 63.93  ? 29  GLN A CB  1 
ATOM 210  C CG  . GLN A 1 29  ? 14.792  -2.337  -4.952  1.00 85.05  ? 29  GLN A CG  1 
ATOM 211  C CD  . GLN A 1 29  ? 15.946  -2.927  -5.717  1.00 113.92 ? 29  GLN A CD  1 
ATOM 212  O OE1 . GLN A 1 29  ? 17.114  -2.604  -5.463  1.00 109.64 ? 29  GLN A OE1 1 
ATOM 213  N NE2 . GLN A 1 29  ? 15.646  -3.816  -6.664  1.00 109.72 ? 29  GLN A NE2 1 
ATOM 214  N N   . TYR A 1 30  ? 11.541  0.418   -6.449  1.00 60.13  ? 30  TYR A N   1 
ATOM 215  C CA  . TYR A 1 30  ? 10.388  1.278   -6.137  1.00 58.63  ? 30  TYR A CA  1 
ATOM 216  C C   . TYR A 1 30  ? 9.115   0.821   -6.820  1.00 62.48  ? 30  TYR A C   1 
ATOM 217  O O   . TYR A 1 30  ? 8.052   0.873   -6.207  1.00 62.73  ? 30  TYR A O   1 
ATOM 218  C CB  . TYR A 1 30  ? 10.661  2.754   -6.432  1.00 59.23  ? 30  TYR A CB  1 
ATOM 219  C CG  . TYR A 1 30  ? 11.430  3.470   -5.337  1.00 60.89  ? 30  TYR A CG  1 
ATOM 220  C CD1 . TYR A 1 30  ? 10.847  3.721   -4.096  1.00 62.22  ? 30  TYR A CD1 1 
ATOM 221  C CD2 . TYR A 1 30  ? 12.724  3.942   -5.558  1.00 61.69  ? 30  TYR A CD2 1 
ATOM 222  C CE1 . TYR A 1 30  ? 11.551  4.382   -3.089  1.00 63.41  ? 30  TYR A CE1 1 
ATOM 223  C CE2 . TYR A 1 30  ? 13.432  4.614   -4.564  1.00 62.82  ? 30  TYR A CE2 1 
ATOM 224  C CZ  . TYR A 1 30  ? 12.845  4.831   -3.329  1.00 71.35  ? 30  TYR A CZ  1 
ATOM 225  O OH  . TYR A 1 30  ? 13.564  5.490   -2.355  1.00 71.20  ? 30  TYR A OH  1 
ATOM 226  N N   . LYS A 1 31  ? 9.221   0.351   -8.079  1.00 59.32  ? 31  LYS A N   1 
ATOM 227  C CA  . LYS A 1 31  ? 8.095   -0.189  -8.854  1.00 59.31  ? 31  LYS A CA  1 
ATOM 228  C C   . LYS A 1 31  ? 7.554   -1.462  -8.166  1.00 63.27  ? 31  LYS A C   1 
ATOM 229  O O   . LYS A 1 31  ? 6.347   -1.683  -8.152  1.00 63.70  ? 31  LYS A O   1 
ATOM 230  C CB  . LYS A 1 31  ? 8.531   -0.523  -10.290 1.00 61.80  ? 31  LYS A CB  1 
ATOM 231  C CG  . LYS A 1 31  ? 8.596   0.666   -11.245 1.00 77.69  ? 31  LYS A CG  1 
ATOM 232  C CD  . LYS A 1 31  ? 9.138   0.210   -12.601 1.00 86.48  ? 31  LYS A CD  1 
ATOM 233  C CE  . LYS A 1 31  ? 9.146   1.287   -13.653 1.00 92.84  ? 31  LYS A CE  1 
ATOM 234  N NZ  . LYS A 1 31  ? 9.733   0.792   -14.924 1.00 100.18 ? 31  LYS A NZ  1 
ATOM 235  N N   . GLY A 1 32  ? 8.469   -2.259  -7.611  1.00 58.59  ? 32  GLY A N   1 
ATOM 236  C CA  . GLY A 1 32  ? 8.207   -3.477  -6.862  1.00 57.72  ? 32  GLY A CA  1 
ATOM 237  C C   . GLY A 1 32  ? 7.556   -3.172  -5.527  1.00 62.15  ? 32  GLY A C   1 
ATOM 238  O O   . GLY A 1 32  ? 6.661   -3.906  -5.112  1.00 61.95  ? 32  GLY A O   1 
ATOM 239  N N   . THR A 1 33  ? 7.984   -2.088  -4.841  1.00 58.28  ? 33  THR A N   1 
ATOM 240  C CA  . THR A 1 33  ? 7.366   -1.694  -3.575  1.00 58.80  ? 33  THR A CA  1 
ATOM 241  C C   . THR A 1 33  ? 5.966   -1.088  -3.749  1.00 63.80  ? 33  THR A C   1 
ATOM 242  O O   . THR A 1 33  ? 5.114   -1.328  -2.897  1.00 64.33  ? 33  THR A O   1 
ATOM 243  C CB  . THR A 1 33  ? 8.307   -1.031  -2.530  1.00 71.91  ? 33  THR A CB  1 
ATOM 244  O OG1 . THR A 1 33  ? 7.534   -0.239  -1.616  1.00 74.87  ? 33  THR A OG1 1 
ATOM 245  C CG2 . THR A 1 33  ? 9.353   -0.159  -3.131  1.00 73.50  ? 33  THR A CG2 1 
ATOM 246  N N   . VAL A 1 34  ? 5.712   -0.356  -4.856  1.00 59.33  ? 34  VAL A N   1 
ATOM 247  C CA  . VAL A 1 34  ? 4.392   0.228   -5.143  1.00 57.88  ? 34  VAL A CA  1 
ATOM 248  C C   . VAL A 1 34  ? 3.413   -0.923  -5.475  1.00 61.45  ? 34  VAL A C   1 
ATOM 249  O O   . VAL A 1 34  ? 2.295   -0.950  -4.950  1.00 61.90  ? 34  VAL A O   1 
ATOM 250  C CB  . VAL A 1 34  ? 4.441   1.331   -6.250  1.00 59.55  ? 34  VAL A CB  1 
ATOM 251  C CG1 . VAL A 1 34  ? 3.045   1.654   -6.786  1.00 58.49  ? 34  VAL A CG1 1 
ATOM 252  C CG2 . VAL A 1 34  ? 5.121   2.596   -5.736  1.00 58.81  ? 34  VAL A CG2 1 
ATOM 253  N N   . SER A 1 35  ? 3.869   -1.882  -6.308  1.00 56.16  ? 35  SER A N   1 
ATOM 254  C CA  . SER A 1 35  ? 3.118   -3.071  -6.723  1.00 54.84  ? 35  SER A CA  1 
ATOM 255  C C   . SER A 1 35  ? 2.674   -3.937  -5.520  1.00 56.39  ? 35  SER A C   1 
ATOM 256  O O   . SER A 1 35  ? 1.513   -4.335  -5.492  1.00 55.90  ? 35  SER A O   1 
ATOM 257  C CB  . SER A 1 35  ? 3.934   -3.908  -7.702  1.00 56.94  ? 35  SER A CB  1 
ATOM 258  O OG  . SER A 1 35  ? 3.146   -4.959  -8.228  1.00 67.80  ? 35  SER A OG  1 
ATOM 259  N N   . THR A 1 36  ? 3.571   -4.194  -4.530  1.00 50.52  ? 36  THR A N   1 
ATOM 260  C CA  . THR A 1 36  ? 3.254   -4.964  -3.323  1.00 49.87  ? 36  THR A CA  1 
ATOM 261  C C   . THR A 1 36  ? 2.166   -4.230  -2.498  1.00 52.97  ? 36  THR A C   1 
ATOM 262  O O   . THR A 1 36  ? 1.186   -4.863  -2.091  1.00 52.04  ? 36  THR A O   1 
ATOM 263  C CB  . THR A 1 36  ? 4.519   -5.318  -2.499  1.00 59.60  ? 36  THR A CB  1 
ATOM 264  O OG1 . THR A 1 36  ? 5.305   -6.285  -3.181  1.00 65.92  ? 36  THR A OG1 1 
ATOM 265  C CG2 . THR A 1 36  ? 4.200   -5.830  -1.121  1.00 57.33  ? 36  THR A CG2 1 
ATOM 266  N N   . LEU A 1 37  ? 2.337   -2.910  -2.287  1.00 48.41  ? 37  LEU A N   1 
ATOM 267  C CA  . LEU A 1 37  ? 1.408   -2.071  -1.551  1.00 48.26  ? 37  LEU A CA  1 
ATOM 268  C C   . LEU A 1 37  ? 0.029   -2.020  -2.220  1.00 52.13  ? 37  LEU A C   1 
ATOM 269  O O   . LEU A 1 37  ? -0.993  -2.016  -1.521  1.00 51.58  ? 37  LEU A O   1 
ATOM 270  C CB  . LEU A 1 37  ? 1.981   -0.662  -1.341  1.00 48.71  ? 37  LEU A CB  1 
ATOM 271  C CG  . LEU A 1 37  ? 3.135   -0.521  -0.335  1.00 54.10  ? 37  LEU A CG  1 
ATOM 272  C CD1 . LEU A 1 37  ? 3.894   0.789   -0.559  1.00 54.78  ? 37  LEU A CD1 1 
ATOM 273  C CD2 . LEU A 1 37  ? 2.636   -0.590  1.109   1.00 57.32  ? 37  LEU A CD2 1 
ATOM 274  N N   . GLU A 1 38  ? -0.006  -2.045  -3.560  1.00 48.78  ? 38  GLU A N   1 
ATOM 275  C CA  . GLU A 1 38  ? -1.263  -2.045  -4.319  1.00 49.22  ? 38  GLU A CA  1 
ATOM 276  C C   . GLU A 1 38  ? -1.965  -3.407  -4.302  1.00 51.08  ? 38  GLU A C   1 
ATOM 277  O O   . GLU A 1 38  ? -3.196  -3.460  -4.356  1.00 50.17  ? 38  GLU A O   1 
ATOM 278  C CB  . GLU A 1 38  ? -1.049  -1.547  -5.757  1.00 50.81  ? 38  GLU A CB  1 
ATOM 279  C CG  . GLU A 1 38  ? -0.851  -0.040  -5.821  1.00 64.07  ? 38  GLU A CG  1 
ATOM 280  C CD  . GLU A 1 38  ? -0.453  0.544   -7.164  1.00 90.74  ? 38  GLU A CD  1 
ATOM 281  O OE1 . GLU A 1 38  ? -0.062  -0.229  -8.070  1.00 77.76  ? 38  GLU A OE1 1 
ATOM 282  O OE2 . GLU A 1 38  ? -0.517  1.787   -7.301  1.00 91.19  ? 38  GLU A OE2 1 
ATOM 283  N N   . ILE A 1 39  ? -1.180  -4.504  -4.215  1.00 46.24  ? 39  ILE A N   1 
ATOM 284  C CA  . ILE A 1 39  ? -1.698  -5.875  -4.124  1.00 43.93  ? 39  ILE A CA  1 
ATOM 285  C C   . ILE A 1 39  ? -2.322  -6.071  -2.748  1.00 42.42  ? 39  ILE A C   1 
ATOM 286  O O   . ILE A 1 39  ? -3.412  -6.620  -2.697  1.00 42.02  ? 39  ILE A O   1 
ATOM 287  C CB  . ILE A 1 39  ? -0.650  -6.964  -4.488  1.00 46.61  ? 39  ILE A CB  1 
ATOM 288  C CG1 . ILE A 1 39  ? -0.323  -6.938  -6.003  1.00 46.13  ? 39  ILE A CG1 1 
ATOM 289  C CG2 . ILE A 1 39  ? -1.126  -8.357  -4.069  1.00 46.51  ? 39  ILE A CG2 1 
ATOM 290  C CD1 . ILE A 1 39  ? 1.046   -7.611  -6.357  1.00 43.20  ? 39  ILE A CD1 1 
ATOM 291  N N   . GLU A 1 40  ? -1.665  -5.569  -1.656  1.00 35.54  ? 40  GLU A N   1 
ATOM 292  C CA  . GLU A 1 40  ? -2.143  -5.622  -0.271  1.00 34.73  ? 40  GLU A CA  1 
ATOM 293  C C   . GLU A 1 40  ? -3.485  -4.939  -0.171  1.00 41.45  ? 40  GLU A C   1 
ATOM 294  O O   . GLU A 1 40  ? -4.441  -5.503  0.375   1.00 41.77  ? 40  GLU A O   1 
ATOM 295  C CB  . GLU A 1 40  ? -1.187  -4.897  0.670   1.00 35.51  ? 40  GLU A CB  1 
ATOM 296  C CG  . GLU A 1 40  ? 0.068   -5.655  1.039   1.00 47.60  ? 40  GLU A CG  1 
ATOM 297  C CD  . GLU A 1 40  ? 1.005   -4.957  2.007   1.00 68.02  ? 40  GLU A CD  1 
ATOM 298  O OE1 . GLU A 1 40  ? 1.836   -5.658  2.628   1.00 68.92  ? 40  GLU A OE1 1 
ATOM 299  O OE2 . GLU A 1 40  ? 0.898   -3.719  2.166   1.00 62.26  ? 40  GLU A OE2 1 
ATOM 300  N N   . ARG A 1 41  ? -3.539  -3.739  -0.723  1.00 39.74  ? 41  ARG A N   1 
ATOM 301  C CA  . ARG A 1 41  ? -4.667  -2.844  -0.792  1.00 41.25  ? 41  ARG A CA  1 
ATOM 302  C C   . ARG A 1 41  ? -5.903  -3.497  -1.397  1.00 46.99  ? 41  ARG A C   1 
ATOM 303  O O   . ARG A 1 41  ? -6.971  -3.453  -0.779  1.00 47.16  ? 41  ARG A O   1 
ATOM 304  C CB  . ARG A 1 41  ? -4.248  -1.630  -1.596  1.00 44.81  ? 41  ARG A CB  1 
ATOM 305  C CG  . ARG A 1 41  ? -4.786  -0.330  -1.046  1.00 57.83  ? 41  ARG A CG  1 
ATOM 306  C CD  . ARG A 1 41  ? -5.846  0.237   -1.953  1.00 64.61  ? 41  ARG A CD  1 
ATOM 307  N NE  . ARG A 1 41  ? -5.374  0.483   -3.319  1.00 74.55  ? 41  ARG A NE  1 
ATOM 308  C CZ  . ARG A 1 41  ? -4.710  1.568   -3.701  1.00 75.18  ? 41  ARG A CZ  1 
ATOM 309  N NH1 . ARG A 1 41  ? -4.395  2.508   -2.819  1.00 54.60  ? 41  ARG A NH1 1 
ATOM 310  N NH2 . ARG A 1 41  ? -4.346  1.715   -4.968  1.00 53.23  ? 41  ARG A NH2 1 
ATOM 311  N N   . GLU A 1 42  ? -5.754  -4.140  -2.568  1.00 43.15  ? 42  GLU A N   1 
ATOM 312  C CA  . GLU A 1 42  ? -6.864  -4.830  -3.222  1.00 43.56  ? 42  GLU A CA  1 
ATOM 313  C C   . GLU A 1 42  ? -7.408  -5.956  -2.326  1.00 48.59  ? 42  GLU A C   1 
ATOM 314  O O   . GLU A 1 42  ? -8.617  -6.125  -2.229  1.00 50.08  ? 42  GLU A O   1 
ATOM 315  C CB  . GLU A 1 42  ? -6.441  -5.379  -4.602  1.00 44.77  ? 42  GLU A CB  1 
ATOM 316  N N   . PHE A 1 43  ? -6.518  -6.677  -1.637  1.00 44.18  ? 43  PHE A N   1 
ATOM 317  C CA  . PHE A 1 43  ? -6.871  -7.777  -0.749  1.00 43.77  ? 43  PHE A CA  1 
ATOM 318  C C   . PHE A 1 43  ? -7.600  -7.286  0.511   1.00 45.11  ? 43  PHE A C   1 
ATOM 319  O O   . PHE A 1 43  ? -8.663  -7.804  0.843   1.00 44.82  ? 43  PHE A O   1 
ATOM 320  C CB  . PHE A 1 43  ? -5.631  -8.631  -0.460  1.00 46.38  ? 43  PHE A CB  1 
ATOM 321  C CG  . PHE A 1 43  ? -5.828  -9.807  0.461   1.00 49.26  ? 43  PHE A CG  1 
ATOM 322  C CD1 . PHE A 1 43  ? -6.597  -10.909 0.074   1.00 52.22  ? 43  PHE A CD1 1 
ATOM 323  C CD2 . PHE A 1 43  ? -5.223  -9.835  1.704   1.00 53.01  ? 43  PHE A CD2 1 
ATOM 324  C CE1 . PHE A 1 43  ? -6.768  -12.003 0.927   1.00 53.30  ? 43  PHE A CE1 1 
ATOM 325  C CE2 . PHE A 1 43  ? -5.362  -10.947 2.539   1.00 56.09  ? 43  PHE A CE2 1 
ATOM 326  C CZ  . PHE A 1 43  ? -6.107  -12.036 2.128   1.00 53.69  ? 43  PHE A CZ  1 
ATOM 327  N N   . TYR A 1 44  ? -7.065  -6.252  1.173   1.00 41.10  ? 44  TYR A N   1 
ATOM 328  C CA  . TYR A 1 44  ? -7.724  -5.703  2.353   1.00 41.29  ? 44  TYR A CA  1 
ATOM 329  C C   . TYR A 1 44  ? -9.006  -4.904  2.045   1.00 42.92  ? 44  TYR A C   1 
ATOM 330  O O   . TYR A 1 44  ? -9.946  -4.955  2.845   1.00 43.26  ? 44  TYR A O   1 
ATOM 331  C CB  . TYR A 1 44  ? -6.760  -5.092  3.409   1.00 42.78  ? 44  TYR A CB  1 
ATOM 332  C CG  . TYR A 1 44  ? -6.037  -3.814  3.038   1.00 45.12  ? 44  TYR A CG  1 
ATOM 333  C CD1 . TYR A 1 44  ? -6.730  -2.613  2.894   1.00 47.05  ? 44  TYR A CD1 1 
ATOM 334  C CD2 . TYR A 1 44  ? -4.647  -3.768  2.987   1.00 46.18  ? 44  TYR A CD2 1 
ATOM 335  C CE1 . TYR A 1 44  ? -6.068  -1.428  2.576   1.00 48.48  ? 44  TYR A CE1 1 
ATOM 336  C CE2 . TYR A 1 44  ? -3.969  -2.582  2.685   1.00 46.88  ? 44  TYR A CE2 1 
ATOM 337  C CZ  . TYR A 1 44  ? -4.685  -1.409  2.494   1.00 53.30  ? 44  TYR A CZ  1 
ATOM 338  O OH  . TYR A 1 44  ? -4.035  -0.228  2.186   1.00 53.73  ? 44  TYR A OH  1 
ATOM 339  N N   . PHE A 1 45  ? -9.099  -4.296  0.834   1.00 36.71  ? 45  PHE A N   1 
ATOM 340  C CA  . PHE A 1 45  ? -10.328 -3.627  0.378   1.00 36.63  ? 45  PHE A CA  1 
ATOM 341  C C   . PHE A 1 45  ? -11.436 -4.634  0.133   1.00 40.52  ? 45  PHE A C   1 
ATOM 342  O O   . PHE A 1 45  ? -12.579 -4.379  0.545   1.00 40.86  ? 45  PHE A O   1 
ATOM 343  C CB  . PHE A 1 45  ? -10.110 -2.735  -0.860  1.00 38.53  ? 45  PHE A CB  1 
ATOM 344  C CG  . PHE A 1 45  ? -9.648  -1.326  -0.547  1.00 40.38  ? 45  PHE A CG  1 
ATOM 345  C CD1 . PHE A 1 45  ? -9.489  -0.902  0.766   1.00 44.13  ? 45  PHE A CD1 1 
ATOM 346  C CD2 . PHE A 1 45  ? -9.398  -0.420  -1.563  1.00 43.91  ? 45  PHE A CD2 1 
ATOM 347  C CE1 . PHE A 1 45  ? -9.059  0.397   1.052   1.00 45.52  ? 45  PHE A CE1 1 
ATOM 348  C CE2 . PHE A 1 45  ? -9.002  0.894   -1.272  1.00 46.63  ? 45  PHE A CE2 1 
ATOM 349  C CZ  . PHE A 1 45  ? -8.800  1.282   0.034   1.00 43.99  ? 45  PHE A CZ  1 
ATOM 350  N N   . ASN A 1 46  ? -11.084 -5.810  -0.470  1.00 35.69  ? 46  ASN A N   1 
ATOM 351  C CA  . ASN A 1 46  ? -12.007 -6.912  -0.707  1.00 35.40  ? 46  ASN A CA  1 
ATOM 352  C C   . ASN A 1 46  ? -12.642 -7.447  0.587   1.00 39.15  ? 46  ASN A C   1 
ATOM 353  O O   . ASN A 1 46  ? -13.829 -7.760  0.603   1.00 36.49  ? 46  ASN A O   1 
ATOM 354  C CB  . ASN A 1 46  ? -11.333 -8.047  -1.462  1.00 36.36  ? 46  ASN A CB  1 
ATOM 355  C CG  . ASN A 1 46  ? -11.378 -7.915  -2.946  1.00 61.99  ? 46  ASN A CG  1 
ATOM 356  O OD1 . ASN A 1 46  ? -12.357 -7.417  -3.514  1.00 63.72  ? 46  ASN A OD1 1 
ATOM 357  N ND2 . ASN A 1 46  ? -10.321 -8.392  -3.612  1.00 49.82  ? 46  ASN A ND2 1 
ATOM 358  N N   . LYS A 1 47  ? -11.841 -7.545  1.665   1.00 37.14  ? 47  LYS A N   1 
ATOM 359  C CA  . LYS A 1 47  ? -12.290 -8.007  2.964   1.00 36.03  ? 47  LYS A CA  1 
ATOM 360  C C   . LYS A 1 47  ? -13.254 -7.009  3.572   1.00 40.44  ? 47  LYS A C   1 
ATOM 361  O O   . LYS A 1 47  ? -14.243 -7.439  4.138   1.00 41.07  ? 47  LYS A O   1 
ATOM 362  C CB  . LYS A 1 47  ? -11.101 -8.205  3.907   1.00 36.91  ? 47  LYS A CB  1 
ATOM 363  C CG  . LYS A 1 47  ? -10.180 -9.310  3.496   1.00 35.85  ? 47  LYS A CG  1 
ATOM 364  C CD  . LYS A 1 47  ? -9.289  -9.648  4.654   1.00 39.54  ? 47  LYS A CD  1 
ATOM 365  C CE  . LYS A 1 47  ? -8.448  -10.851 4.326   1.00 46.89  ? 47  LYS A CE  1 
ATOM 366  N NZ  . LYS A 1 47  ? -9.274  -12.017 3.896   1.00 50.73  ? 47  LYS A NZ  1 
ATOM 367  N N   . LEU A 1 48  ? -12.975 -5.699  3.460   1.00 37.79  ? 48  LEU A N   1 
ATOM 368  C CA  . LEU A 1 48  ? -13.846 -4.628  3.983   1.00 37.61  ? 48  LEU A CA  1 
ATOM 369  C C   . LEU A 1 48  ? -15.197 -4.626  3.276   1.00 41.50  ? 48  LEU A C   1 
ATOM 370  O O   . LEU A 1 48  ? -16.242 -4.479  3.932   1.00 40.20  ? 48  LEU A O   1 
ATOM 371  C CB  . LEU A 1 48  ? -13.158 -3.255  3.842   1.00 37.12  ? 48  LEU A CB  1 
ATOM 372  C CG  . LEU A 1 48  ? -12.006 -3.018  4.841   1.00 41.43  ? 48  LEU A CG  1 
ATOM 373  C CD1 . LEU A 1 48  ? -11.048 -1.951  4.325   1.00 40.70  ? 48  LEU A CD1 1 
ATOM 374  C CD2 . LEU A 1 48  ? -12.535 -2.717  6.297   1.00 38.91  ? 48  LEU A CD2 1 
ATOM 375  N N   . ARG A 1 49  ? -15.161 -4.818  1.937   1.00 39.46  ? 49  ARG A N   1 
ATOM 376  C CA  . ARG A 1 49  ? -16.327 -4.906  1.069   1.00 41.09  ? 49  ARG A CA  1 
ATOM 377  C C   . ARG A 1 49  ? -17.230 -6.085  1.527   1.00 45.98  ? 49  ARG A C   1 
ATOM 378  O O   . ARG A 1 49  ? -18.427 -5.874  1.768   1.00 47.41  ? 49  ARG A O   1 
ATOM 379  C CB  . ARG A 1 49  ? -15.871 -5.045  -0.388  1.00 44.99  ? 49  ARG A CB  1 
ATOM 380  C CG  . ARG A 1 49  ? -16.988 -5.337  -1.390  1.00 61.84  ? 49  ARG A CG  1 
ATOM 381  C CD  . ARG A 1 49  ? -16.483 -6.174  -2.563  1.00 74.14  ? 49  ARG A CD  1 
ATOM 382  N NE  . ARG A 1 49  ? -16.133 -7.544  -2.171  1.00 84.18  ? 49  ARG A NE  1 
ATOM 383  C CZ  . ARG A 1 49  ? -15.405 -8.375  -2.915  1.00 103.29 ? 49  ARG A CZ  1 
ATOM 384  N NH1 . ARG A 1 49  ? -14.938 -7.985  -4.096  1.00 93.56  ? 49  ARG A NH1 1 
ATOM 385  N NH2 . ARG A 1 49  ? -15.133 -9.601  -2.480  1.00 86.88  ? 49  ARG A NH2 1 
ATOM 386  N N   . ASP A 1 50  ? -16.622 -7.280  1.750   1.00 40.44  ? 50  ASP A N   1 
ATOM 387  C CA  . ASP A 1 50  ? -17.295 -8.493  2.236   1.00 39.33  ? 50  ASP A CA  1 
ATOM 388  C C   . ASP A 1 50  ? -17.876 -8.314  3.653   1.00 42.20  ? 50  ASP A C   1 
ATOM 389  O O   . ASP A 1 50  ? -18.970 -8.830  3.943   1.00 42.59  ? 50  ASP A O   1 
ATOM 390  C CB  . ASP A 1 50  ? -16.340 -9.687  2.199   1.00 41.32  ? 50  ASP A CB  1 
ATOM 391  C CG  . ASP A 1 50  ? -15.912 -10.138 0.818   1.00 57.31  ? 50  ASP A CG  1 
ATOM 392  O OD1 . ASP A 1 50  ? -16.578 -9.740  -0.173  1.00 58.91  ? 50  ASP A OD1 1 
ATOM 393  O OD2 . ASP A 1 50  ? -14.903 -10.883 0.724   1.00 66.30  ? 50  ASP A OD2 1 
ATOM 394  N N   . ILE A 1 51  ? -17.163 -7.553  4.527   1.00 35.52  ? 51  ILE A N   1 
ATOM 395  C CA  . ILE A 1 51  ? -17.678 -7.285  5.858   1.00 34.79  ? 51  ILE A CA  1 
ATOM 396  C C   . ILE A 1 51  ? -18.874 -6.326  5.748   1.00 40.04  ? 51  ILE A C   1 
ATOM 397  O O   . ILE A 1 51  ? -19.868 -6.543  6.445   1.00 37.98  ? 51  ILE A O   1 
ATOM 398  C CB  . ILE A 1 51  ? -16.606 -6.863  6.890   1.00 36.84  ? 51  ILE A CB  1 
ATOM 399  C CG1 . ILE A 1 51  ? -15.662 -8.029  7.183   1.00 38.27  ? 51  ILE A CG1 1 
ATOM 400  C CG2 . ILE A 1 51  ? -17.240 -6.387  8.205   1.00 34.44  ? 51  ILE A CG2 1 
ATOM 401  C CD1 . ILE A 1 51  ? -14.369 -7.641  7.993   1.00 48.84  ? 51  ILE A CD1 1 
ATOM 402  N N   . GLU A 1 52  ? -18.798 -5.316  4.837   1.00 39.95  ? 52  GLU A N   1 
ATOM 403  C CA  . GLU A 1 52  ? -19.888 -4.354  4.606   1.00 41.73  ? 52  GLU A CA  1 
ATOM 404  C C   . GLU A 1 52  ? -21.190 -5.062  4.175   1.00 46.36  ? 52  GLU A C   1 
ATOM 405  O O   . GLU A 1 52  ? -22.245 -4.833  4.780   1.00 46.81  ? 52  GLU A O   1 
ATOM 406  C CB  . GLU A 1 52  ? -19.488 -3.252  3.607   1.00 43.62  ? 52  GLU A CB  1 
ATOM 407  C CG  . GLU A 1 52  ? -20.375 -2.023  3.791   1.00 55.71  ? 52  GLU A CG  1 
ATOM 408  C CD  . GLU A 1 52  ? -20.253 -0.861  2.824   1.00 78.08  ? 52  GLU A CD  1 
ATOM 409  O OE1 . GLU A 1 52  ? -20.568 -1.075  1.634   1.00 71.07  ? 52  GLU A OE1 1 
ATOM 410  O OE2 . GLU A 1 52  ? -20.121 0.293   3.304   1.00 66.68  ? 52  GLU A OE2 1 
ATOM 411  N N   . ILE A 1 53  ? -21.081 -5.961  3.174   1.00 42.12  ? 53  ILE A N   1 
ATOM 412  C CA  . ILE A 1 53  ? -22.183 -6.781  2.655   1.00 42.13  ? 53  ILE A CA  1 
ATOM 413  C C   . ILE A 1 53  ? -22.829 -7.589  3.790   1.00 47.76  ? 53  ILE A C   1 
ATOM 414  O O   . ILE A 1 53  ? -24.038 -7.527  3.967   1.00 48.69  ? 53  ILE A O   1 
ATOM 415  C CB  . ILE A 1 53  ? -21.687 -7.675  1.472   1.00 44.36  ? 53  ILE A CB  1 
ATOM 416  C CG1 . ILE A 1 53  ? -21.419 -6.804  0.211   1.00 43.94  ? 53  ILE A CG1 1 
ATOM 417  C CG2 . ILE A 1 53  ? -22.668 -8.808  1.183   1.00 43.56  ? 53  ILE A CG2 1 
ATOM 418  C CD1 . ILE A 1 53  ? -20.365 -7.346  -0.817  1.00 37.54  ? 53  ILE A CD1 1 
ATOM 419  N N   . LEU A 1 54  ? -22.006 -8.300  4.579   1.00 45.46  ? 54  LEU A N   1 
ATOM 420  C CA  . LEU A 1 54  ? -22.437 -9.098  5.719   1.00 44.80  ? 54  LEU A CA  1 
ATOM 421  C C   . LEU A 1 54  ? -23.170 -8.251  6.774   1.00 49.85  ? 54  LEU A C   1 
ATOM 422  O O   . LEU A 1 54  ? -24.231 -8.652  7.242   1.00 48.22  ? 54  LEU A O   1 
ATOM 423  C CB  . LEU A 1 54  ? -21.228 -9.843  6.325   1.00 44.40  ? 54  LEU A CB  1 
ATOM 424  C CG  . LEU A 1 54  ? -21.469 -10.629 7.631   1.00 48.01  ? 54  LEU A CG  1 
ATOM 425  C CD1 . LEU A 1 54  ? -22.381 -11.848 7.422   1.00 47.90  ? 54  LEU A CD1 1 
ATOM 426  C CD2 . LEU A 1 54  ? -20.176 -11.007 8.277   1.00 48.95  ? 54  LEU A CD2 1 
ATOM 427  N N   . VAL A 1 55  ? -22.624 -7.073  7.111   1.00 49.84  ? 55  VAL A N   1 
ATOM 428  C CA  . VAL A 1 55  ? -23.206 -6.150  8.095   1.00 51.29  ? 55  VAL A CA  1 
ATOM 429  C C   . VAL A 1 55  ? -24.568 -5.663  7.640   1.00 60.97  ? 55  VAL A C   1 
ATOM 430  O O   . VAL A 1 55  ? -25.513 -5.743  8.432   1.00 61.90  ? 55  VAL A O   1 
ATOM 431  C CB  . VAL A 1 55  ? -22.233 -4.997  8.452   1.00 54.10  ? 55  VAL A CB  1 
ATOM 432  C CG1 . VAL A 1 55  ? -22.956 -3.778  9.038   1.00 53.92  ? 55  VAL A CG1 1 
ATOM 433  C CG2 . VAL A 1 55  ? -21.165 -5.499  9.402   1.00 53.39  ? 55  VAL A CG2 1 
ATOM 434  N N   . HIS A 1 56  ? -24.683 -5.208  6.372   1.00 60.81  ? 56  HIS A N   1 
ATOM 435  C CA  . HIS A 1 56  ? -25.957 -4.733  5.844   1.00 63.10  ? 56  HIS A CA  1 
ATOM 436  C C   . HIS A 1 56  ? -27.025 -5.819  5.668   1.00 64.74  ? 56  HIS A C   1 
ATOM 437  O O   . HIS A 1 56  ? -28.172 -5.608  6.069   1.00 64.04  ? 56  HIS A O   1 
ATOM 438  C CB  . HIS A 1 56  ? -25.773 -3.816  4.631   1.00 65.97  ? 56  HIS A CB  1 
ATOM 439  C CG  . HIS A 1 56  ? -25.030 -2.571  4.991   1.00 71.49  ? 56  HIS A CG  1 
ATOM 440  N ND1 . HIS A 1 56  ? -25.466 -1.737  6.018   1.00 74.34  ? 56  HIS A ND1 1 
ATOM 441  C CD2 . HIS A 1 56  ? -23.876 -2.081  4.488   1.00 74.20  ? 56  HIS A CD2 1 
ATOM 442  C CE1 . HIS A 1 56  ? -24.569 -0.773  6.096   1.00 73.99  ? 56  HIS A CE1 1 
ATOM 443  N NE2 . HIS A 1 56  ? -23.593 -0.935  5.192   1.00 74.17  ? 56  HIS A NE2 1 
ATOM 444  N N   . THR A 1 57  ? -26.628 -6.993  5.153   1.00 60.02  ? 57  THR A N   1 
ATOM 445  C CA  . THR A 1 57  ? -27.486 -8.157  4.990   1.00 59.71  ? 57  THR A CA  1 
ATOM 446  C C   . THR A 1 57  ? -28.091 -8.586  6.340   1.00 65.81  ? 57  THR A C   1 
ATOM 447  O O   . THR A 1 57  ? -29.307 -8.763  6.423   1.00 66.62  ? 57  THR A O   1 
ATOM 448  C CB  . THR A 1 57  ? -26.691 -9.256  4.282   1.00 65.35  ? 57  THR A CB  1 
ATOM 449  O OG1 . THR A 1 57  ? -26.508 -8.858  2.926   1.00 69.49  ? 57  THR A OG1 1 
ATOM 450  C CG2 . THR A 1 57  ? -27.363 -10.614 4.345   1.00 60.93  ? 57  THR A CG2 1 
ATOM 451  N N   . THR A 1 58  ? -27.266 -8.725  7.399   1.00 63.16  ? 58  THR A N   1 
ATOM 452  C CA  . THR A 1 58  ? -27.819 -9.121  8.693   1.00 63.08  ? 58  THR A CA  1 
ATOM 453  C C   . THR A 1 58  ? -28.604 -8.031  9.374   1.00 67.72  ? 58  THR A C   1 
ATOM 454  O O   . THR A 1 58  ? -29.461 -8.348  10.183  1.00 67.50  ? 58  THR A O   1 
ATOM 455  C CB  . THR A 1 58  ? -26.904 -9.970  9.596   1.00 66.74  ? 58  THR A CB  1 
ATOM 456  O OG1 . THR A 1 58  ? -26.394 -9.215  10.695  1.00 60.01  ? 58  THR A OG1 1 
ATOM 457  C CG2 . THR A 1 58  ? -25.857 -10.757 8.845   1.00 65.25  ? 58  THR A CG2 1 
ATOM 458  N N   . GLN A 1 59  ? -28.354 -6.761  9.026   1.00 65.89  ? 59  GLN A N   1 
ATOM 459  C CA  . GLN A 1 59  ? -29.134 -5.632  9.541   1.00 66.60  ? 59  GLN A CA  1 
ATOM 460  C C   . GLN A 1 59  ? -30.543 -5.660  8.937   1.00 73.07  ? 59  GLN A C   1 
ATOM 461  O O   . GLN A 1 59  ? -31.509 -5.330  9.632   1.00 72.15  ? 59  GLN A O   1 
ATOM 462  C CB  . GLN A 1 59  ? -28.463 -4.307  9.204   1.00 67.45  ? 59  GLN A CB  1 
ATOM 463  C CG  . GLN A 1 59  ? -28.025 -3.557  10.444  1.00 80.13  ? 59  GLN A CG  1 
ATOM 464  C CD  . GLN A 1 59  ? -27.054 -2.466  10.122  1.00 94.49  ? 59  GLN A CD  1 
ATOM 465  O OE1 . GLN A 1 59  ? -27.056 -1.882  9.022   1.00 88.01  ? 59  GLN A OE1 1 
ATOM 466  N NE2 . GLN A 1 59  ? -26.194 -2.171  11.082  1.00 84.88  ? 59  GLN A NE2 1 
ATOM 467  N N   . ASP A 1 60  ? -30.646 -6.071  7.652   1.00 71.63  ? 60  ASP A N   1 
ATOM 468  C CA  . ASP A 1 60  ? -31.911 -6.215  6.947   1.00 72.77  ? 60  ASP A CA  1 
ATOM 469  C C   . ASP A 1 60  ? -32.765 -7.323  7.589   1.00 78.34  ? 60  ASP A C   1 
ATOM 470  O O   . ASP A 1 60  ? -33.957 -7.113  7.771   1.00 78.95  ? 60  ASP A O   1 
ATOM 471  C CB  . ASP A 1 60  ? -31.676 -6.441  5.441   1.00 75.06  ? 60  ASP A CB  1 
ATOM 472  C CG  . ASP A 1 60  ? -31.073 -5.244  4.710   1.00 90.35  ? 60  ASP A CG  1 
ATOM 473  O OD1 . ASP A 1 60  ? -30.893 -4.168  5.356   1.00 89.36  ? 60  ASP A OD1 1 
ATOM 474  O OD2 . ASP A 1 60  ? -30.758 -5.383  3.501   1.00 100.36 ? 60  ASP A OD2 1 
ATOM 475  N N   . LEU A 1 61  ? -32.156 -8.422  8.053   1.00 75.23  ? 61  LEU A N   1 
ATOM 476  C CA  . LEU A 1 61  ? -32.885 -9.493  8.734   1.00 75.67  ? 61  LEU A CA  1 
ATOM 477  C C   . LEU A 1 61  ? -33.322 -9.098  10.160  1.00 82.40  ? 61  LEU A C   1 
ATOM 478  O O   . LEU A 1 61  ? -34.341 -9.594  10.633  1.00 82.98  ? 61  LEU A O   1 
ATOM 479  C CB  . LEU A 1 61  ? -32.075 -10.798 8.763   1.00 75.66  ? 61  LEU A CB  1 
ATOM 480  C CG  . LEU A 1 61  ? -31.410 -11.268 7.469   1.00 80.26  ? 61  LEU A CG  1 
ATOM 481  C CD1 . LEU A 1 61  ? -30.694 -12.588 7.697   1.00 80.33  ? 61  LEU A CD1 1 
ATOM 482  C CD2 . LEU A 1 61  ? -32.414 -11.402 6.331   1.00 83.54  ? 61  LEU A CD2 1 
ATOM 483  N N   . ILE A 1 62  ? -32.554 -8.230  10.851  1.00 80.09  ? 62  ILE A N   1 
ATOM 484  C CA  . ILE A 1 62  ? -32.905 -7.758  12.199  1.00 80.57  ? 62  ILE A CA  1 
ATOM 485  C C   . ILE A 1 62  ? -34.041 -6.721  12.079  1.00 89.68  ? 62  ILE A C   1 
ATOM 486  O O   . ILE A 1 62  ? -35.005 -6.779  12.853  1.00 89.54  ? 62  ILE A O   1 
ATOM 487  C CB  . ILE A 1 62  ? -31.681 -7.233  13.019  1.00 82.51  ? 62  ILE A CB  1 
ATOM 488  C CG1 . ILE A 1 62  ? -30.563 -8.302  13.143  1.00 81.64  ? 62  ILE A CG1 1 
ATOM 489  C CG2 . ILE A 1 62  ? -32.122 -6.749  14.417  1.00 82.74  ? 62  ILE A CG2 1 
ATOM 490  C CD1 . ILE A 1 62  ? -29.163 -7.754  13.400  1.00 78.62  ? 62  ILE A CD1 1 
ATOM 491  N N   . ASN A 1 63  ? -33.931 -5.791  11.097  1.00 89.78  ? 63  ASN A N   1 
ATOM 492  C CA  . ASN A 1 63  ? -34.939 -4.765  10.825  1.00 91.56  ? 63  ASN A CA  1 
ATOM 493  C C   . ASN A 1 63  ? -36.254 -5.406  10.357  1.00 100.01 ? 63  ASN A C   1 
ATOM 494  O O   . ASN A 1 63  ? -37.285 -5.206  11.006  1.00 100.27 ? 63  ASN A O   1 
ATOM 495  C CB  . ASN A 1 63  ? -34.422 -3.711  9.844   1.00 92.42  ? 63  ASN A CB  1 
ATOM 496  C CG  . ASN A 1 63  ? -33.460 -2.714  10.452  1.00 114.45 ? 63  ASN A CG  1 
ATOM 497  O OD1 . ASN A 1 63  ? -33.287 -2.628  11.679  1.00 106.73 ? 63  ASN A OD1 1 
ATOM 498  N ND2 . ASN A 1 63  ? -32.819 -1.924  9.596   1.00 106.21 ? 63  ASN A ND2 1 
ATOM 499  N N   . GLU A 1 64  ? -36.212 -6.227  9.288   1.00 98.85  ? 64  GLU A N   1 
ATOM 500  C CA  . GLU A 1 64  ? -37.394 -6.966  8.827   1.00 99.77  ? 64  GLU A CA  1 
ATOM 501  C C   . GLU A 1 64  ? -37.422 -8.228  9.695   1.00 105.11 ? 64  GLU A C   1 
ATOM 502  O O   . GLU A 1 64  ? -36.821 -9.230  9.304   1.00 105.11 ? 64  GLU A O   1 
ATOM 503  C CB  . GLU A 1 64  ? -37.278 -7.384  7.340   1.00 101.27 ? 64  GLU A CB  1 
ATOM 504  C CG  . GLU A 1 64  ? -36.854 -6.306  6.357   1.00 113.11 ? 64  GLU A CG  1 
ATOM 505  C CD  . GLU A 1 64  ? -35.961 -6.807  5.234   1.00 137.98 ? 64  GLU A CD  1 
ATOM 506  O OE1 . GLU A 1 64  ? -35.555 -7.994  5.263   1.00 125.63 ? 64  GLU A OE1 1 
ATOM 507  O OE2 . GLU A 1 64  ? -35.685 -6.011  4.308   1.00 138.48 ? 64  GLU A OE2 1 
ATOM 508  N N   . GLY A 1 65  ? -38.050 -8.139  10.875  1.00 101.78 ? 65  GLY A N   1 
ATOM 509  C CA  . GLY A 1 65  ? -38.153 -9.208  11.872  1.00 101.78 ? 65  GLY A CA  1 
ATOM 510  C C   . GLY A 1 65  ? -38.197 -10.635 11.355  1.00 106.90 ? 65  GLY A C   1 
ATOM 511  O O   . GLY A 1 65  ? -39.280 -11.164 11.103  1.00 106.75 ? 65  GLY A O   1 
ATOM 512  N N   . VAL A 1 66  ? -37.005 -11.262 11.186  1.00 104.44 ? 66  VAL A N   1 
ATOM 513  C CA  . VAL A 1 66  ? -36.799 -12.640 10.697  1.00 104.74 ? 66  VAL A CA  1 
ATOM 514  C C   . VAL A 1 66  ? -35.959 -13.440 11.756  1.00 109.37 ? 66  VAL A C   1 
ATOM 515  O O   . VAL A 1 66  ? -34.961 -14.086 11.417  1.00 108.19 ? 66  VAL A O   1 
ATOM 516  C CB  . VAL A 1 66  ? -36.201 -12.639 9.235   1.00 108.76 ? 66  VAL A CB  1 
ATOM 517  C CG1 . VAL A 1 66  ? -35.742 -14.027 8.777   1.00 108.66 ? 66  VAL A CG1 1 
ATOM 518  C CG2 . VAL A 1 66  ? -37.197 -12.069 8.224   1.00 108.54 ? 66  VAL A CG2 1 
ATOM 519  N N   . TYR A 1 67  ? -36.374 -13.377 13.049  1.00 107.43 ? 67  TYR A N   1 
ATOM 520  C CA  . TYR A 1 67  ? -35.666 -14.044 14.158  1.00 107.84 ? 67  TYR A CA  1 
ATOM 521  C C   . TYR A 1 67  ? -36.543 -14.692 15.289  1.00 112.98 ? 67  TYR A C   1 
ATOM 522  O O   . TYR A 1 67  ? -36.089 -14.801 16.443  1.00 113.08 ? 67  TYR A O   1 
ATOM 523  C CB  . TYR A 1 67  ? -34.532 -13.145 14.716  1.00 108.87 ? 67  TYR A CB  1 
ATOM 524  C CG  . TYR A 1 67  ? -33.281 -13.136 13.862  1.00 110.63 ? 67  TYR A CG  1 
ATOM 525  C CD1 . TYR A 1 67  ? -33.087 -12.163 12.883  1.00 112.46 ? 67  TYR A CD1 1 
ATOM 526  C CD2 . TYR A 1 67  ? -32.283 -14.090 14.039  1.00 111.69 ? 67  TYR A CD2 1 
ATOM 527  C CE1 . TYR A 1 67  ? -31.951 -12.166 12.073  1.00 113.45 ? 67  TYR A CE1 1 
ATOM 528  C CE2 . TYR A 1 67  ? -31.130 -14.092 13.248  1.00 112.77 ? 67  TYR A CE2 1 
ATOM 529  C CZ  . TYR A 1 67  ? -30.969 -13.127 12.263  1.00 119.41 ? 67  TYR A CZ  1 
ATOM 530  O OH  . TYR A 1 67  ? -29.838 -13.118 11.476  1.00 118.04 ? 67  TYR A OH  1 
ATOM 531  N N   . LYS A 1 68  ? -37.772 -15.169 14.936  1.00 108.73 ? 68  LYS A N   1 
ATOM 532  C CA  . LYS A 1 68  ? -38.716 -15.844 15.847  1.00 118.81 ? 68  LYS A CA  1 
ATOM 533  C C   . LYS A 1 68  ? -39.782 -16.611 15.061  1.00 124.53 ? 68  LYS A C   1 
ATOM 534  O O   . LYS A 1 68  ? -39.762 -17.839 15.000  1.00 84.38  ? 68  LYS A O   1 
ATOM 535  C CB  . LYS A 1 68  ? -39.381 -14.836 16.777  1.00 119.47 ? 68  LYS A CB  1 
ATOM 536  N N   . GLY A 1 83  ? -30.785 -7.691  20.107  1.00 72.42  ? 83  GLY A N   1 
ATOM 537  C CA  . GLY A 1 83  ? -30.151 -7.741  21.418  1.00 71.59  ? 83  GLY A CA  1 
ATOM 538  C C   . GLY A 1 83  ? -28.670 -7.448  21.334  1.00 73.17  ? 83  GLY A C   1 
ATOM 539  O O   . GLY A 1 83  ? -28.279 -6.386  20.844  1.00 72.23  ? 83  GLY A O   1 
ATOM 540  N N   . ALA A 1 84  ? -27.842 -8.405  21.784  1.00 68.30  ? 84  ALA A N   1 
ATOM 541  C CA  . ALA A 1 84  ? -26.375 -8.307  21.750  1.00 67.03  ? 84  ALA A CA  1 
ATOM 542  C C   . ALA A 1 84  ? -25.841 -8.371  20.307  1.00 67.70  ? 84  ALA A C   1 
ATOM 543  O O   . ALA A 1 84  ? -24.805 -7.766  20.017  1.00 67.93  ? 84  ALA A O   1 
ATOM 544  C CB  . ALA A 1 84  ? -25.750 -9.410  22.592  1.00 67.57  ? 84  ALA A CB  1 
ATOM 545  N N   . LEU A 1 85  ? -26.545 -9.099  19.417  1.00 60.32  ? 85  LEU A N   1 
ATOM 546  C CA  . LEU A 1 85  ? -26.175 -9.234  18.010  1.00 59.11  ? 85  LEU A CA  1 
ATOM 547  C C   . LEU A 1 85  ? -26.227 -7.876  17.287  1.00 63.38  ? 85  LEU A C   1 
ATOM 548  O O   . LEU A 1 85  ? -25.269 -7.534  16.585  1.00 63.65  ? 85  LEU A O   1 
ATOM 549  C CB  . LEU A 1 85  ? -27.055 -10.283 17.298  1.00 58.58  ? 85  LEU A CB  1 
ATOM 550  C CG  . LEU A 1 85  ? -26.921 -10.403 15.766  1.00 62.77  ? 85  LEU A CG  1 
ATOM 551  C CD1 . LEU A 1 85  ? -25.516 -10.808 15.358  1.00 62.44  ? 85  LEU A CD1 1 
ATOM 552  C CD2 . LEU A 1 85  ? -27.955 -11.351 15.196  1.00 63.80  ? 85  LEU A CD2 1 
ATOM 553  N N   . LEU A 1 86  ? -27.334 -7.108  17.474  1.00 58.31  ? 86  LEU A N   1 
ATOM 554  C CA  . LEU A 1 86  ? -27.537 -5.789  16.860  1.00 57.20  ? 86  LEU A CA  1 
ATOM 555  C C   . LEU A 1 86  ? -26.493 -4.777  17.351  1.00 57.50  ? 86  LEU A C   1 
ATOM 556  O O   . LEU A 1 86  ? -26.010 -3.959  16.570  1.00 55.95  ? 86  LEU A O   1 
ATOM 557  C CB  . LEU A 1 86  ? -28.970 -5.286  17.100  1.00 57.06  ? 86  LEU A CB  1 
ATOM 558  C CG  . LEU A 1 86  ? -29.364 -3.983  16.393  1.00 61.56  ? 86  LEU A CG  1 
ATOM 559  C CD1 . LEU A 1 86  ? -29.475 -4.165  14.857  1.00 61.63  ? 86  LEU A CD1 1 
ATOM 560  C CD2 . LEU A 1 86  ? -30.646 -3.435  16.970  1.00 64.10  ? 86  LEU A CD2 1 
ATOM 561  N N   . ARG A 1 87  ? -26.122 -4.882  18.625  1.00 53.21  ? 87  ARG A N   1 
ATOM 562  C CA  . ARG A 1 87  ? -25.112 -4.058  19.288  1.00 53.79  ? 87  ARG A CA  1 
ATOM 563  C C   . ARG A 1 87  ? -23.760 -4.285  18.606  1.00 53.57  ? 87  ARG A C   1 
ATOM 564  O O   . ARG A 1 87  ? -23.055 -3.327  18.285  1.00 52.90  ? 87  ARG A O   1 
ATOM 565  C CB  . ARG A 1 87  ? -25.020 -4.467  20.770  1.00 58.64  ? 87  ARG A CB  1 
ATOM 566  C CG  . ARG A 1 87  ? -24.719 -3.345  21.747  1.00 76.29  ? 87  ARG A CG  1 
ATOM 567  C CD  . ARG A 1 87  ? -24.851 -3.847  23.177  1.00 87.91  ? 87  ARG A CD  1 
ATOM 568  N NE  . ARG A 1 87  ? -26.226 -4.231  23.499  1.00 104.07 ? 87  ARG A NE  1 
ATOM 569  C CZ  . ARG A 1 87  ? -26.556 -5.233  24.309  1.00 120.75 ? 87  ARG A CZ  1 
ATOM 570  N NH1 . ARG A 1 87  ? -25.613 -5.954  24.906  1.00 106.25 ? 87  ARG A NH1 1 
ATOM 571  N NH2 . ARG A 1 87  ? -27.832 -5.521  24.531  1.00 107.95 ? 87  ARG A NH2 1 
ATOM 572  N N   . PHE A 1 88  ? -23.427 -5.556  18.363  1.00 47.35  ? 88  PHE A N   1 
ATOM 573  C CA  . PHE A 1 88  ? -22.190 -5.951  17.709  1.00 45.47  ? 88  PHE A CA  1 
ATOM 574  C C   . PHE A 1 88  ? -22.209 -5.511  16.261  1.00 47.98  ? 88  PHE A C   1 
ATOM 575  O O   . PHE A 1 88  ? -21.236 -4.907  15.818  1.00 48.78  ? 88  PHE A O   1 
ATOM 576  C CB  . PHE A 1 88  ? -21.956 -7.465  17.836  1.00 46.37  ? 88  PHE A CB  1 
ATOM 577  C CG  . PHE A 1 88  ? -20.646 -7.930  17.255  1.00 47.39  ? 88  PHE A CG  1 
ATOM 578  C CD1 . PHE A 1 88  ? -19.477 -7.849  17.992  1.00 49.96  ? 88  PHE A CD1 1 
ATOM 579  C CD2 . PHE A 1 88  ? -20.573 -8.409  15.952  1.00 49.53  ? 88  PHE A CD2 1 
ATOM 580  C CE1 . PHE A 1 88  ? -18.264 -8.287  17.450  1.00 50.71  ? 88  PHE A CE1 1 
ATOM 581  C CE2 . PHE A 1 88  ? -19.352 -8.819  15.404  1.00 51.60  ? 88  PHE A CE2 1 
ATOM 582  C CZ  . PHE A 1 88  ? -18.211 -8.765  16.160  1.00 49.42  ? 88  PHE A CZ  1 
ATOM 583  N N   . VAL A 1 89  ? -23.321 -5.771  15.541  1.00 42.88  ? 89  VAL A N   1 
ATOM 584  C CA  . VAL A 1 89  ? -23.496 -5.388  14.138  1.00 42.23  ? 89  VAL A CA  1 
ATOM 585  C C   . VAL A 1 89  ? -23.315 -3.880  13.980  1.00 46.09  ? 89  VAL A C   1 
ATOM 586  O O   . VAL A 1 89  ? -22.624 -3.461  13.051  1.00 47.07  ? 89  VAL A O   1 
ATOM 587  C CB  . VAL A 1 89  ? -24.817 -5.931  13.507  1.00 45.18  ? 89  VAL A CB  1 
ATOM 588  C CG1 . VAL A 1 89  ? -25.064 -5.337  12.127  1.00 44.92  ? 89  VAL A CG1 1 
ATOM 589  C CG2 . VAL A 1 89  ? -24.798 -7.446  13.406  1.00 44.90  ? 89  VAL A CG2 1 
ATOM 590  N N   . LYS A 1 90  ? -23.858 -3.082  14.921  1.00 42.76  ? 90  LYS A N   1 
ATOM 591  C CA  . LYS A 1 90  ? -23.744 -1.620  14.907  1.00 43.71  ? 90  LYS A CA  1 
ATOM 592  C C   . LYS A 1 90  ? -22.328 -1.121  15.207  1.00 47.31  ? 90  LYS A C   1 
ATOM 593  O O   . LYS A 1 90  ? -21.910 -0.116  14.631  1.00 48.23  ? 90  LYS A O   1 
ATOM 594  C CB  . LYS A 1 90  ? -24.802 -0.935  15.802  1.00 47.97  ? 90  LYS A CB  1 
ATOM 595  C CG  . LYS A 1 90  ? -26.219 -0.915  15.191  1.00 66.21  ? 90  LYS A CG  1 
ATOM 596  C CD  . LYS A 1 90  ? -26.325 -0.009  13.949  1.00 83.27  ? 90  LYS A CD  1 
ATOM 597  C CE  . LYS A 1 90  ? -27.698 -0.032  13.325  1.00 98.72  ? 90  LYS A CE  1 
ATOM 598  N NZ  . LYS A 1 90  ? -27.765 0.851   12.132  1.00 106.93 ? 90  LYS A NZ  1 
ATOM 599  N N   . LYS A 1 91  ? -21.581 -1.848  16.058  1.00 42.29  ? 91  LYS A N   1 
ATOM 600  C CA  . LYS A 1 91  ? -20.191 -1.552  16.389  1.00 41.51  ? 91  LYS A CA  1 
ATOM 601  C C   . LYS A 1 91  ? -19.336 -1.706  15.133  1.00 44.28  ? 91  LYS A C   1 
ATOM 602  O O   . LYS A 1 91  ? -18.540 -0.822  14.843  1.00 44.86  ? 91  LYS A O   1 
ATOM 603  C CB  . LYS A 1 91  ? -19.685 -2.478  17.513  1.00 43.90  ? 91  LYS A CB  1 
ATOM 604  C CG  . LYS A 1 91  ? -20.012 -1.979  18.911  1.00 68.41  ? 91  LYS A CG  1 
ATOM 605  C CD  . LYS A 1 91  ? -19.527 -2.943  20.006  1.00 80.69  ? 91  LYS A CD  1 
ATOM 606  C CE  . LYS A 1 91  ? -20.693 -3.526  20.768  1.00 92.26  ? 91  LYS A CE  1 
ATOM 607  N NZ  . LYS A 1 91  ? -20.262 -4.526  21.774  1.00 103.65 ? 91  LYS A NZ  1 
ATOM 608  N N   . VAL A 1 92  ? -19.549 -2.798  14.362  1.00 38.96  ? 92  VAL A N   1 
ATOM 609  C CA  . VAL A 1 92  ? -18.835 -3.100  13.111  1.00 38.30  ? 92  VAL A CA  1 
ATOM 610  C C   . VAL A 1 92  ? -19.151 -2.038  12.064  1.00 42.78  ? 92  VAL A C   1 
ATOM 611  O O   . VAL A 1 92  ? -18.245 -1.578  11.373  1.00 40.72  ? 92  VAL A O   1 
ATOM 612  C CB  . VAL A 1 92  ? -19.107 -4.541  12.564  1.00 40.57  ? 92  VAL A CB  1 
ATOM 613  C CG1 . VAL A 1 92  ? -18.241 -4.827  11.357  1.00 39.65  ? 92  VAL A CG1 1 
ATOM 614  C CG2 . VAL A 1 92  ? -18.852 -5.608  13.619  1.00 39.81  ? 92  VAL A CG2 1 
ATOM 615  N N   . GLU A 1 93  ? -20.438 -1.654  11.955  1.00 42.08  ? 93  GLU A N   1 
ATOM 616  C CA  . GLU A 1 93  ? -20.898 -0.647  11.010  1.00 43.18  ? 93  GLU A CA  1 
ATOM 617  C C   . GLU A 1 93  ? -20.239 0.698   11.273  1.00 45.24  ? 93  GLU A C   1 
ATOM 618  O O   . GLU A 1 93  ? -19.805 1.350   10.318  1.00 44.49  ? 93  GLU A O   1 
ATOM 619  C CB  . GLU A 1 93  ? -22.426 -0.529  11.015  1.00 45.45  ? 93  GLU A CB  1 
ATOM 620  C CG  . GLU A 1 93  ? -22.965 0.010   9.695   1.00 60.93  ? 93  GLU A CG  1 
ATOM 621  C CD  . GLU A 1 93  ? -24.291 0.756   9.744   1.00 101.58 ? 93  GLU A CD  1 
ATOM 622  O OE1 . GLU A 1 93  ? -24.356 1.886   9.207   1.00 120.64 ? 93  GLU A OE1 1 
ATOM 623  O OE2 . GLU A 1 93  ? -25.276 0.202   10.281  1.00 92.68  ? 93  GLU A OE2 1 
ATOM 624  N N   . SER A 1 94  ? -20.088 1.077   12.555  1.00 41.23  ? 94  SER A N   1 
ATOM 625  C CA  . SER A 1 94  ? -19.412 2.328   12.930  1.00 40.23  ? 94  SER A CA  1 
ATOM 626  C C   . SER A 1 94  ? -17.924 2.271   12.555  1.00 39.67  ? 94  SER A C   1 
ATOM 627  O O   . SER A 1 94  ? -17.403 3.251   12.016  1.00 39.42  ? 94  SER A O   1 
ATOM 628  C CB  . SER A 1 94  ? -19.630 2.671   14.403  1.00 42.83  ? 94  SER A CB  1 
ATOM 629  O OG  . SER A 1 94  ? -18.884 1.828   15.257  1.00 58.76  ? 94  SER A OG  1 
ATOM 630  N N   . ILE A 1 95  ? -17.272 1.118   12.760  1.00 34.30  ? 95  ILE A N   1 
ATOM 631  C CA  . ILE A 1 95  ? -15.886 0.943   12.332  1.00 34.86  ? 95  ILE A CA  1 
ATOM 632  C C   . ILE A 1 95  ? -15.768 1.096   10.805  1.00 39.46  ? 95  ILE A C   1 
ATOM 633  O O   . ILE A 1 95  ? -14.885 1.813   10.344  1.00 39.77  ? 95  ILE A O   1 
ATOM 634  C CB  . ILE A 1 95  ? -15.183 -0.338  12.866  1.00 37.13  ? 95  ILE A CB  1 
ATOM 635  C CG1 . ILE A 1 95  ? -15.143 -0.330  14.412  1.00 37.34  ? 95  ILE A CG1 1 
ATOM 636  C CG2 . ILE A 1 95  ? -13.741 -0.442  12.282  1.00 34.79  ? 95  ILE A CG2 1 
ATOM 637  C CD1 . ILE A 1 95  ? -14.751 -1.737  15.086  1.00 46.62  ? 95  ILE A CD1 1 
ATOM 638  N N   . LEU A 1 96  ? -16.684 0.477   10.040  1.00 36.20  ? 96  LEU A N   1 
ATOM 639  C CA  . LEU A 1 96  ? -16.727 0.561   8.562   1.00 36.65  ? 96  LEU A CA  1 
ATOM 640  C C   . LEU A 1 96  ? -16.968 1.985   8.047   1.00 42.64  ? 96  LEU A C   1 
ATOM 641  O O   . LEU A 1 96  ? -16.355 2.387   7.050   1.00 43.48  ? 96  LEU A O   1 
ATOM 642  C CB  . LEU A 1 96  ? -17.744 -0.432  7.911   1.00 35.72  ? 96  LEU A CB  1 
ATOM 643  C CG  . LEU A 1 96  ? -17.542 -1.934  8.182   1.00 38.25  ? 96  LEU A CG  1 
ATOM 644  C CD1 . LEU A 1 96  ? -18.781 -2.713  7.847   1.00 37.61  ? 96  LEU A CD1 1 
ATOM 645  C CD2 . LEU A 1 96  ? -16.294 -2.496  7.502   1.00 36.55  ? 96  LEU A CD2 1 
ATOM 646  N N   . TYR A 1 97  ? -17.860 2.732   8.709   1.00 40.85  ? 97  TYR A N   1 
ATOM 647  C CA  . TYR A 1 97  ? -18.162 4.126   8.352   1.00 41.61  ? 97  TYR A CA  1 
ATOM 648  C C   . TYR A 1 97  ? -16.920 5.021   8.590   1.00 45.65  ? 97  TYR A C   1 
ATOM 649  O O   . TYR A 1 97  ? -16.553 5.787   7.704   1.00 46.74  ? 97  TYR A O   1 
ATOM 650  C CB  . TYR A 1 97  ? -19.436 4.658   9.074   1.00 43.51  ? 97  TYR A CB  1 
ATOM 651  C CG  . TYR A 1 97  ? -19.803 6.032   8.565   1.00 47.08  ? 97  TYR A CG  1 
ATOM 652  C CD1 . TYR A 1 97  ? -20.486 6.191   7.360   1.00 49.46  ? 97  TYR A CD1 1 
ATOM 653  C CD2 . TYR A 1 97  ? -19.329 7.181   9.202   1.00 48.08  ? 97  TYR A CD2 1 
ATOM 654  C CE1 . TYR A 1 97  ? -20.715 7.455   6.819   1.00 52.19  ? 97  TYR A CE1 1 
ATOM 655  C CE2 . TYR A 1 97  ? -19.564 8.449   8.678   1.00 49.19  ? 97  TYR A CE2 1 
ATOM 656  C CZ  . TYR A 1 97  ? -20.261 8.582   7.489   1.00 60.84  ? 97  TYR A CZ  1 
ATOM 657  O OH  . TYR A 1 97  ? -20.492 9.837   6.981   1.00 67.87  ? 97  TYR A OH  1 
ATOM 658  N N   . ALA A 1 98  ? -16.235 4.862   9.748   1.00 40.73  ? 98  ALA A N   1 
ATOM 659  C CA  . ALA A 1 98  ? -14.993 5.577   10.061  1.00 39.64  ? 98  ALA A CA  1 
ATOM 660  C C   . ALA A 1 98  ? -13.877 5.279   9.026   1.00 44.45  ? 98  ALA A C   1 
ATOM 661  O O   . ALA A 1 98  ? -13.045 6.144   8.784   1.00 43.80  ? 98  ALA A O   1 
ATOM 662  C CB  . ALA A 1 98  ? -14.520 5.235   11.468  1.00 39.31  ? 98  ALA A CB  1 
ATOM 663  N N   . THR A 1 99  ? -13.852 4.061   8.426   1.00 42.13  ? 99  THR A N   1 
ATOM 664  C CA  . THR A 1 99  ? -12.854 3.704   7.411   1.00 41.56  ? 99  THR A CA  1 
ATOM 665  C C   . THR A 1 99  ? -13.166 4.387   6.093   1.00 48.12  ? 99  THR A C   1 
ATOM 666  O O   . THR A 1 99  ? -12.257 4.888   5.439   1.00 47.72  ? 99  THR A O   1 
ATOM 667  C CB  . THR A 1 99  ? -12.401 2.201   7.417   1.00 42.61  ? 99  THR A CB  1 
ATOM 668  O OG1 . THR A 1 99  ? -12.237 1.665   6.107   1.00 43.67  ? 99  THR A OG1 1 
ATOM 669  C CG2 . THR A 1 99  ? -13.247 1.309   8.231   1.00 33.53  ? 99  THR A CG2 1 
ATOM 670  N N   . ALA A 1 100 ? -14.468 4.488   5.756   1.00 48.80  ? 100 ALA A N   1 
ATOM 671  C CA  . ALA A 1 100 ? -14.985 5.195   4.574   1.00 50.03  ? 100 ALA A CA  1 
ATOM 672  C C   . ALA A 1 100 ? -14.669 6.690   4.685   1.00 60.03  ? 100 ALA A C   1 
ATOM 673  O O   . ALA A 1 100 ? -14.205 7.291   3.719   1.00 60.23  ? 100 ALA A O   1 
ATOM 674  C CB  . ALA A 1 100 ? -16.490 4.996   4.461   1.00 50.36  ? 100 ALA A CB  1 
ATOM 675  N N   . GLU A 1 101 ? -14.878 7.274   5.883   1.00 61.94  ? 101 GLU A N   1 
ATOM 676  C CA  . GLU A 1 101 ? -14.630 8.689   6.192   1.00 63.71  ? 101 GLU A CA  1 
ATOM 677  C C   . GLU A 1 101 ? -13.156 9.156   5.983   1.00 70.39  ? 101 GLU A C   1 
ATOM 678  O O   . GLU A 1 101 ? -12.928 10.309  5.588   1.00 70.41  ? 101 GLU A O   1 
ATOM 679  C CB  . GLU A 1 101 ? -15.179 9.044   7.588   1.00 65.09  ? 101 GLU A CB  1 
ATOM 680  C CG  . GLU A 1 101 ? -15.594 10.499  7.696   1.00 80.09  ? 101 GLU A CG  1 
ATOM 681  C CD  . GLU A 1 101 ? -16.920 10.739  8.385   1.00 104.08 ? 101 GLU A CD  1 
ATOM 682  O OE1 . GLU A 1 101 ? -17.011 10.487  9.609   1.00 117.55 ? 101 GLU A OE1 1 
ATOM 683  O OE2 . GLU A 1 101 ? -17.861 11.207  7.704   1.00 85.52  ? 101 GLU A OE2 1 
ATOM 684  N N   . GLY A 1 102 ? -12.202 8.247   6.185   1.00 68.19  ? 102 GLY A N   1 
ATOM 685  C CA  . GLY A 1 102 ? -10.783 8.536   6.003   1.00 69.55  ? 102 GLY A CA  1 
ATOM 686  C C   . GLY A 1 102 ? -10.189 8.114   4.670   1.00 78.42  ? 102 GLY A C   1 
ATOM 687  O O   . GLY A 1 102 ? -8.973  7.948   4.574   1.00 77.59  ? 102 GLY A O   1 
ATOM 688  N N   . PHE A 1 103 ? -11.027 7.954   3.622   1.00 79.68  ? 103 PHE A N   1 
ATOM 689  C CA  . PHE A 1 103 ? -10.584 7.599   2.258   1.00 81.24  ? 103 PHE A CA  1 
ATOM 690  C C   . PHE A 1 103 ? -10.062 8.845   1.496   1.00 89.10  ? 103 PHE A C   1 
ATOM 691  O O   . PHE A 1 103 ? -9.458  8.714   0.429   1.00 88.40  ? 103 PHE A O   1 
ATOM 692  C CB  . PHE A 1 103 ? -11.741 6.955   1.482   1.00 83.12  ? 103 PHE A CB  1 
ATOM 693  C CG  . PHE A 1 103 ? -11.383 5.878   0.483   1.00 84.78  ? 103 PHE A CG  1 
ATOM 694  C CD1 . PHE A 1 103 ? -11.682 4.544   0.739   1.00 87.85  ? 103 PHE A CD1 1 
ATOM 695  C CD2 . PHE A 1 103 ? -10.843 6.206   -0.758  1.00 86.75  ? 103 PHE A CD2 1 
ATOM 696  C CE1 . PHE A 1 103 ? -11.401 3.553   -0.206  1.00 88.57  ? 103 PHE A CE1 1 
ATOM 697  C CE2 . PHE A 1 103 ? -10.549 5.212   -1.697  1.00 89.67  ? 103 PHE A CE2 1 
ATOM 698  C CZ  . PHE A 1 103 ? -10.838 3.894   -1.418  1.00 87.76  ? 103 PHE A CZ  1 
ATOM 699  N N   . GLU A 1 104 ? -10.309 10.047  2.049   1.00 89.47  ? 104 GLU A N   1 
ATOM 700  C CA  . GLU A 1 104 ? -9.866  11.333  1.497   1.00 90.79  ? 104 GLU A CA  1 
ATOM 701  C C   . GLU A 1 104 ? -8.603  11.836  2.228   1.00 96.39  ? 104 GLU A C   1 
ATOM 702  O O   . GLU A 1 104 ? -7.679  12.341  1.582   1.00 96.42  ? 104 GLU A O   1 
ATOM 703  C CB  . GLU A 1 104 ? -10.987 12.363  1.612   1.00 91.68  ? 104 GLU A CB  1 
ATOM 704  N N   . MET A 1 105 ? -8.580  11.689  3.577   1.00 93.32  ? 105 MET A N   1 
ATOM 705  C CA  . MET A 1 105 ? -7.496  12.096  4.474   1.00 119.90 ? 105 MET A CA  1 
ATOM 706  C C   . MET A 1 105 ? -6.302  11.148  4.363   1.00 148.30 ? 105 MET A C   1 
ATOM 707  O O   . MET A 1 105 ? -5.650  11.087  3.321   1.00 110.02 ? 105 MET A O   1 
ATOM 708  C CB  . MET A 1 105 ? -8.003  12.139  5.909   1.00 120.54 ? 105 MET A CB  1 
ATOM 709  N N   . GLY B 1 1   ? 40.742  14.073  -34.164 1.00 56.94  ? 1   GLY B N   1 
ATOM 710  C CA  . GLY B 1 1   ? 41.906  14.434  -33.364 1.00 56.16  ? 1   GLY B CA  1 
ATOM 711  C C   . GLY B 1 1   ? 41.544  14.610  -31.901 1.00 58.00  ? 1   GLY B C   1 
ATOM 712  O O   . GLY B 1 1   ? 40.421  14.272  -31.503 1.00 60.85  ? 1   GLY B O   1 
ATOM 713  N N   . PRO B 1 2   ? 42.463  15.177  -31.080 1.00 48.54  ? 2   PRO B N   1 
ATOM 714  C CA  . PRO B 1 2   ? 42.162  15.372  -29.640 1.00 46.79  ? 2   PRO B CA  1 
ATOM 715  C C   . PRO B 1 2   ? 40.877  16.141  -29.305 1.00 47.74  ? 2   PRO B C   1 
ATOM 716  O O   . PRO B 1 2   ? 40.121  15.738  -28.427 1.00 47.64  ? 2   PRO B O   1 
ATOM 717  C CB  . PRO B 1 2   ? 43.426  16.092  -29.105 1.00 48.51  ? 2   PRO B CB  1 
ATOM 718  C CG  . PRO B 1 2   ? 44.113  16.653  -30.320 1.00 52.86  ? 2   PRO B CG  1 
ATOM 719  C CD  . PRO B 1 2   ? 43.810  15.679  -31.426 1.00 49.03  ? 2   PRO B CD  1 
ATOM 720  N N   . LEU B 1 3   ? 40.654  17.260  -30.010 1.00 44.76  ? 3   LEU B N   1 
ATOM 721  C CA  . LEU B 1 3   ? 39.524  18.167  -29.840 1.00 43.63  ? 3   LEU B CA  1 
ATOM 722  C C   . LEU B 1 3   ? 38.210  17.489  -30.136 1.00 46.38  ? 3   LEU B C   1 
ATOM 723  O O   . LEU B 1 3   ? 37.277  17.644  -29.358 1.00 44.46  ? 3   LEU B O   1 
ATOM 724  C CB  . LEU B 1 3   ? 39.704  19.461  -30.659 1.00 42.80  ? 3   LEU B CB  1 
ATOM 725  C CG  . LEU B 1 3   ? 38.847  20.673  -30.271 1.00 46.65  ? 3   LEU B CG  1 
ATOM 726  C CD1 . LEU B 1 3   ? 38.970  21.015  -28.801 1.00 46.98  ? 3   LEU B CD1 1 
ATOM 727  C CD2 . LEU B 1 3   ? 39.201  21.838  -31.093 1.00 47.81  ? 3   LEU B CD2 1 
ATOM 728  N N   . GLY B 1 4   ? 38.168  16.720  -31.219 1.00 44.27  ? 4   GLY B N   1 
ATOM 729  C CA  . GLY B 1 4   ? 36.985  15.984  -31.641 1.00 44.48  ? 4   GLY B CA  1 
ATOM 730  C C   . GLY B 1 4   ? 36.552  14.993  -30.589 1.00 51.60  ? 4   GLY B C   1 
ATOM 731  O O   . GLY B 1 4   ? 35.367  14.965  -30.237 1.00 54.29  ? 4   GLY B O   1 
ATOM 732  N N   . SER B 1 5   ? 37.520  14.212  -30.034 1.00 46.57  ? 5   SER B N   1 
ATOM 733  C CA  . SER B 1 5   ? 37.258  13.216  -28.991 1.00 45.65  ? 5   SER B CA  1 
ATOM 734  C C   . SER B 1 5   ? 36.798  13.888  -27.706 1.00 48.54  ? 5   SER B C   1 
ATOM 735  O O   . SER B 1 5   ? 35.870  13.383  -27.063 1.00 48.21  ? 5   SER B O   1 
ATOM 736  C CB  . SER B 1 5   ? 38.475  12.330  -28.739 1.00 48.18  ? 5   SER B CB  1 
ATOM 737  O OG  . SER B 1 5   ? 38.828  11.573  -29.881 1.00 58.88  ? 5   SER B OG  1 
ATOM 738  N N   . LEU B 1 6   ? 37.406  15.054  -27.361 1.00 44.57  ? 6   LEU B N   1 
ATOM 739  C CA  . LEU B 1 6   ? 37.037  15.835  -26.177 1.00 44.84  ? 6   LEU B CA  1 
ATOM 740  C C   . LEU B 1 6   ? 35.578  16.326  -26.280 1.00 49.80  ? 6   LEU B C   1 
ATOM 741  O O   . LEU B 1 6   ? 34.818  16.246  -25.305 1.00 50.02  ? 6   LEU B O   1 
ATOM 742  C CB  . LEU B 1 6   ? 37.991  17.027  -25.982 1.00 44.68  ? 6   LEU B CB  1 
ATOM 743  C CG  . LEU B 1 6   ? 39.349  16.747  -25.333 1.00 50.10  ? 6   LEU B CG  1 
ATOM 744  C CD1 . LEU B 1 6   ? 40.316  17.921  -25.533 1.00 50.29  ? 6   LEU B CD1 1 
ATOM 745  C CD2 . LEU B 1 6   ? 39.208  16.444  -23.868 1.00 51.66  ? 6   LEU B CD2 1 
ATOM 746  N N   . VAL B 1 7   ? 35.198  16.809  -27.479 1.00 45.98  ? 7   VAL B N   1 
ATOM 747  C CA  . VAL B 1 7   ? 33.866  17.326  -27.792 1.00 45.43  ? 7   VAL B CA  1 
ATOM 748  C C   . VAL B 1 7   ? 32.828  16.181  -27.731 1.00 47.82  ? 7   VAL B C   1 
ATOM 749  O O   . VAL B 1 7   ? 31.796  16.361  -27.099 1.00 46.26  ? 7   VAL B O   1 
ATOM 750  C CB  . VAL B 1 7   ? 33.844  18.129  -29.143 1.00 47.80  ? 7   VAL B CB  1 
ATOM 751  C CG1 . VAL B 1 7   ? 32.419  18.392  -29.626 1.00 46.92  ? 7   VAL B CG1 1 
ATOM 752  C CG2 . VAL B 1 7   ? 34.598  19.446  -29.005 1.00 47.08  ? 7   VAL B CG2 1 
ATOM 753  N N   . ALA B 1 8   ? 33.107  15.021  -28.367 1.00 43.68  ? 8   ALA B N   1 
ATOM 754  C CA  . ALA B 1 8   ? 32.207  13.866  -28.366 1.00 43.08  ? 8   ALA B CA  1 
ATOM 755  C C   . ALA B 1 8   ? 31.937  13.338  -26.971 1.00 49.02  ? 8   ALA B C   1 
ATOM 756  O O   . ALA B 1 8   ? 30.788  13.027  -26.677 1.00 49.61  ? 8   ALA B O   1 
ATOM 757  C CB  . ALA B 1 8   ? 32.756  12.754  -29.243 1.00 43.47  ? 8   ALA B CB  1 
ATOM 758  N N   . ILE B 1 9   ? 32.973  13.245  -26.109 1.00 46.55  ? 9   ILE B N   1 
ATOM 759  C CA  . ILE B 1 9   ? 32.785  12.771  -24.738 1.00 46.74  ? 9   ILE B CA  1 
ATOM 760  C C   . ILE B 1 9   ? 32.017  13.770  -23.930 1.00 52.94  ? 9   ILE B C   1 
ATOM 761  O O   . ILE B 1 9   ? 31.111  13.349  -23.207 1.00 54.92  ? 9   ILE B O   1 
ATOM 762  C CB  . ILE B 1 9   ? 34.061  12.260  -24.016 1.00 49.41  ? 9   ILE B CB  1 
ATOM 763  C CG1 . ILE B 1 9   ? 34.566  10.988  -24.692 1.00 48.98  ? 9   ILE B CG1 1 
ATOM 764  C CG2 . ILE B 1 9   ? 33.770  11.979  -22.511 1.00 50.01  ? 9   ILE B CG2 1 
ATOM 765  C CD1 . ILE B 1 9   ? 35.896  10.631  -24.241 1.00 64.56  ? 9   ILE B CD1 1 
ATOM 766  N N   . GLN B 1 10  ? 32.355  15.079  -24.044 1.00 48.04  ? 10  GLN B N   1 
ATOM 767  C CA  . GLN B 1 10  ? 31.653  16.157  -23.342 1.00 48.20  ? 10  GLN B CA  1 
ATOM 768  C C   . GLN B 1 10  ? 30.128  16.161  -23.660 1.00 51.75  ? 10  GLN B C   1 
ATOM 769  O O   . GLN B 1 10  ? 29.314  16.388  -22.766 1.00 52.42  ? 10  GLN B O   1 
ATOM 770  C CB  . GLN B 1 10  ? 32.285  17.513  -23.680 1.00 49.92  ? 10  GLN B CB  1 
ATOM 771  C CG  . GLN B 1 10  ? 31.623  18.722  -23.009 1.00 68.59  ? 10  GLN B CG  1 
ATOM 772  C CD  . GLN B 1 10  ? 31.768  18.708  -21.510 1.00 82.35  ? 10  GLN B CD  1 
ATOM 773  O OE1 . GLN B 1 10  ? 30.848  18.338  -20.773 1.00 73.85  ? 10  GLN B OE1 1 
ATOM 774  N NE2 . GLN B 1 10  ? 32.943  19.084  -21.034 1.00 76.85  ? 10  GLN B NE2 1 
ATOM 775  N N   . ALA B 1 11  ? 29.764  15.872  -24.909 1.00 47.16  ? 11  ALA B N   1 
ATOM 776  C CA  . ALA B 1 11  ? 28.383  15.813  -25.374 1.00 47.30  ? 11  ALA B CA  1 
ATOM 777  C C   . ALA B 1 11  ? 27.645  14.610  -24.749 1.00 57.31  ? 11  ALA B C   1 
ATOM 778  O O   . ALA B 1 11  ? 26.524  14.762  -24.242 1.00 59.28  ? 11  ALA B O   1 
ATOM 779  C CB  . ALA B 1 11  ? 28.357  15.725  -26.896 1.00 46.95  ? 11  ALA B CB  1 
ATOM 780  N N   . GLU B 1 12  ? 28.294  13.433  -24.736 1.00 54.54  ? 12  GLU B N   1 
ATOM 781  C CA  . GLU B 1 12  ? 27.744  12.232  -24.135 1.00 54.59  ? 12  GLU B CA  1 
ATOM 782  C C   . GLU B 1 12  ? 27.646  12.387  -22.626 1.00 57.79  ? 12  GLU B C   1 
ATOM 783  O O   . GLU B 1 12  ? 26.686  11.893  -22.042 1.00 57.55  ? 12  GLU B O   1 
ATOM 784  C CB  . GLU B 1 12  ? 28.566  10.995  -24.525 1.00 56.64  ? 12  GLU B CB  1 
ATOM 785  C CG  . GLU B 1 12  ? 27.820  9.679   -24.327 1.00 76.91  ? 12  GLU B CG  1 
ATOM 786  C CD  . GLU B 1 12  ? 26.364  9.663   -24.771 1.00 109.13 ? 12  GLU B CD  1 
ATOM 787  O OE1 . GLU B 1 12  ? 26.111  9.740   -25.996 1.00 102.33 ? 12  GLU B OE1 1 
ATOM 788  O OE2 . GLU B 1 12  ? 25.476  9.617   -23.886 1.00 103.34 ? 12  GLU B OE2 1 
ATOM 789  N N   . LEU B 1 13  ? 28.605  13.115  -22.006 1.00 54.26  ? 13  LEU B N   1 
ATOM 790  C CA  . LEU B 1 13  ? 28.611  13.363  -20.573 1.00 54.33  ? 13  LEU B CA  1 
ATOM 791  C C   . LEU B 1 13  ? 27.457  14.248  -20.159 1.00 62.38  ? 13  LEU B C   1 
ATOM 792  O O   . LEU B 1 13  ? 26.770  13.896  -19.198 1.00 62.85  ? 13  LEU B O   1 
ATOM 793  C CB  . LEU B 1 13  ? 29.962  13.905  -20.067 1.00 53.76  ? 13  LEU B CB  1 
ATOM 794  C CG  . LEU B 1 13  ? 30.036  14.288  -18.588 1.00 57.72  ? 13  LEU B CG  1 
ATOM 795  C CD1 . LEU B 1 13  ? 29.954  13.060  -17.672 1.00 59.79  ? 13  LEU B CD1 1 
ATOM 796  C CD2 . LEU B 1 13  ? 31.249  15.101  -18.308 1.00 57.05  ? 13  LEU B CD2 1 
ATOM 797  N N   . THR B 1 14  ? 27.217  15.373  -20.877 1.00 61.32  ? 14  THR B N   1 
ATOM 798  C CA  . THR B 1 14  ? 26.091  16.260  -20.535 1.00 61.77  ? 14  THR B CA  1 
ATOM 799  C C   . THR B 1 14  ? 24.741  15.575  -20.817 1.00 64.13  ? 14  THR B C   1 
ATOM 800  O O   . THR B 1 14  ? 23.782  15.799  -20.083 1.00 62.51  ? 14  THR B O   1 
ATOM 801  C CB  . THR B 1 14  ? 26.232  17.699  -21.075 1.00 70.41  ? 14  THR B CB  1 
ATOM 802  O OG1 . THR B 1 14  ? 25.911  17.728  -22.464 1.00 70.94  ? 14  THR B OG1 1 
ATOM 803  C CG2 . THR B 1 14  ? 27.602  18.321  -20.790 1.00 64.57  ? 14  THR B CG2 1 
ATOM 804  N N   . LYS B 1 15  ? 24.698  14.688  -21.831 1.00 60.47  ? 15  LYS B N   1 
ATOM 805  C CA  . LYS B 1 15  ? 23.505  13.901  -22.145 1.00 60.37  ? 15  LYS B CA  1 
ATOM 806  C C   . LYS B 1 15  ? 23.241  12.922  -20.979 1.00 65.91  ? 15  LYS B C   1 
ATOM 807  O O   . LYS B 1 15  ? 22.086  12.720  -20.608 1.00 66.89  ? 15  LYS B O   1 
ATOM 808  C CB  . LYS B 1 15  ? 23.697  13.140  -23.466 1.00 62.47  ? 15  LYS B CB  1 
ATOM 809  C CG  . LYS B 1 15  ? 22.430  12.557  -24.031 1.00 80.85  ? 15  LYS B CG  1 
ATOM 810  N N   . SER B 1 16  ? 24.311  12.340  -20.392 1.00 61.54  ? 16  SER B N   1 
ATOM 811  C CA  . SER B 1 16  ? 24.221  11.422  -19.253 1.00 60.58  ? 16  SER B CA  1 
ATOM 812  C C   . SER B 1 16  ? 23.752  12.138  -17.986 1.00 64.08  ? 16  SER B C   1 
ATOM 813  O O   . SER B 1 16  ? 22.914  11.602  -17.255 1.00 64.97  ? 16  SER B O   1 
ATOM 814  C CB  . SER B 1 16  ? 25.558  10.729  -19.005 1.00 63.75  ? 16  SER B CB  1 
ATOM 815  O OG  . SER B 1 16  ? 25.630  9.477   -19.671 1.00 72.56  ? 16  SER B OG  1 
ATOM 816  N N   . GLN B 1 17  ? 24.265  13.354  -17.741 1.00 59.11  ? 17  GLN B N   1 
ATOM 817  C CA  . GLN B 1 17  ? 23.904  14.168  -16.581 1.00 59.18  ? 17  GLN B CA  1 
ATOM 818  C C   . GLN B 1 17  ? 22.424  14.598  -16.642 1.00 64.52  ? 17  GLN B C   1 
ATOM 819  O O   . GLN B 1 17  ? 21.817  14.883  -15.607 1.00 63.72  ? 17  GLN B O   1 
ATOM 820  C CB  . GLN B 1 17  ? 24.809  15.396  -16.482 1.00 60.35  ? 17  GLN B CB  1 
ATOM 821  C CG  . GLN B 1 17  ? 26.249  15.118  -16.018 1.00 72.86  ? 17  GLN B CG  1 
ATOM 822  C CD  . GLN B 1 17  ? 27.193  16.283  -16.321 1.00 93.76  ? 17  GLN B CD  1 
ATOM 823  O OE1 . GLN B 1 17  ? 26.994  17.060  -17.269 1.00 94.01  ? 17  GLN B OE1 1 
ATOM 824  N NE2 . GLN B 1 17  ? 28.274  16.402  -15.555 1.00 77.89  ? 17  GLN B NE2 1 
ATOM 825  N N   . GLU B 1 18  ? 21.857  14.628  -17.867 1.00 61.94  ? 18  GLU B N   1 
ATOM 826  C CA  . GLU B 1 18  ? 20.460  14.940  -18.146 1.00 62.28  ? 18  GLU B CA  1 
ATOM 827  C C   . GLU B 1 18  ? 19.625  13.742  -17.653 1.00 65.94  ? 18  GLU B C   1 
ATOM 828  O O   . GLU B 1 18  ? 18.668  13.939  -16.893 1.00 64.93  ? 18  GLU B O   1 
ATOM 829  C CB  . GLU B 1 18  ? 20.243  15.126  -19.661 1.00 63.86  ? 18  GLU B CB  1 
ATOM 830  C CG  . GLU B 1 18  ? 20.137  16.560  -20.147 1.00 76.58  ? 18  GLU B CG  1 
ATOM 831  C CD  . GLU B 1 18  ? 19.478  16.682  -21.513 1.00 108.45 ? 18  GLU B CD  1 
ATOM 832  O OE1 . GLU B 1 18  ? 19.981  16.060  -22.478 1.00 99.90  ? 18  GLU B OE1 1 
ATOM 833  O OE2 . GLU B 1 18  ? 18.445  17.386  -21.614 1.00 108.27 ? 18  GLU B OE2 1 
ATOM 834  N N   . THR B 1 19  ? 20.014  12.498  -18.080 1.00 61.10  ? 19  THR B N   1 
ATOM 835  C CA  . THR B 1 19  ? 19.347  11.254  -17.692 1.00 60.10  ? 19  THR B CA  1 
ATOM 836  C C   . THR B 1 19  ? 19.334  11.125  -16.172 1.00 64.01  ? 19  THR B C   1 
ATOM 837  O O   . THR B 1 19  ? 18.266  10.901  -15.609 1.00 64.25  ? 19  THR B O   1 
ATOM 838  C CB  . THR B 1 19  ? 19.999  10.065  -18.379 1.00 66.17  ? 19  THR B CB  1 
ATOM 839  O OG1 . THR B 1 19  ? 20.013  10.290  -19.786 1.00 69.32  ? 19  THR B OG1 1 
ATOM 840  C CG2 . THR B 1 19  ? 19.344  8.743   -18.042 1.00 61.79  ? 19  THR B CG2 1 
ATOM 841  N N   . ILE B 1 20  ? 20.485  11.371  -15.509 1.00 59.37  ? 20  ILE B N   1 
ATOM 842  C CA  . ILE B 1 20  ? 20.599  11.355  -14.046 1.00 59.23  ? 20  ILE B CA  1 
ATOM 843  C C   . ILE B 1 20  ? 19.584  12.333  -13.416 1.00 67.55  ? 20  ILE B C   1 
ATOM 844  O O   . ILE B 1 20  ? 18.946  11.994  -12.411 1.00 68.29  ? 20  ILE B O   1 
ATOM 845  C CB  . ILE B 1 20  ? 22.071  11.549  -13.564 1.00 61.12  ? 20  ILE B CB  1 
ATOM 846  C CG1 . ILE B 1 20  ? 22.880  10.243  -13.771 1.00 60.75  ? 20  ILE B CG1 1 
ATOM 847  C CG2 . ILE B 1 20  ? 22.149  12.013  -12.097 1.00 60.31  ? 20  ILE B CG2 1 
ATOM 848  C CD1 . ILE B 1 20  ? 24.350  10.416  -13.982 1.00 61.77  ? 20  ILE B CD1 1 
ATOM 849  N N   . GLY B 1 21  ? 19.411  13.495  -14.050 1.00 65.41  ? 21  GLY B N   1 
ATOM 850  C CA  . GLY B 1 21  ? 18.462  14.522  -13.625 1.00 65.23  ? 21  GLY B CA  1 
ATOM 851  C C   . GLY B 1 21  ? 17.029  14.037  -13.683 1.00 67.04  ? 21  GLY B C   1 
ATOM 852  O O   . GLY B 1 21  ? 16.295  14.180  -12.704 1.00 65.31  ? 21  GLY B O   1 
ATOM 853  N N   . SER B 1 22  ? 16.647  13.418  -14.814 1.00 63.84  ? 22  SER B N   1 
ATOM 854  C CA  . SER B 1 22  ? 15.314  12.882  -15.025 1.00 64.67  ? 22  SER B CA  1 
ATOM 855  C C   . SER B 1 22  ? 15.026  11.603  -14.197 1.00 72.35  ? 22  SER B C   1 
ATOM 856  O O   . SER B 1 22  ? 13.865  11.365  -13.834 1.00 72.40  ? 22  SER B O   1 
ATOM 857  C CB  . SER B 1 22  ? 15.025  12.691  -16.514 1.00 67.77  ? 22  SER B CB  1 
ATOM 858  O OG  . SER B 1 22  ? 15.497  11.455  -17.019 1.00 81.58  ? 22  SER B OG  1 
ATOM 859  N N   . LEU B 1 23  ? 16.075  10.791  -13.901 1.00 69.56  ? 23  LEU B N   1 
ATOM 860  C CA  . LEU B 1 23  ? 15.932  9.569   -13.099 1.00 68.68  ? 23  LEU B CA  1 
ATOM 861  C C   . LEU B 1 23  ? 15.771  9.933   -11.629 1.00 74.00  ? 23  LEU B C   1 
ATOM 862  O O   . LEU B 1 23  ? 15.071  9.222   -10.910 1.00 73.64  ? 23  LEU B O   1 
ATOM 863  C CB  . LEU B 1 23  ? 17.116  8.596   -13.275 1.00 67.89  ? 23  LEU B CB  1 
ATOM 864  C CG  . LEU B 1 23  ? 17.281  7.873   -14.612 1.00 71.67  ? 23  LEU B CG  1 
ATOM 865  C CD1 . LEU B 1 23  ? 18.496  7.001   -14.592 1.00 71.49  ? 23  LEU B CD1 1 
ATOM 866  C CD2 . LEU B 1 23  ? 16.071  7.026   -14.973 1.00 74.38  ? 23  LEU B CD2 1 
ATOM 867  N N   . ASN B 1 24  ? 16.413  11.039  -11.183 1.00 71.17  ? 24  ASN B N   1 
ATOM 868  C CA  . ASN B 1 24  ? 16.297  11.535  -9.810  1.00 71.60  ? 24  ASN B CA  1 
ATOM 869  C C   . ASN B 1 24  ? 14.891  12.074  -9.568  1.00 77.11  ? 24  ASN B C   1 
ATOM 870  O O   . ASN B 1 24  ? 14.359  11.914  -8.466  1.00 77.28  ? 24  ASN B O   1 
ATOM 871  C CB  . ASN B 1 24  ? 17.334  12.611  -9.509  1.00 71.97  ? 24  ASN B CB  1 
ATOM 872  C CG  . ASN B 1 24  ? 18.713  12.087  -9.170  1.00 96.32  ? 24  ASN B CG  1 
ATOM 873  O OD1 . ASN B 1 24  ? 18.917  10.901  -8.868  1.00 86.64  ? 24  ASN B OD1 1 
ATOM 874  N ND2 . ASN B 1 24  ? 19.697  12.981  -9.178  1.00 90.40  ? 24  ASN B ND2 1 
ATOM 875  N N   . GLU B 1 25  ? 14.296  12.688  -10.622 1.00 73.48  ? 25  GLU B N   1 
ATOM 876  C CA  . GLU B 1 25  ? 12.943  13.239  -10.658 1.00 73.39  ? 25  GLU B CA  1 
ATOM 877  C C   . GLU B 1 25  ? 11.941  12.104  -10.417 1.00 76.24  ? 25  GLU B C   1 
ATOM 878  O O   . GLU B 1 25  ? 11.054  12.256  -9.573  1.00 76.14  ? 25  GLU B O   1 
ATOM 879  C CB  . GLU B 1 25  ? 12.678  13.924  -12.019 1.00 74.93  ? 25  GLU B CB  1 
ATOM 880  C CG  . GLU B 1 25  ? 12.457  15.429  -11.928 1.00 87.50  ? 25  GLU B CG  1 
ATOM 881  C CD  . GLU B 1 25  ? 13.000  16.286  -13.063 1.00 111.57 ? 25  GLU B CD  1 
ATOM 882  O OE1 . GLU B 1 25  ? 12.923  15.865  -14.242 1.00 97.76  ? 25  GLU B OE1 1 
ATOM 883  O OE2 . GLU B 1 25  ? 13.468  17.410  -12.771 1.00 108.37 ? 25  GLU B OE2 1 
ATOM 884  N N   . GLU B 1 26  ? 12.127  10.954  -11.128 1.00 70.96  ? 26  GLU B N   1 
ATOM 885  C CA  . GLU B 1 26  ? 11.329  9.725   -11.019 1.00 69.80  ? 26  GLU B CA  1 
ATOM 886  C C   . GLU B 1 26  ? 11.405  9.149   -9.604  1.00 73.31  ? 26  GLU B C   1 
ATOM 887  O O   . GLU B 1 26  ? 10.363  8.838   -9.037  1.00 72.38  ? 26  GLU B O   1 
ATOM 888  C CB  . GLU B 1 26  ? 11.803  8.670   -12.025 1.00 70.72  ? 26  GLU B CB  1 
ATOM 889  C CG  . GLU B 1 26  ? 11.200  8.833   -13.402 1.00 80.01  ? 26  GLU B CG  1 
ATOM 890  C CD  . GLU B 1 26  ? 11.275  7.599   -14.278 1.00 103.25 ? 26  GLU B CD  1 
ATOM 891  O OE1 . GLU B 1 26  ? 11.041  6.482   -13.759 1.00 98.11  ? 26  GLU B OE1 1 
ATOM 892  O OE2 . GLU B 1 26  ? 11.525  7.754   -15.495 1.00 97.81  ? 26  GLU B OE2 1 
ATOM 893  N N   . ILE B 1 27  ? 12.628  9.052   -9.022  1.00 69.09  ? 27  ILE B N   1 
ATOM 894  C CA  . ILE B 1 27  ? 12.857  8.551   -7.665  1.00 68.49  ? 27  ILE B CA  1 
ATOM 895  C C   . ILE B 1 27  ? 12.101  9.360   -6.618  1.00 75.41  ? 27  ILE B C   1 
ATOM 896  O O   . ILE B 1 27  ? 11.446  8.764   -5.759  1.00 76.17  ? 27  ILE B O   1 
ATOM 897  C CB  . ILE B 1 27  ? 14.362  8.320   -7.360  1.00 70.48  ? 27  ILE B CB  1 
ATOM 898  C CG1 . ILE B 1 27  ? 14.815  6.992   -7.985  1.00 70.40  ? 27  ILE B CG1 1 
ATOM 899  C CG2 . ILE B 1 27  ? 14.685  8.354   -5.856  1.00 69.96  ? 27  ILE B CG2 1 
ATOM 900  C CD1 . ILE B 1 27  ? 16.202  7.008   -8.558  1.00 76.35  ? 27  ILE B CD1 1 
ATOM 901  N N   . GLU B 1 28  ? 12.135  10.707  -6.729  1.00 73.40  ? 28  GLU B N   1 
ATOM 902  C CA  . GLU B 1 28  ? 11.406  11.610  -5.829  1.00 73.17  ? 28  GLU B CA  1 
ATOM 903  C C   . GLU B 1 28  ? 9.884   11.410  -5.962  1.00 75.45  ? 28  GLU B C   1 
ATOM 904  O O   . GLU B 1 28  ? 9.190   11.415  -4.942  1.00 74.25  ? 28  GLU B O   1 
ATOM 905  C CB  . GLU B 1 28  ? 11.815  13.083  -6.029  1.00 74.44  ? 28  GLU B CB  1 
ATOM 906  C CG  . GLU B 1 28  ? 13.186  13.429  -5.462  1.00 85.45  ? 28  GLU B CG  1 
ATOM 907  C CD  . GLU B 1 28  ? 13.379  13.255  -3.965  1.00 107.64 ? 28  GLU B CD  1 
ATOM 908  O OE1 . GLU B 1 28  ? 14.124  12.329  -3.567  1.00 97.36  ? 28  GLU B OE1 1 
ATOM 909  O OE2 . GLU B 1 28  ? 12.811  14.060  -3.193  1.00 101.95 ? 28  GLU B OE2 1 
ATOM 910  N N   . GLN B 1 29  ? 9.375   11.181  -7.197  1.00 71.34  ? 29  GLN B N   1 
ATOM 911  C CA  . GLN B 1 29  ? 7.955   10.902  -7.342  1.00 71.21  ? 29  GLN B CA  1 
ATOM 912  C C   . GLN B 1 29  ? 7.548   9.501   -6.855  1.00 75.84  ? 29  GLN B C   1 
ATOM 913  O O   . GLN B 1 29  ? 6.486   9.394   -6.251  1.00 76.28  ? 29  GLN B O   1 
ATOM 914  C CB  . GLN B 1 29  ? 7.312   11.395  -8.645  1.00 72.45  ? 29  GLN B CB  1 
ATOM 915  C CG  . GLN B 1 29  ? 7.706   10.696  -9.915  1.00 93.65  ? 29  GLN B CG  1 
ATOM 916  C CD  . GLN B 1 29  ? 7.202   11.504  -11.084 1.00 121.34 ? 29  GLN B CD  1 
ATOM 917  O OE1 . GLN B 1 29  ? 7.898   12.384  -11.606 1.00 118.51 ? 29  GLN B OE1 1 
ATOM 918  N NE2 . GLN B 1 29  ? 5.957   11.270  -11.481 1.00 116.16 ? 29  GLN B NE2 1 
ATOM 919  N N   . TYR B 1 30  ? 8.449   8.481   -6.971  1.00 71.16  ? 30  TYR B N   1 
ATOM 920  C CA  . TYR B 1 30  ? 8.248   7.140   -6.414  1.00 70.00  ? 30  TYR B CA  1 
ATOM 921  C C   . TYR B 1 30  ? 8.299   7.151   -4.893  1.00 74.64  ? 30  TYR B C   1 
ATOM 922  O O   . TYR B 1 30  ? 7.518   6.436   -4.285  1.00 74.98  ? 30  TYR B O   1 
ATOM 923  C CB  . TYR B 1 30  ? 9.238   6.103   -6.956  1.00 70.09  ? 30  TYR B CB  1 
ATOM 924  C CG  . TYR B 1 30  ? 8.832   5.502   -8.280  1.00 71.21  ? 30  TYR B CG  1 
ATOM 925  C CD1 . TYR B 1 30  ? 7.715   4.673   -8.383  1.00 72.86  ? 30  TYR B CD1 1 
ATOM 926  C CD2 . TYR B 1 30  ? 9.587   5.721   -9.426  1.00 71.92  ? 30  TYR B CD2 1 
ATOM 927  C CE1 . TYR B 1 30  ? 7.323   4.133   -9.608  1.00 73.37  ? 30  TYR B CE1 1 
ATOM 928  C CE2 . TYR B 1 30  ? 9.209   5.184   -10.657 1.00 72.84  ? 30  TYR B CE2 1 
ATOM 929  C CZ  . TYR B 1 30  ? 8.075   4.390   -10.743 1.00 79.63  ? 30  TYR B CZ  1 
ATOM 930  O OH  . TYR B 1 30  ? 7.715   3.844   -11.948 1.00 79.59  ? 30  TYR B OH  1 
ATOM 931  N N   . LYS B 1 31  ? 9.202   7.950   -4.279  1.00 70.23  ? 31  LYS B N   1 
ATOM 932  C CA  . LYS B 1 31  ? 9.324   8.090   -2.824  1.00 69.92  ? 31  LYS B CA  1 
ATOM 933  C C   . LYS B 1 31  ? 8.018   8.673   -2.245  1.00 74.71  ? 31  LYS B C   1 
ATOM 934  O O   . LYS B 1 31  ? 7.589   8.268   -1.161  1.00 74.39  ? 31  LYS B O   1 
ATOM 935  C CB  . LYS B 1 31  ? 10.495  9.022   -2.470  1.00 71.82  ? 31  LYS B CB  1 
ATOM 936  C CG  . LYS B 1 31  ? 11.865  8.373   -2.467  1.00 81.82  ? 31  LYS B CG  1 
ATOM 937  C CD  . LYS B 1 31  ? 12.940  9.431   -2.211  1.00 91.22  ? 31  LYS B CD  1 
ATOM 938  C CE  . LYS B 1 31  ? 14.333  8.870   -2.083  1.00 100.14 ? 31  LYS B CE  1 
ATOM 939  N NZ  . LYS B 1 31  ? 15.336  9.949   -1.891  1.00 103.65 ? 31  LYS B NZ  1 
ATOM 940  N N   . GLY B 1 32  ? 7.424   9.617   -2.988  1.00 70.99  ? 32  GLY B N   1 
ATOM 941  C CA  . GLY B 1 32  ? 6.169   10.271  -2.660  1.00 70.37  ? 32  GLY B CA  1 
ATOM 942  C C   . GLY B 1 32  ? 4.991   9.326   -2.787  1.00 73.94  ? 32  GLY B C   1 
ATOM 943  O O   . GLY B 1 32  ? 4.079   9.368   -1.955  1.00 74.32  ? 32  GLY B O   1 
ATOM 944  N N   . THR B 1 33  ? 4.998   8.460   -3.827  1.00 69.17  ? 33  THR B N   1 
ATOM 945  C CA  . THR B 1 33  ? 3.936   7.472   -4.005  1.00 68.45  ? 33  THR B CA  1 
ATOM 946  C C   . THR B 1 33  ? 4.003   6.326   -2.984  1.00 72.56  ? 33  THR B C   1 
ATOM 947  O O   . THR B 1 33  ? 2.949   5.852   -2.571  1.00 73.71  ? 33  THR B O   1 
ATOM 948  C CB  . THR B 1 33  ? 3.584   7.112   -5.464  1.00 74.69  ? 33  THR B CB  1 
ATOM 949  O OG1 . THR B 1 33  ? 2.904   5.858   -5.484  1.00 72.92  ? 33  THR B OG1 1 
ATOM 950  C CG2 . THR B 1 33  ? 4.774   7.000   -6.363  1.00 76.73  ? 33  THR B CG2 1 
ATOM 951  N N   . VAL B 1 34  ? 5.216   5.914   -2.543  1.00 66.71  ? 34  VAL B N   1 
ATOM 952  C CA  . VAL B 1 34  ? 5.392   4.859   -1.535  1.00 65.11  ? 34  VAL B CA  1 
ATOM 953  C C   . VAL B 1 34  ? 4.908   5.408   -0.180  1.00 70.77  ? 34  VAL B C   1 
ATOM 954  O O   . VAL B 1 34  ? 4.171   4.715   0.525   1.00 71.18  ? 34  VAL B O   1 
ATOM 955  C CB  . VAL B 1 34  ? 6.836   4.289   -1.496  1.00 67.04  ? 34  VAL B CB  1 
ATOM 956  C CG1 . VAL B 1 34  ? 7.117   3.503   -0.217  1.00 66.20  ? 34  VAL B CG1 1 
ATOM 957  C CG2 . VAL B 1 34  ? 7.118   3.424   -2.717  1.00 66.46  ? 34  VAL B CG2 1 
ATOM 958  N N   . SER B 1 35  ? 5.279   6.664   0.143   1.00 67.42  ? 35  SER B N   1 
ATOM 959  C CA  . SER B 1 35  ? 4.894   7.366   1.374   1.00 67.18  ? 35  SER B CA  1 
ATOM 960  C C   . SER B 1 35  ? 3.365   7.480   1.532   1.00 70.21  ? 35  SER B C   1 
ATOM 961  O O   . SER B 1 35  ? 2.855   7.199   2.619   1.00 70.13  ? 35  SER B O   1 
ATOM 962  C CB  . SER B 1 35  ? 5.544   8.744   1.430   1.00 71.10  ? 35  SER B CB  1 
ATOM 963  O OG  . SER B 1 35  ? 5.293   9.353   2.685   1.00 82.69  ? 35  SER B OG  1 
ATOM 964  N N   . THR B 1 36  ? 2.643   7.861   0.446   1.00 65.74  ? 36  THR B N   1 
ATOM 965  C CA  . THR B 1 36  ? 1.177   7.948   0.442   1.00 65.31  ? 36  THR B CA  1 
ATOM 966  C C   . THR B 1 36  ? 0.527   6.573   0.715   1.00 68.32  ? 36  THR B C   1 
ATOM 967  O O   . THR B 1 36  ? -0.343  6.458   1.584   1.00 67.62  ? 36  THR B O   1 
ATOM 968  C CB  . THR B 1 36  ? 0.608   8.719   -0.783  1.00 72.56  ? 36  THR B CB  1 
ATOM 969  O OG1 . THR B 1 36  ? -0.803  8.660   -0.697  1.00 74.02  ? 36  THR B OG1 1 
ATOM 970  C CG2 . THR B 1 36  ? 0.966   8.150   -2.141  1.00 71.56  ? 36  THR B CG2 1 
ATOM 971  N N   . LEU B 1 37  ? 1.013   5.530   0.009   1.00 63.84  ? 37  LEU B N   1 
ATOM 972  C CA  . LEU B 1 37  ? 0.545   4.159   0.137   1.00 63.16  ? 37  LEU B CA  1 
ATOM 973  C C   . LEU B 1 37  ? 0.801   3.606   1.520   1.00 65.93  ? 37  LEU B C   1 
ATOM 974  O O   . LEU B 1 37  ? -0.036  2.872   2.016   1.00 66.83  ? 37  LEU B O   1 
ATOM 975  C CB  . LEU B 1 37  ? 1.153   3.257   -0.939  1.00 63.62  ? 37  LEU B CB  1 
ATOM 976  C CG  . LEU B 1 37  ? 0.652   3.443   -2.386  1.00 69.24  ? 37  LEU B CG  1 
ATOM 977  C CD1 . LEU B 1 37  ? 1.631   2.829   -3.376  1.00 69.54  ? 37  LEU B CD1 1 
ATOM 978  C CD2 . LEU B 1 37  ? -0.745  2.839   -2.597  1.00 72.27  ? 37  LEU B CD2 1 
ATOM 979  N N   . GLU B 1 38  ? 1.910   3.987   2.159   1.00 61.45  ? 38  GLU B N   1 
ATOM 980  C CA  . GLU B 1 38  ? 2.243   3.563   3.521   1.00 61.44  ? 38  GLU B CA  1 
ATOM 981  C C   . GLU B 1 38  ? 1.406   4.286   4.579   1.00 64.04  ? 38  GLU B C   1 
ATOM 982  O O   . GLU B 1 38  ? 1.150   3.709   5.632   1.00 63.84  ? 38  GLU B O   1 
ATOM 983  C CB  . GLU B 1 38  ? 3.741   3.704   3.811   1.00 63.15  ? 38  GLU B CB  1 
ATOM 984  C CG  . GLU B 1 38  ? 4.566   2.617   3.146   1.00 78.27  ? 38  GLU B CG  1 
ATOM 985  C CD  . GLU B 1 38  ? 6.076   2.750   3.222   1.00 113.28 ? 38  GLU B CD  1 
ATOM 986  O OE1 . GLU B 1 38  ? 6.575   3.844   3.577   1.00 118.53 ? 38  GLU B OE1 1 
ATOM 987  O OE2 . GLU B 1 38  ? 6.764   1.756   2.896   1.00 113.88 ? 38  GLU B OE2 1 
ATOM 988  N N   . ILE B 1 39  ? 0.989   5.540   4.309   1.00 60.15  ? 39  ILE B N   1 
ATOM 989  C CA  . ILE B 1 39  ? 0.140   6.313   5.218   1.00 60.16  ? 39  ILE B CA  1 
ATOM 990  C C   . ILE B 1 39  ? -1.291  5.717   5.199   1.00 62.17  ? 39  ILE B C   1 
ATOM 991  O O   . ILE B 1 39  ? -1.890  5.536   6.266   1.00 61.13  ? 39  ILE B O   1 
ATOM 992  C CB  . ILE B 1 39  ? 0.185   7.845   4.915   1.00 63.72  ? 39  ILE B CB  1 
ATOM 993  C CG1 . ILE B 1 39  ? 1.562   8.448   5.308   1.00 64.36  ? 39  ILE B CG1 1 
ATOM 994  C CG2 . ILE B 1 39  ? -0.952  8.592   5.649   1.00 63.38  ? 39  ILE B CG2 1 
ATOM 995  C CD1 . ILE B 1 39  ? 1.922   9.773   4.588   1.00 71.85  ? 39  ILE B CD1 1 
ATOM 996  N N   . GLU B 1 40  ? -1.798  5.382   3.984   1.00 57.51  ? 40  GLU B N   1 
ATOM 997  C CA  . GLU B 1 40  ? -3.095  4.739   3.755   1.00 57.01  ? 40  GLU B CA  1 
ATOM 998  C C   . GLU B 1 40  ? -3.122  3.380   4.469   1.00 60.68  ? 40  GLU B C   1 
ATOM 999  O O   . GLU B 1 40  ? -4.071  3.076   5.187   1.00 61.44  ? 40  GLU B O   1 
ATOM 1000 C CB  . GLU B 1 40  ? -3.315  4.462   2.262   1.00 58.28  ? 40  GLU B CB  1 
ATOM 1001 C CG  . GLU B 1 40  ? -3.686  5.653   1.402   1.00 65.41  ? 40  GLU B CG  1 
ATOM 1002 C CD  . GLU B 1 40  ? -3.913  5.312   -0.066  1.00 94.61  ? 40  GLU B CD  1 
ATOM 1003 O OE1 . GLU B 1 40  ? -4.280  4.152   -0.375  1.00 84.45  ? 40  GLU B OE1 1 
ATOM 1004 O OE2 . GLU B 1 40  ? -3.732  6.219   -0.909  1.00 92.90  ? 40  GLU B OE2 1 
ATOM 1005 N N   . ARG B 1 41  ? -2.044  2.582   4.282   1.00 55.08  ? 41  ARG B N   1 
ATOM 1006 C CA  . ARG B 1 41  ? -1.843  1.242   4.840   1.00 54.11  ? 41  ARG B CA  1 
ATOM 1007 C C   . ARG B 1 41  ? -1.911  1.224   6.365   1.00 56.50  ? 41  ARG B C   1 
ATOM 1008 O O   . ARG B 1 41  ? -2.530  0.317   6.914   1.00 55.57  ? 41  ARG B O   1 
ATOM 1009 C CB  . ARG B 1 41  ? -0.528  0.648   4.324   1.00 51.89  ? 41  ARG B CB  1 
ATOM 1010 C CG  . ARG B 1 41  ? -0.253  -0.806  4.658   1.00 54.43  ? 41  ARG B CG  1 
ATOM 1011 C CD  . ARG B 1 41  ? 1.244   -0.968  4.742   1.00 56.73  ? 41  ARG B CD  1 
ATOM 1012 N NE  . ARG B 1 41  ? 1.637   -2.361  4.811   1.00 61.26  ? 41  ARG B NE  1 
ATOM 1013 C CZ  . ARG B 1 41  ? 1.946   -2.993  5.933   1.00 78.35  ? 41  ARG B CZ  1 
ATOM 1014 N NH1 . ARG B 1 41  ? 1.884   -2.358  7.099   1.00 71.62  ? 41  ARG B NH1 1 
ATOM 1015 N NH2 . ARG B 1 41  ? 2.293   -4.273  5.907   1.00 65.13  ? 41  ARG B NH2 1 
ATOM 1016 N N   . GLU B 1 42  ? -1.302  2.218   7.042   1.00 52.07  ? 42  GLU B N   1 
ATOM 1017 C CA  . GLU B 1 42  ? -1.344  2.321   8.505   1.00 51.53  ? 42  GLU B CA  1 
ATOM 1018 C C   . GLU B 1 42  ? -2.795  2.583   8.974   1.00 52.28  ? 42  GLU B C   1 
ATOM 1019 O O   . GLU B 1 42  ? -3.231  1.976   9.947   1.00 51.61  ? 42  GLU B O   1 
ATOM 1020 C CB  . GLU B 1 42  ? -0.381  3.410   9.007   1.00 53.10  ? 42  GLU B CB  1 
ATOM 1021 C CG  . GLU B 1 42  ? -0.184  3.435   10.513  1.00 67.31  ? 42  GLU B CG  1 
ATOM 1022 C CD  . GLU B 1 42  ? -0.314  4.829   11.096  1.00 102.14 ? 42  GLU B CD  1 
ATOM 1023 O OE1 . GLU B 1 42  ? 0.621   5.640   10.905  1.00 103.60 ? 42  GLU B OE1 1 
ATOM 1024 O OE2 . GLU B 1 42  ? -1.366  5.123   11.713  1.00 101.43 ? 42  GLU B OE2 1 
ATOM 1025 N N   . PHE B 1 43  ? -3.539  3.437   8.245   1.00 46.97  ? 43  PHE B N   1 
ATOM 1026 C CA  . PHE B 1 43  ? -4.928  3.770   8.540   1.00 45.58  ? 43  PHE B CA  1 
ATOM 1027 C C   . PHE B 1 43  ? -5.845  2.541   8.389   1.00 48.72  ? 43  PHE B C   1 
ATOM 1028 O O   . PHE B 1 43  ? -6.624  2.254   9.300   1.00 47.72  ? 43  PHE B O   1 
ATOM 1029 C CB  . PHE B 1 43  ? -5.415  4.914   7.620   1.00 46.93  ? 43  PHE B CB  1 
ATOM 1030 C CG  . PHE B 1 43  ? -6.883  5.287   7.780   1.00 48.09  ? 43  PHE B CG  1 
ATOM 1031 C CD1 . PHE B 1 43  ? -7.297  6.086   8.826   1.00 50.17  ? 43  PHE B CD1 1 
ATOM 1032 C CD2 . PHE B 1 43  ? -7.850  4.831   6.869   1.00 48.74  ? 43  PHE B CD2 1 
ATOM 1033 C CE1 . PHE B 1 43  ? -8.642  6.441   8.967   1.00 50.88  ? 43  PHE B CE1 1 
ATOM 1034 C CE2 . PHE B 1 43  ? -9.207  5.163   7.029   1.00 51.14  ? 43  PHE B CE2 1 
ATOM 1035 C CZ  . PHE B 1 43  ? -9.594  5.958   8.085   1.00 49.31  ? 43  PHE B CZ  1 
ATOM 1036 N N   . TYR B 1 44  ? -5.774  1.841   7.247   1.00 45.76  ? 44  TYR B N   1 
ATOM 1037 C CA  . TYR B 1 44  ? -6.611  0.677   6.992   1.00 45.98  ? 44  TYR B CA  1 
ATOM 1038 C C   . TYR B 1 44  ? -6.270  -0.502  7.853   1.00 49.75  ? 44  TYR B C   1 
ATOM 1039 O O   . TYR B 1 44  ? -7.183  -1.206  8.285   1.00 50.44  ? 44  TYR B O   1 
ATOM 1040 C CB  . TYR B 1 44  ? -6.625  0.308   5.522   1.00 47.65  ? 44  TYR B CB  1 
ATOM 1041 C CG  . TYR B 1 44  ? -7.272  1.362   4.661   1.00 50.29  ? 44  TYR B CG  1 
ATOM 1042 C CD1 . TYR B 1 44  ? -8.642  1.600   4.730   1.00 52.65  ? 44  TYR B CD1 1 
ATOM 1043 C CD2 . TYR B 1 44  ? -6.530  2.080   3.729   1.00 51.52  ? 44  TYR B CD2 1 
ATOM 1044 C CE1 . TYR B 1 44  ? -9.250  2.564   3.929   1.00 54.46  ? 44  TYR B CE1 1 
ATOM 1045 C CE2 . TYR B 1 44  ? -7.127  3.044   2.918   1.00 52.82  ? 44  TYR B CE2 1 
ATOM 1046 C CZ  . TYR B 1 44  ? -8.489  3.290   3.028   1.00 59.45  ? 44  TYR B CZ  1 
ATOM 1047 O OH  . TYR B 1 44  ? -9.088  4.228   2.228   1.00 57.00  ? 44  TYR B OH  1 
ATOM 1048 N N   . PHE B 1 45  ? -4.975  -0.697  8.144   1.00 45.81  ? 45  PHE B N   1 
ATOM 1049 C CA  . PHE B 1 45  ? -4.502  -1.765  9.032   1.00 45.94  ? 45  PHE B CA  1 
ATOM 1050 C C   . PHE B 1 45  ? -5.008  -1.536  10.456  1.00 49.70  ? 45  PHE B C   1 
ATOM 1051 O O   . PHE B 1 45  ? -5.327  -2.501  11.137  1.00 50.91  ? 45  PHE B O   1 
ATOM 1052 C CB  . PHE B 1 45  ? -2.968  -1.885  8.994   1.00 48.09  ? 45  PHE B CB  1 
ATOM 1053 C CG  . PHE B 1 45  ? -2.424  -2.851  7.958   1.00 50.05  ? 45  PHE B CG  1 
ATOM 1054 C CD1 . PHE B 1 45  ? -1.335  -3.669  8.249   1.00 53.03  ? 45  PHE B CD1 1 
ATOM 1055 C CD2 . PHE B 1 45  ? -3.014  -2.959  6.696   1.00 51.99  ? 45  PHE B CD2 1 
ATOM 1056 C CE1 . PHE B 1 45  ? -0.844  -4.571  7.296   1.00 53.55  ? 45  PHE B CE1 1 
ATOM 1057 C CE2 . PHE B 1 45  ? -2.514  -3.853  5.747   1.00 54.14  ? 45  PHE B CE2 1 
ATOM 1058 C CZ  . PHE B 1 45  ? -1.446  -4.663  6.061   1.00 52.30  ? 45  PHE B CZ  1 
ATOM 1059 N N   . ASN B 1 46  ? -5.155  -0.273  10.874  1.00 45.07  ? 46  ASN B N   1 
ATOM 1060 C CA  . ASN B 1 46  ? -5.712  0.082   12.185  1.00 45.30  ? 46  ASN B CA  1 
ATOM 1061 C C   . ASN B 1 46  ? -7.224  -0.230  12.287  1.00 46.22  ? 46  ASN B C   1 
ATOM 1062 O O   . ASN B 1 46  ? -7.677  -0.652  13.342  1.00 45.89  ? 46  ASN B O   1 
ATOM 1063 C CB  . ASN B 1 46  ? -5.456  1.552   12.519  1.00 47.39  ? 46  ASN B CB  1 
ATOM 1064 C CG  . ASN B 1 46  ? -4.114  1.798   13.163  1.00 83.16  ? 46  ASN B CG  1 
ATOM 1065 O OD1 . ASN B 1 46  ? -3.617  0.992   13.957  1.00 82.00  ? 46  ASN B OD1 1 
ATOM 1066 N ND2 . ASN B 1 46  ? -3.512  2.945   12.870  1.00 78.73  ? 46  ASN B ND2 1 
ATOM 1067 N N   . LYS B 1 47  ? -7.984  -0.018  11.199  1.00 40.29  ? 47  LYS B N   1 
ATOM 1068 C CA  . LYS B 1 47  ? -9.427  -0.289  11.143  1.00 39.65  ? 47  LYS B CA  1 
ATOM 1069 C C   . LYS B 1 47  ? -9.707  -1.793  11.175  1.00 44.66  ? 47  LYS B C   1 
ATOM 1070 O O   . LYS B 1 47  ? -10.612 -2.249  11.883  1.00 44.19  ? 47  LYS B O   1 
ATOM 1071 C CB  . LYS B 1 47  ? -10.052 0.356   9.904   1.00 42.17  ? 47  LYS B CB  1 
ATOM 1072 C CG  . LYS B 1 47  ? -9.977  1.865   9.894   1.00 41.58  ? 47  LYS B CG  1 
ATOM 1073 C CD  . LYS B 1 47  ? -10.603 2.492   11.162  1.00 45.15  ? 47  LYS B CD  1 
ATOM 1074 C CE  . LYS B 1 47  ? -10.760 3.967   11.034  1.00 48.12  ? 47  LYS B CE  1 
ATOM 1075 N NZ  . LYS B 1 47  ? -10.159 4.692   12.175  1.00 58.26  ? 47  LYS B NZ  1 
ATOM 1076 N N   . LEU B 1 48  ? -8.883  -2.564  10.427  1.00 42.39  ? 48  LEU B N   1 
ATOM 1077 C CA  . LEU B 1 48  ? -8.961  -4.015  10.364  1.00 42.30  ? 48  LEU B CA  1 
ATOM 1078 C C   . LEU B 1 48  ? -8.552  -4.583  11.714  1.00 43.80  ? 48  LEU B C   1 
ATOM 1079 O O   . LEU B 1 48  ? -9.185  -5.526  12.177  1.00 43.10  ? 48  LEU B O   1 
ATOM 1080 C CB  . LEU B 1 48  ? -8.090  -4.566  9.225   1.00 42.61  ? 48  LEU B CB  1 
ATOM 1081 C CG  . LEU B 1 48  ? -8.641  -4.318  7.830   1.00 48.05  ? 48  LEU B CG  1 
ATOM 1082 C CD1 . LEU B 1 48  ? -7.533  -4.291  6.808   1.00 49.43  ? 48  LEU B CD1 1 
ATOM 1083 C CD2 . LEU B 1 48  ? -9.709  -5.313  7.468   1.00 49.99  ? 48  LEU B CD2 1 
ATOM 1084 N N   . ARG B 1 49  ? -7.557  -3.942  12.381  1.00 38.46  ? 49  ARG B N   1 
ATOM 1085 C CA  . ARG B 1 49  ? -7.113  -4.297  13.730  1.00 38.17  ? 49  ARG B CA  1 
ATOM 1086 C C   . ARG B 1 49  ? -8.253  -4.090  14.749  1.00 42.63  ? 49  ARG B C   1 
ATOM 1087 O O   . ARG B 1 49  ? -8.544  -4.994  15.531  1.00 43.88  ? 49  ARG B O   1 
ATOM 1088 C CB  . ARG B 1 49  ? -5.848  -3.511  14.130  1.00 37.78  ? 49  ARG B CB  1 
ATOM 1089 C CG  . ARG B 1 49  ? -5.285  -3.884  15.500  1.00 46.58  ? 49  ARG B CG  1 
ATOM 1090 C CD  . ARG B 1 49  ? -4.985  -5.364  15.573  1.00 66.39  ? 49  ARG B CD  1 
ATOM 1091 N NE  . ARG B 1 49  ? -4.159  -5.720  16.723  1.00 78.06  ? 49  ARG B NE  1 
ATOM 1092 C CZ  . ARG B 1 49  ? -4.068  -6.950  17.212  1.00 88.98  ? 49  ARG B CZ  1 
ATOM 1093 N NH1 . ARG B 1 49  ? -4.776  -7.939  16.678  1.00 72.20  ? 49  ARG B NH1 1 
ATOM 1094 N NH2 . ARG B 1 49  ? -3.280  -7.200  18.249  1.00 79.16  ? 49  ARG B NH2 1 
ATOM 1095 N N   . ASP B 1 50  ? -8.945  -2.949  14.681  1.00 37.76  ? 50  ASP B N   1 
ATOM 1096 C CA  . ASP B 1 50  ? -10.096 -2.659  15.532  1.00 37.76  ? 50  ASP B CA  1 
ATOM 1097 C C   . ASP B 1 50  ? -11.196 -3.701  15.326  1.00 42.08  ? 50  ASP B C   1 
ATOM 1098 O O   . ASP B 1 50  ? -11.818 -4.111  16.307  1.00 42.11  ? 50  ASP B O   1 
ATOM 1099 C CB  . ASP B 1 50  ? -10.604 -1.214  15.293  1.00 38.94  ? 50  ASP B CB  1 
ATOM 1100 C CG  . ASP B 1 50  ? -9.649  -0.121  15.779  0.50 46.32  ? 50  ASP B CG  1 
ATOM 1101 O OD1 . ASP B 1 50  ? -8.752  -0.424  16.606  0.50 48.86  ? 50  ASP B OD1 1 
ATOM 1102 O OD2 . ASP B 1 50  ? -9.791  1.027   15.336  0.50 48.64  ? 50  ASP B OD2 1 
ATOM 1103 N N   . ILE B 1 51  ? -11.410 -4.173  14.068  1.00 37.79  ? 51  ILE B N   1 
ATOM 1104 C CA  . ILE B 1 51  ? -12.409 -5.220  13.825  1.00 37.02  ? 51  ILE B CA  1 
ATOM 1105 C C   . ILE B 1 51  ? -11.906 -6.556  14.403  1.00 41.37  ? 51  ILE B C   1 
ATOM 1106 O O   . ILE B 1 51  ? -12.682 -7.291  15.031  1.00 40.19  ? 51  ILE B O   1 
ATOM 1107 C CB  . ILE B 1 51  ? -12.890 -5.317  12.352  1.00 39.76  ? 51  ILE B CB  1 
ATOM 1108 C CG1 . ILE B 1 51  ? -13.640 -4.013  11.953  1.00 39.86  ? 51  ILE B CG1 1 
ATOM 1109 C CG2 . ILE B 1 51  ? -13.807 -6.587  12.139  1.00 39.85  ? 51  ILE B CG2 1 
ATOM 1110 C CD1 . ILE B 1 51  ? -13.927 -3.817  10.452  1.00 43.84  ? 51  ILE B CD1 1 
ATOM 1111 N N   . GLU B 1 52  ? -10.595 -6.839  14.238  1.00 38.61  ? 52  GLU B N   1 
ATOM 1112 C CA  . GLU B 1 52  ? -9.972  -8.072  14.757  1.00 38.47  ? 52  GLU B CA  1 
ATOM 1113 C C   . GLU B 1 52  ? -10.066 -8.147  16.291  1.00 40.43  ? 52  GLU B C   1 
ATOM 1114 O O   . GLU B 1 52  ? -10.499 -9.171  16.818  1.00 37.74  ? 52  GLU B O   1 
ATOM 1115 C CB  . GLU B 1 52  ? -8.526  -8.193  14.286  1.00 39.95  ? 52  GLU B CB  1 
ATOM 1116 C CG  . GLU B 1 52  ? -7.892  -9.547  14.539  1.00 50.77  ? 52  GLU B CG  1 
ATOM 1117 C CD  . GLU B 1 52  ? -6.488  -9.697  13.980  1.00 65.28  ? 52  GLU B CD  1 
ATOM 1118 O OE1 . GLU B 1 52  ? -5.734  -8.694  13.989  1.00 41.92  ? 52  GLU B OE1 1 
ATOM 1119 O OE2 . GLU B 1 52  ? -6.181  -10.779 13.431  1.00 57.33  ? 52  GLU B OE2 1 
ATOM 1120 N N   . ILE B 1 53  ? -9.722  -7.040  16.989  1.00 38.14  ? 53  ILE B N   1 
ATOM 1121 C CA  . ILE B 1 53  ? -9.797  -6.900  18.440  1.00 38.50  ? 53  ILE B CA  1 
ATOM 1122 C C   . ILE B 1 53  ? -11.239 -7.148  18.893  1.00 42.54  ? 53  ILE B C   1 
ATOM 1123 O O   . ILE B 1 53  ? -11.442 -7.947  19.789  1.00 42.82  ? 53  ILE B O   1 
ATOM 1124 C CB  . ILE B 1 53  ? -9.261  -5.512  18.898  1.00 41.85  ? 53  ILE B CB  1 
ATOM 1125 C CG1 . ILE B 1 53  ? -7.731  -5.442  18.772  1.00 42.42  ? 53  ILE B CG1 1 
ATOM 1126 C CG2 . ILE B 1 53  ? -9.696  -5.185  20.325  1.00 42.24  ? 53  ILE B CG2 1 
ATOM 1127 C CD1 . ILE B 1 53  ? -7.186  -3.983  18.763  1.00 47.73  ? 53  ILE B CD1 1 
ATOM 1128 N N   . LEU B 1 54  ? -12.224 -6.511  18.249  1.00 39.35  ? 54  LEU B N   1 
ATOM 1129 C CA  . LEU B 1 54  ? -13.647 -6.660  18.553  1.00 39.64  ? 54  LEU B CA  1 
ATOM 1130 C C   . LEU B 1 54  ? -14.111 -8.105  18.404  1.00 46.62  ? 54  LEU B C   1 
ATOM 1131 O O   . LEU B 1 54  ? -14.786 -8.613  19.294  1.00 48.21  ? 54  LEU B O   1 
ATOM 1132 C CB  . LEU B 1 54  ? -14.475 -5.708  17.670  1.00 39.54  ? 54  LEU B CB  1 
ATOM 1133 C CG  . LEU B 1 54  ? -15.986 -5.788  17.784  1.00 44.00  ? 54  LEU B CG  1 
ATOM 1134 C CD1 . LEU B 1 54  ? -16.464 -5.273  19.132  1.00 44.24  ? 54  LEU B CD1 1 
ATOM 1135 C CD2 . LEU B 1 54  ? -16.657 -5.036  16.648  1.00 43.87  ? 54  LEU B CD2 1 
ATOM 1136 N N   . VAL B 1 55  ? -13.711 -8.773  17.308  1.00 42.84  ? 55  VAL B N   1 
ATOM 1137 C CA  . VAL B 1 55  ? -14.048 -10.167 17.031  1.00 42.85  ? 55  VAL B CA  1 
ATOM 1138 C C   . VAL B 1 55  ? -13.491 -11.091 18.118  1.00 50.10  ? 55  VAL B C   1 
ATOM 1139 O O   . VAL B 1 55  ? -14.244 -11.886 18.683  1.00 49.17  ? 55  VAL B O   1 
ATOM 1140 C CB  . VAL B 1 55  ? -13.660 -10.587 15.574  1.00 45.66  ? 55  VAL B CB  1 
ATOM 1141 C CG1 . VAL B 1 55  ? -13.545 -12.105 15.425  1.00 44.44  ? 55  VAL B CG1 1 
ATOM 1142 C CG2 . VAL B 1 55  ? -14.642 -10.007 14.556  1.00 45.00  ? 55  VAL B CG2 1 
ATOM 1143 N N   . HIS B 1 56  ? -12.190 -10.952 18.446  1.00 48.77  ? 56  HIS B N   1 
ATOM 1144 C CA  . HIS B 1 56  ? -11.564 -11.788 19.478  1.00 49.24  ? 56  HIS B CA  1 
ATOM 1145 C C   . HIS B 1 56  ? -12.058 -11.520 20.908  1.00 56.39  ? 56  HIS B C   1 
ATOM 1146 O O   . HIS B 1 56  ? -12.346 -12.481 21.634  1.00 57.30  ? 56  HIS B O   1 
ATOM 1147 C CB  . HIS B 1 56  ? -10.041 -11.862 19.320  1.00 49.70  ? 56  HIS B CB  1 
ATOM 1148 C CG  . HIS B 1 56  ? -9.634  -12.455 17.997  1.00 53.45  ? 56  HIS B CG  1 
ATOM 1149 N ND1 . HIS B 1 56  ? -10.082 -13.712 17.593  1.00 55.49  ? 56  HIS B ND1 1 
ATOM 1150 C CD2 . HIS B 1 56  ? -8.892  -11.921 16.996  1.00 55.02  ? 56  HIS B CD2 1 
ATOM 1151 C CE1 . HIS B 1 56  ? -9.597  -13.889 16.370  1.00 54.73  ? 56  HIS B CE1 1 
ATOM 1152 N NE2 . HIS B 1 56  ? -8.871  -12.842 15.974  1.00 54.92  ? 56  HIS B NE2 1 
ATOM 1153 N N   . THR B 1 57  ? -12.247 -10.234 21.271  1.00 52.32  ? 57  THR B N   1 
ATOM 1154 C CA  . THR B 1 57  ? -12.790 -9.797  22.559  1.00 51.94  ? 57  THR B CA  1 
ATOM 1155 C C   . THR B 1 57  ? -14.196 -10.361 22.767  1.00 60.01  ? 57  THR B C   1 
ATOM 1156 O O   . THR B 1 57  ? -14.460 -10.903 23.837  1.00 62.31  ? 57  THR B O   1 
ATOM 1157 C CB  . THR B 1 57  ? -12.763 -8.281  22.632  1.00 54.38  ? 57  THR B CB  1 
ATOM 1158 O OG1 . THR B 1 57  ? -11.411 -7.902  22.804  1.00 54.16  ? 57  THR B OG1 1 
ATOM 1159 C CG2 . THR B 1 57  ? -13.607 -7.701  23.758  1.00 54.63  ? 57  THR B CG2 1 
ATOM 1160 N N   . THR B 1 58  ? -15.085 -10.250 21.751  1.00 55.46  ? 58  THR B N   1 
ATOM 1161 C CA  . THR B 1 58  ? -16.457 -10.755 21.812  1.00 54.75  ? 58  THR B CA  1 
ATOM 1162 C C   . THR B 1 58  ? -16.453 -12.283 21.954  1.00 60.74  ? 58  THR B C   1 
ATOM 1163 O O   . THR B 1 58  ? -17.304 -12.824 22.668  1.00 58.14  ? 58  THR B O   1 
ATOM 1164 C CB  . THR B 1 58  ? -17.251 -10.275 20.585  1.00 53.18  ? 58  THR B CB  1 
ATOM 1165 O OG1 . THR B 1 58  ? -17.037 -8.877  20.448  1.00 47.00  ? 58  THR B OG1 1 
ATOM 1166 C CG2 . THR B 1 58  ? -18.746 -10.540 20.699  1.00 51.90  ? 58  THR B CG2 1 
ATOM 1167 N N   . GLN B 1 59  ? -15.480 -12.965 21.287  1.00 60.74  ? 59  GLN B N   1 
ATOM 1168 C CA  . GLN B 1 59  ? -15.330 -14.425 21.316  1.00 62.55  ? 59  GLN B CA  1 
ATOM 1169 C C   . GLN B 1 59  ? -14.970 -14.875 22.730  1.00 71.99  ? 59  GLN B C   1 
ATOM 1170 O O   . GLN B 1 59  ? -15.526 -15.854 23.218  1.00 71.04  ? 59  GLN B O   1 
ATOM 1171 C CB  . GLN B 1 59  ? -14.292 -14.895 20.299  1.00 63.89  ? 59  GLN B CB  1 
ATOM 1172 C CG  . GLN B 1 59  ? -14.901 -15.675 19.144  1.00 75.27  ? 59  GLN B CG  1 
ATOM 1173 C CD  . GLN B 1 59  ? -13.994 -15.767 17.934  1.00 92.11  ? 59  GLN B CD  1 
ATOM 1174 O OE1 . GLN B 1 59  ? -12.762 -15.742 18.027  1.00 87.25  ? 59  GLN B OE1 1 
ATOM 1175 N NE2 . GLN B 1 59  ? -14.595 -15.880 16.759  1.00 86.38  ? 59  GLN B NE2 1 
ATOM 1176 N N   . ASP B 1 60  ? -14.113 -14.096 23.417  1.00 72.89  ? 60  ASP B N   1 
ATOM 1177 C CA  . ASP B 1 60  ? -13.704 -14.326 24.806  1.00 74.51  ? 60  ASP B CA  1 
ATOM 1178 C C   . ASP B 1 60  ? -14.869 -14.059 25.778  1.00 81.31  ? 60  ASP B C   1 
ATOM 1179 O O   . ASP B 1 60  ? -15.102 -14.859 26.676  1.00 82.29  ? 60  ASP B O   1 
ATOM 1180 C CB  . ASP B 1 60  ? -12.502 -13.435 25.175  1.00 76.54  ? 60  ASP B CB  1 
ATOM 1181 C CG  . ASP B 1 60  ? -11.220 -13.703 24.411  1.00 91.78  ? 60  ASP B CG  1 
ATOM 1182 O OD1 . ASP B 1 60  ? -11.194 -14.664 23.606  1.00 94.72  ? 60  ASP B OD1 1 
ATOM 1183 O OD2 . ASP B 1 60  ? -10.251 -12.931 24.590  1.00 98.15  ? 60  ASP B OD2 1 
ATOM 1184 N N   . LEU B 1 61  ? -15.552 -12.902 25.616  1.00 78.06  ? 61  LEU B N   1 
ATOM 1185 C CA  . LEU B 1 61  ? -16.709 -12.463 26.403  1.00 78.17  ? 61  LEU B CA  1 
ATOM 1186 C C   . LEU B 1 61  ? -17.873 -13.476 26.298  1.00 83.19  ? 61  LEU B C   1 
ATOM 1187 O O   . LEU B 1 61  ? -18.534 -13.733 27.298  1.00 82.56  ? 61  LEU B O   1 
ATOM 1188 C CB  . LEU B 1 61  ? -17.118 -11.030 25.965  1.00 78.23  ? 61  LEU B CB  1 
ATOM 1189 C CG  . LEU B 1 61  ? -18.597 -10.617 26.004  1.00 82.95  ? 61  LEU B CG  1 
ATOM 1190 C CD1 . LEU B 1 61  ? -18.940 -9.960  27.314  1.00 83.50  ? 61  LEU B CD1 1 
ATOM 1191 C CD2 . LEU B 1 61  ? -18.925 -9.663  24.881  1.00 85.05  ? 61  LEU B CD2 1 
ATOM 1192 N N   . ILE B 1 62  ? -18.101 -14.055 25.099  1.00 81.96  ? 62  ILE B N   1 
ATOM 1193 C CA  . ILE B 1 62  ? -19.119 -15.082 24.849  1.00 82.76  ? 62  ILE B CA  1 
ATOM 1194 C C   . ILE B 1 62  ? -18.784 -16.353 25.651  1.00 89.05  ? 62  ILE B C   1 
ATOM 1195 O O   . ILE B 1 62  ? -19.702 -16.946 26.217  1.00 89.46  ? 62  ILE B O   1 
ATOM 1196 C CB  . ILE B 1 62  ? -19.270 -15.377 23.323  1.00 86.00  ? 62  ILE B CB  1 
ATOM 1197 C CG1 . ILE B 1 62  ? -20.188 -14.351 22.631  1.00 86.20  ? 62  ILE B CG1 1 
ATOM 1198 C CG2 . ILE B 1 62  ? -19.741 -16.812 23.036  1.00 87.35  ? 62  ILE B CG2 1 
ATOM 1199 C CD1 . ILE B 1 62  ? -19.934 -14.211 21.094  1.00 90.20  ? 62  ILE B CD1 1 
ATOM 1200 N N   . ASN B 1 63  ? -17.479 -16.754 25.701  1.00 86.50  ? 63  ASN B N   1 
ATOM 1201 C CA  . ASN B 1 63  ? -16.982 -17.959 26.386  1.00 87.22  ? 63  ASN B CA  1 
ATOM 1202 C C   . ASN B 1 63  ? -17.458 -18.067 27.836  1.00 95.02  ? 63  ASN B C   1 
ATOM 1203 O O   . ASN B 1 63  ? -18.481 -18.712 28.081  1.00 95.81  ? 63  ASN B O   1 
ATOM 1204 C CB  . ASN B 1 63  ? -15.452 -18.122 26.259  1.00 85.40  ? 63  ASN B CB  1 
ATOM 1205 C CG  . ASN B 1 63  ? -14.943 -18.480 24.879  1.00 102.28 ? 63  ASN B CG  1 
ATOM 1206 O OD1 . ASN B 1 63  ? -15.597 -19.174 24.084  1.00 92.36  ? 63  ASN B OD1 1 
ATOM 1207 N ND2 . ASN B 1 63  ? -13.734 -18.031 24.575  1.00 95.35  ? 63  ASN B ND2 1 
ATOM 1208 N N   . GLU B 1 64  ? -16.763 -17.440 28.790  1.00 92.75  ? 64  GLU B N   1 
ATOM 1209 C CA  . GLU B 1 64  ? -17.255 -17.496 30.158  1.00 93.13  ? 64  GLU B CA  1 
ATOM 1210 C C   . GLU B 1 64  ? -17.994 -16.190 30.455  1.00 95.49  ? 64  GLU B C   1 
ATOM 1211 O O   . GLU B 1 64  ? -19.210 -16.213 30.669  1.00 93.74  ? 64  GLU B O   1 
ATOM 1212 C CB  . GLU B 1 64  ? -16.130 -17.811 31.166  1.00 94.97  ? 64  GLU B CB  1 
ATOM 1213 C CG  . GLU B 1 64  ? -16.624 -18.423 32.475  1.00 107.48 ? 64  GLU B CG  1 
ATOM 1214 C CD  . GLU B 1 64  ? -16.740 -19.938 32.551  1.00 124.49 ? 64  GLU B CD  1 
ATOM 1215 O OE1 . GLU B 1 64  ? -16.228 -20.514 33.539  1.00 111.57 ? 64  GLU B OE1 1 
ATOM 1216 O OE2 . GLU B 1 64  ? -17.375 -20.547 31.656  1.00 115.93 ? 64  GLU B OE2 1 
ATOM 1217 N N   . GLY B 1 65  ? -17.262 -15.074 30.373  1.00 92.11  ? 65  GLY B N   1 
ATOM 1218 C CA  . GLY B 1 65  ? -17.785 -13.735 30.613  1.00 120.53 ? 65  GLY B CA  1 
ATOM 1219 C C   . GLY B 1 65  ? -16.706 -12.673 30.641  1.00 139.85 ? 65  GLY B C   1 
ATOM 1220 O O   . GLY B 1 65  ? -17.001 -11.484 30.778  1.00 100.05 ? 65  GLY B O   1 
ATOM 1221 N N   . GLY B 1 82  ? -22.664 -18.181 21.849  1.00 88.52  ? 82  GLY B N   1 
ATOM 1222 C CA  . GLY B 1 82  ? -23.364 -16.900 21.941  1.00 87.71  ? 82  GLY B CA  1 
ATOM 1223 C C   . GLY B 1 82  ? -24.639 -16.808 21.123  1.00 88.72  ? 82  GLY B C   1 
ATOM 1224 O O   . GLY B 1 82  ? -25.190 -15.713 20.950  1.00 89.28  ? 82  GLY B O   1 
ATOM 1225 N N   . GLY B 1 83  ? -25.117 -17.964 20.651  1.00 81.04  ? 83  GLY B N   1 
ATOM 1226 C CA  . GLY B 1 83  ? -26.304 -18.073 19.818  1.00 78.58  ? 83  GLY B CA  1 
ATOM 1227 C C   . GLY B 1 83  ? -26.050 -17.492 18.446  1.00 77.37  ? 83  GLY B C   1 
ATOM 1228 O O   . GLY B 1 83  ? -25.089 -17.873 17.769  1.00 77.06  ? 83  GLY B O   1 
ATOM 1229 N N   . ALA B 1 84  ? -26.899 -16.536 18.047  1.00 70.29  ? 84  ALA B N   1 
ATOM 1230 C CA  . ALA B 1 84  ? -26.803 -15.835 16.761  1.00 68.13  ? 84  ALA B CA  1 
ATOM 1231 C C   . ALA B 1 84  ? -25.571 -14.907 16.722  1.00 66.18  ? 84  ALA B C   1 
ATOM 1232 O O   . ALA B 1 84  ? -25.010 -14.693 15.652  1.00 64.40  ? 84  ALA B O   1 
ATOM 1233 C CB  . ALA B 1 84  ? -28.075 -15.036 16.504  1.00 68.59  ? 84  ALA B CB  1 
ATOM 1234 N N   . LEU B 1 85  ? -25.167 -14.366 17.891  1.00 59.52  ? 85  LEU B N   1 
ATOM 1235 C CA  . LEU B 1 85  ? -24.014 -13.492 18.033  1.00 58.64  ? 85  LEU B CA  1 
ATOM 1236 C C   . LEU B 1 85  ? -22.721 -14.211 17.653  1.00 60.99  ? 85  LEU B C   1 
ATOM 1237 O O   . LEU B 1 85  ? -21.953 -13.663 16.858  1.00 59.71  ? 85  LEU B O   1 
ATOM 1238 C CB  . LEU B 1 85  ? -23.924 -12.892 19.453  1.00 58.55  ? 85  LEU B CB  1 
ATOM 1239 C CG  . LEU B 1 85  ? -22.688 -12.023 19.773  1.00 62.78  ? 85  LEU B CG  1 
ATOM 1240 C CD1 . LEU B 1 85  ? -22.582 -10.819 18.857  1.00 62.29  ? 85  LEU B CD1 1 
ATOM 1241 C CD2 . LEU B 1 85  ? -22.668 -11.600 21.229  1.00 65.12  ? 85  LEU B CD2 1 
ATOM 1242 N N   . LEU B 1 86  ? -22.503 -15.436 18.197  1.00 56.79  ? 86  LEU B N   1 
ATOM 1243 C CA  . LEU B 1 86  ? -21.331 -16.278 17.922  1.00 55.85  ? 86  LEU B CA  1 
ATOM 1244 C C   . LEU B 1 86  ? -21.242 -16.668 16.445  1.00 59.45  ? 86  LEU B C   1 
ATOM 1245 O O   . LEU B 1 86  ? -20.149 -16.678 15.874  1.00 59.32  ? 86  LEU B O   1 
ATOM 1246 C CB  . LEU B 1 86  ? -21.307 -17.519 18.830  1.00 55.69  ? 86  LEU B CB  1 
ATOM 1247 C CG  . LEU B 1 86  ? -20.076 -18.423 18.736  1.00 60.25  ? 86  LEU B CG  1 
ATOM 1248 C CD1 . LEU B 1 86  ? -18.875 -17.771 19.342  1.00 60.02  ? 86  LEU B CD1 1 
ATOM 1249 C CD2 . LEU B 1 86  ? -20.330 -19.754 19.400  1.00 63.30  ? 86  LEU B CD2 1 
ATOM 1250 N N   . ARG B 1 87  ? -22.396 -16.941 15.832  1.00 56.28  ? 87  ARG B N   1 
ATOM 1251 C CA  . ARG B 1 87  ? -22.540 -17.293 14.420  1.00 56.35  ? 87  ARG B CA  1 
ATOM 1252 C C   . ARG B 1 87  ? -22.058 -16.128 13.557  1.00 56.40  ? 87  ARG B C   1 
ATOM 1253 O O   . ARG B 1 87  ? -21.289 -16.331 12.612  1.00 57.45  ? 87  ARG B O   1 
ATOM 1254 C CB  . ARG B 1 87  ? -24.019 -17.570 14.136  1.00 61.32  ? 87  ARG B CB  1 
ATOM 1255 C CG  . ARG B 1 87  ? -24.288 -18.664 13.115  1.00 81.12  ? 87  ARG B CG  1 
ATOM 1256 C CD  . ARG B 1 87  ? -25.775 -18.983 13.066  1.00 97.30  ? 87  ARG B CD  1 
ATOM 1257 N NE  . ARG B 1 87  ? -26.263 -19.532 14.334  1.00 109.01 ? 87  ARG B NE  1 
ATOM 1258 C CZ  . ARG B 1 87  ? -27.467 -19.296 14.847  1.00 126.90 ? 87  ARG B CZ  1 
ATOM 1259 N NH1 . ARG B 1 87  ? -28.332 -18.519 14.201  1.00 112.79 ? 87  ARG B NH1 1 
ATOM 1260 N NH2 . ARG B 1 87  ? -27.814 -19.830 16.009  1.00 116.75 ? 87  ARG B NH2 1 
ATOM 1261 N N   . PHE B 1 88  ? -22.484 -14.903 13.916  1.00 48.96  ? 88  PHE B N   1 
ATOM 1262 C CA  . PHE B 1 88  ? -22.109 -13.687 13.217  1.00 47.66  ? 88  PHE B CA  1 
ATOM 1263 C C   . PHE B 1 88  ? -20.631 -13.402 13.432  1.00 51.18  ? 88  PHE B C   1 
ATOM 1264 O O   . PHE B 1 88  ? -19.921 -13.150 12.462  1.00 51.16  ? 88  PHE B O   1 
ATOM 1265 C CB  . PHE B 1 88  ? -22.979 -12.505 13.647  1.00 49.00  ? 88  PHE B CB  1 
ATOM 1266 C CG  . PHE B 1 88  ? -22.696 -11.241 12.863  1.00 50.26  ? 88  PHE B CG  1 
ATOM 1267 C CD1 . PHE B 1 88  ? -23.267 -11.033 11.611  1.00 53.21  ? 88  PHE B CD1 1 
ATOM 1268 C CD2 . PHE B 1 88  ? -21.835 -10.271 13.363  1.00 51.97  ? 88  PHE B CD2 1 
ATOM 1269 C CE1 . PHE B 1 88  ? -22.958 -9.883  10.861  1.00 53.92  ? 88  PHE B CE1 1 
ATOM 1270 C CE2 . PHE B 1 88  ? -21.539 -9.118  12.617  1.00 54.64  ? 88  PHE B CE2 1 
ATOM 1271 C CZ  . PHE B 1 88  ? -22.102 -8.933  11.373  1.00 52.40  ? 88  PHE B CZ  1 
ATOM 1272 N N   . VAL B 1 89  ? -20.164 -13.475 14.688  1.00 47.57  ? 89  VAL B N   1 
ATOM 1273 C CA  . VAL B 1 89  ? -18.761 -13.274 15.050  1.00 47.37  ? 89  VAL B CA  1 
ATOM 1274 C C   . VAL B 1 89  ? -17.857 -14.231 14.260  1.00 50.38  ? 89  VAL B C   1 
ATOM 1275 O O   . VAL B 1 89  ? -16.830 -13.795 13.748  1.00 50.45  ? 89  VAL B O   1 
ATOM 1276 C CB  . VAL B 1 89  ? -18.532 -13.309 16.582  1.00 51.70  ? 89  VAL B CB  1 
ATOM 1277 C CG1 . VAL B 1 89  ? -17.045 -13.353 16.924  1.00 52.02  ? 89  VAL B CG1 1 
ATOM 1278 C CG2 . VAL B 1 89  ? -19.188 -12.103 17.254  1.00 51.23  ? 89  VAL B CG2 1 
ATOM 1279 N N   . LYS B 1 90  ? -18.275 -15.500 14.097  1.00 47.16  ? 90  LYS B N   1 
ATOM 1280 C CA  . LYS B 1 90  ? -17.520 -16.504 13.327  1.00 46.99  ? 90  LYS B CA  1 
ATOM 1281 C C   . LYS B 1 90  ? -17.513 -16.227 11.826  1.00 47.54  ? 90  LYS B C   1 
ATOM 1282 O O   . LYS B 1 90  ? -16.507 -16.496 11.174  1.00 47.31  ? 90  LYS B O   1 
ATOM 1283 C CB  . LYS B 1 90  ? -17.960 -17.950 13.646  1.00 49.42  ? 90  LYS B CB  1 
ATOM 1284 C CG  . LYS B 1 90  ? -17.451 -18.477 14.994  1.00 67.27  ? 90  LYS B CG  1 
ATOM 1285 C CD  . LYS B 1 90  ? -15.938 -18.694 15.002  1.00 78.82  ? 90  LYS B CD  1 
ATOM 1286 C CE  . LYS B 1 90  ? -15.431 -19.206 16.327  1.00 91.29  ? 90  LYS B CE  1 
ATOM 1287 N NZ  . LYS B 1 90  ? -13.948 -19.361 16.317  1.00 98.80  ? 90  LYS B NZ  1 
ATOM 1288 N N   . LYS B 1 91  ? -18.612 -15.648 11.297  1.00 42.23  ? 91  LYS B N   1 
ATOM 1289 C CA  . LYS B 1 91  ? -18.729 -15.259 9.896   1.00 41.60  ? 91  LYS B CA  1 
ATOM 1290 C C   . LYS B 1 91  ? -17.715 -14.139 9.585   1.00 45.10  ? 91  LYS B C   1 
ATOM 1291 O O   . LYS B 1 91  ? -17.025 -14.223 8.572   1.00 45.81  ? 91  LYS B O   1 
ATOM 1292 C CB  . LYS B 1 91  ? -20.159 -14.813 9.577   1.00 44.34  ? 91  LYS B CB  1 
ATOM 1293 C CG  . LYS B 1 91  ? -21.101 -15.961 9.237   1.00 58.52  ? 91  LYS B CG  1 
ATOM 1294 C CD  . LYS B 1 91  ? -22.545 -15.500 8.969   1.00 67.56  ? 91  LYS B CD  1 
ATOM 1295 C CE  . LYS B 1 91  ? -23.502 -16.018 10.021  1.00 78.45  ? 91  LYS B CE  1 
ATOM 1296 N NZ  . LYS B 1 91  ? -24.878 -15.489 9.838   1.00 86.55  ? 91  LYS B NZ  1 
ATOM 1297 N N   . VAL B 1 92  ? -17.591 -13.131 10.488  1.00 40.02  ? 92  VAL B N   1 
ATOM 1298 C CA  . VAL B 1 92  ? -16.636 -12.017 10.387  1.00 39.33  ? 92  VAL B CA  1 
ATOM 1299 C C   . VAL B 1 92  ? -15.206 -12.553 10.442  1.00 43.01  ? 92  VAL B C   1 
ATOM 1300 O O   . VAL B 1 92  ? -14.363 -12.126 9.650   1.00 42.27  ? 92  VAL B O   1 
ATOM 1301 C CB  . VAL B 1 92  ? -16.853 -10.895 11.467  1.00 41.07  ? 92  VAL B CB  1 
ATOM 1302 C CG1 . VAL B 1 92  ? -15.884 -9.723  11.253  1.00 39.11  ? 92  VAL B CG1 1 
ATOM 1303 C CG2 . VAL B 1 92  ? -18.296 -10.404 11.466  1.00 40.71  ? 92  VAL B CG2 1 
ATOM 1304 N N   . GLU B 1 93  ? -14.942 -13.476 11.385  1.00 40.13  ? 93  GLU B N   1 
ATOM 1305 C CA  . GLU B 1 93  ? -13.622 -14.082 11.568  1.00 40.89  ? 93  GLU B CA  1 
ATOM 1306 C C   . GLU B 1 93  ? -13.186 -14.830 10.300  1.00 44.56  ? 93  GLU B C   1 
ATOM 1307 O O   . GLU B 1 93  ? -12.049 -14.675 9.875   1.00 44.27  ? 93  GLU B O   1 
ATOM 1308 C CB  . GLU B 1 93  ? -13.585 -14.979 12.815  1.00 42.00  ? 93  GLU B CB  1 
ATOM 1309 C CG  . GLU B 1 93  ? -12.198 -15.088 13.419  1.00 50.90  ? 93  GLU B CG  1 
ATOM 1310 C CD  . GLU B 1 93  ? -11.892 -16.354 14.193  1.00 79.30  ? 93  GLU B CD  1 
ATOM 1311 O OE1 . GLU B 1 93  ? -12.812 -16.927 14.819  1.00 70.20  ? 93  GLU B OE1 1 
ATOM 1312 O OE2 . GLU B 1 93  ? -10.717 -16.783 14.167  1.00 87.82  ? 93  GLU B OE2 1 
ATOM 1313 N N   . SER B 1 94  ? -14.112 -15.549 9.649   1.00 41.78  ? 94  SER B N   1 
ATOM 1314 C CA  . SER B 1 94  ? -13.823 -16.251 8.394   1.00 41.79  ? 94  SER B CA  1 
ATOM 1315 C C   . SER B 1 94  ? -13.526 -15.270 7.259   1.00 44.23  ? 94  SER B C   1 
ATOM 1316 O O   . SER B 1 94  ? -12.648 -15.551 6.451   1.00 44.74  ? 94  SER B O   1 
ATOM 1317 C CB  . SER B 1 94  ? -14.952 -17.207 8.015   1.00 46.10  ? 94  SER B CB  1 
ATOM 1318 O OG  . SER B 1 94  ? -16.082 -16.517 7.507   1.00 59.00  ? 94  SER B OG  1 
ATOM 1319 N N   . ILE B 1 95  ? -14.230 -14.111 7.209   1.00 38.69  ? 95  ILE B N   1 
ATOM 1320 C CA  . ILE B 1 95  ? -13.923 -13.094 6.211   1.00 37.66  ? 95  ILE B CA  1 
ATOM 1321 C C   . ILE B 1 95  ? -12.495 -12.561 6.433   1.00 42.73  ? 95  ILE B C   1 
ATOM 1322 O O   . ILE B 1 95  ? -11.744 -12.472 5.453   1.00 43.33  ? 95  ILE B O   1 
ATOM 1323 C CB  . ILE B 1 95  ? -14.971 -11.954 6.088   1.00 40.18  ? 95  ILE B CB  1 
ATOM 1324 C CG1 . ILE B 1 95  ? -16.338 -12.504 5.627   1.00 39.53  ? 95  ILE B CG1 1 
ATOM 1325 C CG2 . ILE B 1 95  ? -14.457 -10.837 5.123   1.00 39.95  ? 95  ILE B CG2 1 
ATOM 1326 C CD1 . ILE B 1 95  ? -17.537 -11.490 5.775   1.00 36.48  ? 95  ILE B CD1 1 
ATOM 1327 N N   . LEU B 1 96  ? -12.118 -12.234 7.696   1.00 38.74  ? 96  LEU B N   1 
ATOM 1328 C CA  . LEU B 1 96  ? -10.781 -11.710 8.031   1.00 39.12  ? 96  LEU B CA  1 
ATOM 1329 C C   . LEU B 1 96  ? -9.670  -12.646 7.622   1.00 41.45  ? 96  LEU B C   1 
ATOM 1330 O O   . LEU B 1 96  ? -8.685  -12.185 7.068   1.00 39.91  ? 96  LEU B O   1 
ATOM 1331 C CB  . LEU B 1 96  ? -10.616 -11.389 9.552   1.00 39.83  ? 96  LEU B CB  1 
ATOM 1332 C CG  . LEU B 1 96  ? -11.538 -10.342 10.173  1.00 45.68  ? 96  LEU B CG  1 
ATOM 1333 C CD1 . LEU B 1 96  ? -11.314 -10.261 11.652  1.00 46.50  ? 96  LEU B CD1 1 
ATOM 1334 C CD2 . LEU B 1 96  ? -11.349 -8.960  9.544   1.00 48.78  ? 96  LEU B CD2 1 
ATOM 1335 N N   . TYR B 1 97  ? -9.819  -13.961 7.893   1.00 37.77  ? 97  TYR B N   1 
ATOM 1336 C CA  . TYR B 1 97  ? -8.762  -14.922 7.623   1.00 37.90  ? 97  TYR B CA  1 
ATOM 1337 C C   . TYR B 1 97  ? -8.821  -15.731 6.327   1.00 45.48  ? 97  TYR B C   1 
ATOM 1338 O O   . TYR B 1 97  ? -7.975  -16.604 6.120   1.00 46.28  ? 97  TYR B O   1 
ATOM 1339 C CB  . TYR B 1 97  ? -8.436  -15.764 8.873   1.00 38.80  ? 97  TYR B CB  1 
ATOM 1340 C CG  . TYR B 1 97  ? -8.263  -14.937 10.131  1.00 39.70  ? 97  TYR B CG  1 
ATOM 1341 C CD1 . TYR B 1 97  ? -7.337  -13.894 10.185  1.00 40.96  ? 97  TYR B CD1 1 
ATOM 1342 C CD2 . TYR B 1 97  ? -9.056  -15.161 11.248  1.00 40.21  ? 97  TYR B CD2 1 
ATOM 1343 C CE1 . TYR B 1 97  ? -7.200  -13.106 11.325  1.00 38.53  ? 97  TYR B CE1 1 
ATOM 1344 C CE2 . TYR B 1 97  ? -8.896  -14.411 12.409  1.00 41.20  ? 97  TYR B CE2 1 
ATOM 1345 C CZ  . TYR B 1 97  ? -7.970  -13.381 12.439  1.00 46.35  ? 97  TYR B CZ  1 
ATOM 1346 O OH  . TYR B 1 97  ? -7.826  -12.640 13.577  1.00 45.00  ? 97  TYR B OH  1 
ATOM 1347 N N   . ALA B 1 98  ? -9.766  -15.408 5.420   1.00 43.27  ? 98  ALA B N   1 
ATOM 1348 C CA  . ALA B 1 98  ? -9.875  -16.059 4.110   1.00 43.00  ? 98  ALA B CA  1 
ATOM 1349 C C   . ALA B 1 98  ? -8.632  -15.686 3.265   1.00 51.57  ? 98  ALA B C   1 
ATOM 1350 O O   . ALA B 1 98  ? -8.096  -14.592 3.422   1.00 49.62  ? 98  ALA B O   1 
ATOM 1351 C CB  . ALA B 1 98  ? -11.148 -15.621 3.416   1.00 43.00  ? 98  ALA B CB  1 
ATOM 1352 N N   . THR B 1 99  ? -8.155  -16.604 2.407   1.00 54.18  ? 99  THR B N   1 
ATOM 1353 C CA  . THR B 1 99  ? -6.945  -16.400 1.592   1.00 56.07  ? 99  THR B CA  1 
ATOM 1354 C C   . THR B 1 99  ? -7.205  -15.962 0.131   1.00 63.52  ? 99  THR B C   1 
ATOM 1355 O O   . THR B 1 99  ? -6.335  -15.341 -0.483  1.00 63.75  ? 99  THR B O   1 
ATOM 1356 C CB  . THR B 1 99  ? -5.986  -17.614 1.728   1.00 66.74  ? 99  THR B CB  1 
ATOM 1357 O OG1 . THR B 1 99  ? -6.663  -18.806 1.307   1.00 66.59  ? 99  THR B OG1 1 
ATOM 1358 C CG2 . THR B 1 99  ? -5.486  -17.811 3.161   1.00 65.02  ? 99  THR B CG2 1 
ATOM 1359 N N   . ALA B 1 100 ? -8.389  -16.300 -0.430  1.00 62.24  ? 100 ALA B N   1 
ATOM 1360 C CA  . ALA B 1 100 ? -8.812  -15.983 -1.820  1.00 106.60 ? 100 ALA B CA  1 
ATOM 1361 C C   . ALA B 1 100 ? -8.029  -16.682 -2.933  1.00 107.11 ? 100 ALA B C   1 
ATOM 1362 O O   . ALA B 1 100 ? -6.939  -17.201 -2.714  1.00 67.36  ? 100 ALA B O   1 
ATOM 1363 C CB  . ALA B 1 100 ? -8.853  -14.473 -2.066  1.00 107.50 ? 100 ALA B CB  1 
# 
